data_1HDK
# 
_entry.id   1HDK 
# 
_audit_conform.dict_name       mmcif_pdbx.dic 
_audit_conform.dict_version    5.391 
_audit_conform.dict_location   http://mmcif.pdb.org/dictionaries/ascii/mmcif_pdbx.dic 
# 
loop_
_database_2.database_id 
_database_2.database_code 
_database_2.pdbx_database_accession 
_database_2.pdbx_DOI 
PDB   1HDK         pdb_00001hdk 10.2210/pdb1hdk/pdb 
PDBE  EBI-5554     ?            ?                   
WWPDB D_1290005554 ?            ?                   
# 
loop_
_pdbx_audit_revision_history.ordinal 
_pdbx_audit_revision_history.data_content_type 
_pdbx_audit_revision_history.major_revision 
_pdbx_audit_revision_history.minor_revision 
_pdbx_audit_revision_history.revision_date 
1 'Structure model' 1 0 2001-11-15 
2 'Structure model' 1 1 2015-04-15 
3 'Structure model' 2 0 2019-05-29 
4 'Structure model' 2 1 2024-05-08 
# 
_pdbx_audit_revision_details.ordinal             1 
_pdbx_audit_revision_details.revision_ordinal    1 
_pdbx_audit_revision_details.data_content_type   'Structure model' 
_pdbx_audit_revision_details.provider            repository 
_pdbx_audit_revision_details.type                'Initial release' 
_pdbx_audit_revision_details.description         ? 
_pdbx_audit_revision_details.details             ? 
# 
loop_
_pdbx_audit_revision_group.ordinal 
_pdbx_audit_revision_group.revision_ordinal 
_pdbx_audit_revision_group.data_content_type 
_pdbx_audit_revision_group.group 
1  2 'Structure model' 'Atomic model'              
2  2 'Structure model' 'Database references'       
3  2 'Structure model' 'Derived calculations'      
4  2 'Structure model' 'Non-polymer description'   
5  2 'Structure model' Other                       
6  2 'Structure model' 'Version format compliance' 
7  3 'Structure model' 'Atomic model'              
8  3 'Structure model' 'Data collection'           
9  3 'Structure model' 'Experimental preparation'  
10 3 'Structure model' Other                       
11 4 'Structure model' 'Data collection'           
12 4 'Structure model' 'Database references'       
13 4 'Structure model' 'Derived calculations'      
# 
loop_
_pdbx_audit_revision_category.ordinal 
_pdbx_audit_revision_category.revision_ordinal 
_pdbx_audit_revision_category.data_content_type 
_pdbx_audit_revision_category.category 
1  3 'Structure model' atom_site            
2  3 'Structure model' diffrn_source        
3  3 'Structure model' exptl_crystal_grow   
4  3 'Structure model' pdbx_database_proc   
5  3 'Structure model' pdbx_database_status 
6  4 'Structure model' chem_comp_atom       
7  4 'Structure model' chem_comp_bond       
8  4 'Structure model' database_2           
9  4 'Structure model' struct_conn          
10 4 'Structure model' struct_site          
# 
loop_
_pdbx_audit_revision_item.ordinal 
_pdbx_audit_revision_item.revision_ordinal 
_pdbx_audit_revision_item.data_content_type 
_pdbx_audit_revision_item.item 
1  3 'Structure model' '_diffrn_source.pdbx_synchrotron_site'        
2  3 'Structure model' '_exptl_crystal_grow.method'                  
3  3 'Structure model' '_pdbx_database_status.recvd_author_approval' 
4  4 'Structure model' '_database_2.pdbx_DOI'                        
5  4 'Structure model' '_database_2.pdbx_database_accession'         
6  4 'Structure model' '_struct_conn.ptnr1_auth_comp_id'             
7  4 'Structure model' '_struct_conn.ptnr1_auth_seq_id'              
8  4 'Structure model' '_struct_conn.ptnr1_label_asym_id'            
9  4 'Structure model' '_struct_conn.ptnr1_label_atom_id'            
10 4 'Structure model' '_struct_conn.ptnr1_label_comp_id'            
11 4 'Structure model' '_struct_conn.ptnr1_label_seq_id'             
12 4 'Structure model' '_struct_conn.ptnr2_auth_comp_id'             
13 4 'Structure model' '_struct_conn.ptnr2_auth_seq_id'              
14 4 'Structure model' '_struct_conn.ptnr2_label_asym_id'            
15 4 'Structure model' '_struct_conn.ptnr2_label_atom_id'            
16 4 'Structure model' '_struct_conn.ptnr2_label_comp_id'            
17 4 'Structure model' '_struct_conn.ptnr2_label_seq_id'             
18 4 'Structure model' '_struct_site.pdbx_auth_asym_id'              
19 4 'Structure model' '_struct_site.pdbx_auth_comp_id'              
20 4 'Structure model' '_struct_site.pdbx_auth_seq_id'               
# 
_pdbx_database_status.status_code                     REL 
_pdbx_database_status.entry_id                        1HDK 
_pdbx_database_status.deposit_site                    PDBE 
_pdbx_database_status.process_site                    PDBE 
_pdbx_database_status.SG_entry                        . 
_pdbx_database_status.recvd_initial_deposition_date   2000-11-16 
_pdbx_database_status.pdb_format_compatible           Y 
_pdbx_database_status.status_code_sf                  ? 
_pdbx_database_status.status_code_mr                  ? 
_pdbx_database_status.status_code_cs                  ? 
_pdbx_database_status.methods_development_category    ? 
_pdbx_database_status.status_code_nmr_data            ? 
# 
loop_
_pdbx_database_related.db_name 
_pdbx_database_related.db_id 
_pdbx_database_related.content_type 
_pdbx_database_related.details 
PDB 1LCL unspecified 'CHARCOT-LEYDEN CRYSTAL PROTEIN'                   
PDB 1QKQ unspecified 'CHARCOT-LEYDEN CRYSTAL PROTEIN - MANNOSE COMPLEX' 
# 
loop_
_audit_author.name 
_audit_author.pdbx_ordinal 
'Ackerman, S.J.'    1 
'Savage, M.P.'      2 
'Liu, L.'           3 
'Leonidas, D.D.'    4 
'Kwatia, M.A.'      5 
'Swaminathan, G.J.' 6 
'Acharya, K.R.'     7 
# 
loop_
_citation.id 
_citation.title 
_citation.journal_abbrev 
_citation.journal_volume 
_citation.page_first 
_citation.page_last 
_citation.year 
_citation.journal_id_ASTM 
_citation.country 
_citation.journal_id_ISSN 
_citation.journal_id_CSD 
_citation.book_publisher 
_citation.pdbx_database_id_PubMed 
_citation.pdbx_database_id_DOI 
primary 
;Charcot-Leyden Crystal Protein (Galectin-10) is not a Dual Function Galectin with Lysophospholipase Activity But Binds a Lysophospholipase Inhibitor in a Novel Structural Fashion.
;
J.Biol.Chem. 277 14859 ? 2002 JBCHA3 US 0021-9258 0071 ? 11834744 10.1074/JBC.M200221200          
1       
;Selective Recognition of Mannose by Human Eosinophil Charcot-Leyden Crystal Protein (Galectin-10): A Crystallographic Study at 1.8 A Resolution
;
Biochemistry 38  13837 ? 1999 BICHAW US 0006-2960 0033 ? 10529229 10.1021/BI990756E               
2       
;Crystal Structure of Human Charcot-Leyden Crystal Protein, an Eosinophil Lysophospholipase Identifies It as a New Member of the Carbohydrate-Binding Family of Galectins
;
Structure    3   1379  ? 1995 STRUE6 UK 0969-2126 2005 ? 8747464  '10.1016/S0969-2126(01)00275-1' 
# 
loop_
_citation_author.citation_id 
_citation_author.name 
_citation_author.ordinal 
_citation_author.identifier_ORCID 
primary 'Ackerman, S.J.'    1  ? 
primary 'Liu, L.'           2  ? 
primary 'Kwatia, M.A.'      3  ? 
primary 'Savage, M.P.'      4  ? 
primary 'Leonidas, D.D.'    5  ? 
primary 'Swaminathan, G.J.' 6  ? 
primary 'Acharya, K.R.'     7  ? 
1       'Swaminathan, G.J.' 8  ? 
1       'Leonidas, D.D.'    9  ? 
1       'Savage, M.P.'      10 ? 
1       'Ackerman, S.J.'    11 ? 
1       'Acharya, K.R.'     12 ? 
2       'Leonidas, D.D.'    13 ? 
2       'Elbert, B.L.'      14 ? 
2       'Zhou, Z.'          15 ? 
2       'Leffler, H.'       16 ? 
2       'Ackerman, S.J.'    17 ? 
2       'Acharya, K.R.'     18 ? 
# 
loop_
_entity.id 
_entity.type 
_entity.src_method 
_entity.pdbx_description 
_entity.formula_weight 
_entity.pdbx_number_of_molecules 
_entity.pdbx_ec 
_entity.pdbx_mutation 
_entity.pdbx_fragment 
_entity.details 
1 polymer     nat 'EOSINOPHIL LYSOPHOSPHOLIPASE'      16368.690 1  3.1.1.5 ? ? 'COVALENTLY BOUND TO PCMBS' 
2 non-polymer syn 'PARA-MERCURY-BENZENESULFONIC ACID' 357.757   2  ?       ? ? ?                           
3 water       nat water                               18.015    80 ?       ? ? ?                           
# 
_entity_name_com.entity_id   1 
_entity_name_com.name        'CHARCOT-LEYDEN CRYSTAL PROTEIN, GALECTIN-10, LYSOLECITHIN ACYLHYDROLASE, SERINE ESTERASE' 
# 
_entity_poly.entity_id                      1 
_entity_poly.type                           'polypeptide(L)' 
_entity_poly.nstd_linkage                   no 
_entity_poly.nstd_monomer                   no 
_entity_poly.pdbx_seq_one_letter_code       
;SLLPVPYTEAASLSTGSTVTIKGRPLVCFLNEPYLQVDFHTEMKEESDIVFHFQVCFGRRVVMNSREYGAWKQQVESKNM
PFQDGQEFELSISVLPDKYQVMVNGQSSYTFDHRIKPEAVKMVQVWRDISLTKFNVSYLKR
;
_entity_poly.pdbx_seq_one_letter_code_can   
;SLLPVPYTEAASLSTGSTVTIKGRPLVCFLNEPYLQVDFHTEMKEESDIVFHFQVCFGRRVVMNSREYGAWKQQVESKNM
PFQDGQEFELSISVLPDKYQVMVNGQSSYTFDHRIKPEAVKMVQVWRDISLTKFNVSYLKR
;
_entity_poly.pdbx_strand_id                 A 
_entity_poly.pdbx_target_identifier         ? 
# 
loop_
_pdbx_entity_nonpoly.entity_id 
_pdbx_entity_nonpoly.name 
_pdbx_entity_nonpoly.comp_id 
2 'PARA-MERCURY-BENZENESULFONIC ACID' PMB 
3 water                               HOH 
# 
loop_
_entity_poly_seq.entity_id 
_entity_poly_seq.num 
_entity_poly_seq.mon_id 
_entity_poly_seq.hetero 
1 1   SER n 
1 2   LEU n 
1 3   LEU n 
1 4   PRO n 
1 5   VAL n 
1 6   PRO n 
1 7   TYR n 
1 8   THR n 
1 9   GLU n 
1 10  ALA n 
1 11  ALA n 
1 12  SER n 
1 13  LEU n 
1 14  SER n 
1 15  THR n 
1 16  GLY n 
1 17  SER n 
1 18  THR n 
1 19  VAL n 
1 20  THR n 
1 21  ILE n 
1 22  LYS n 
1 23  GLY n 
1 24  ARG n 
1 25  PRO n 
1 26  LEU n 
1 27  VAL n 
1 28  CYS n 
1 29  PHE n 
1 30  LEU n 
1 31  ASN n 
1 32  GLU n 
1 33  PRO n 
1 34  TYR n 
1 35  LEU n 
1 36  GLN n 
1 37  VAL n 
1 38  ASP n 
1 39  PHE n 
1 40  HIS n 
1 41  THR n 
1 42  GLU n 
1 43  MET n 
1 44  LYS n 
1 45  GLU n 
1 46  GLU n 
1 47  SER n 
1 48  ASP n 
1 49  ILE n 
1 50  VAL n 
1 51  PHE n 
1 52  HIS n 
1 53  PHE n 
1 54  GLN n 
1 55  VAL n 
1 56  CYS n 
1 57  PHE n 
1 58  GLY n 
1 59  ARG n 
1 60  ARG n 
1 61  VAL n 
1 62  VAL n 
1 63  MET n 
1 64  ASN n 
1 65  SER n 
1 66  ARG n 
1 67  GLU n 
1 68  TYR n 
1 69  GLY n 
1 70  ALA n 
1 71  TRP n 
1 72  LYS n 
1 73  GLN n 
1 74  GLN n 
1 75  VAL n 
1 76  GLU n 
1 77  SER n 
1 78  LYS n 
1 79  ASN n 
1 80  MET n 
1 81  PRO n 
1 82  PHE n 
1 83  GLN n 
1 84  ASP n 
1 85  GLY n 
1 86  GLN n 
1 87  GLU n 
1 88  PHE n 
1 89  GLU n 
1 90  LEU n 
1 91  SER n 
1 92  ILE n 
1 93  SER n 
1 94  VAL n 
1 95  LEU n 
1 96  PRO n 
1 97  ASP n 
1 98  LYS n 
1 99  TYR n 
1 100 GLN n 
1 101 VAL n 
1 102 MET n 
1 103 VAL n 
1 104 ASN n 
1 105 GLY n 
1 106 GLN n 
1 107 SER n 
1 108 SER n 
1 109 TYR n 
1 110 THR n 
1 111 PHE n 
1 112 ASP n 
1 113 HIS n 
1 114 ARG n 
1 115 ILE n 
1 116 LYS n 
1 117 PRO n 
1 118 GLU n 
1 119 ALA n 
1 120 VAL n 
1 121 LYS n 
1 122 MET n 
1 123 VAL n 
1 124 GLN n 
1 125 VAL n 
1 126 TRP n 
1 127 ARG n 
1 128 ASP n 
1 129 ILE n 
1 130 SER n 
1 131 LEU n 
1 132 THR n 
1 133 LYS n 
1 134 PHE n 
1 135 ASN n 
1 136 VAL n 
1 137 SER n 
1 138 TYR n 
1 139 LEU n 
1 140 LYS n 
1 141 ARG n 
# 
_entity_src_nat.entity_id                  1 
_entity_src_nat.pdbx_src_id                1 
_entity_src_nat.pdbx_alt_source_flag       sample 
_entity_src_nat.pdbx_beg_seq_num           ? 
_entity_src_nat.pdbx_end_seq_num           ? 
_entity_src_nat.common_name                HUMAN 
_entity_src_nat.pdbx_organism_scientific   'HOMO SAPIENS' 
_entity_src_nat.pdbx_ncbi_taxonomy_id      9606 
_entity_src_nat.genus                      ? 
_entity_src_nat.species                    ? 
_entity_src_nat.strain                     ? 
_entity_src_nat.tissue                     BLOOD 
_entity_src_nat.tissue_fraction            ? 
_entity_src_nat.pdbx_secretion             ? 
_entity_src_nat.pdbx_fragment              ? 
_entity_src_nat.pdbx_variant               ? 
_entity_src_nat.pdbx_cell_line             ? 
_entity_src_nat.pdbx_atcc                  ? 
_entity_src_nat.pdbx_cellular_location     'PRIMARY GRANULE' 
_entity_src_nat.pdbx_organ                 ? 
_entity_src_nat.pdbx_organelle             GRANULE 
_entity_src_nat.pdbx_cell                  EOSINOPHIL 
_entity_src_nat.pdbx_plasmid_name          ? 
_entity_src_nat.pdbx_plasmid_details       ? 
_entity_src_nat.details                    ? 
# 
loop_
_chem_comp.id 
_chem_comp.type 
_chem_comp.mon_nstd_flag 
_chem_comp.name 
_chem_comp.pdbx_synonyms 
_chem_comp.formula 
_chem_comp.formula_weight 
ALA 'L-peptide linking' y ALANINE                             ? 'C3 H7 N O2'     89.093  
ARG 'L-peptide linking' y ARGININE                            ? 'C6 H15 N4 O2 1' 175.209 
ASN 'L-peptide linking' y ASPARAGINE                          ? 'C4 H8 N2 O3'    132.118 
ASP 'L-peptide linking' y 'ASPARTIC ACID'                     ? 'C4 H7 N O4'     133.103 
CYS 'L-peptide linking' y CYSTEINE                            ? 'C3 H7 N O2 S'   121.158 
GLN 'L-peptide linking' y GLUTAMINE                           ? 'C5 H10 N2 O3'   146.144 
GLU 'L-peptide linking' y 'GLUTAMIC ACID'                     ? 'C5 H9 N O4'     147.129 
GLY 'peptide linking'   y GLYCINE                             ? 'C2 H5 N O2'     75.067  
HIS 'L-peptide linking' y HISTIDINE                           ? 'C6 H10 N3 O2 1' 156.162 
HOH non-polymer         . WATER                               ? 'H2 O'           18.015  
ILE 'L-peptide linking' y ISOLEUCINE                          ? 'C6 H13 N O2'    131.173 
LEU 'L-peptide linking' y LEUCINE                             ? 'C6 H13 N O2'    131.173 
LYS 'L-peptide linking' y LYSINE                              ? 'C6 H15 N2 O2 1' 147.195 
MET 'L-peptide linking' y METHIONINE                          ? 'C5 H11 N O2 S'  149.211 
PHE 'L-peptide linking' y PHENYLALANINE                       ? 'C9 H11 N O2'    165.189 
PMB non-polymer         . 'PARA-MERCURY-BENZENESULFONIC ACID' ? 'C6 H5 Hg O3 S'  357.757 
PRO 'L-peptide linking' y PROLINE                             ? 'C5 H9 N O2'     115.130 
SER 'L-peptide linking' y SERINE                              ? 'C3 H7 N O3'     105.093 
THR 'L-peptide linking' y THREONINE                           ? 'C4 H9 N O3'     119.119 
TRP 'L-peptide linking' y TRYPTOPHAN                          ? 'C11 H12 N2 O2'  204.225 
TYR 'L-peptide linking' y TYROSINE                            ? 'C9 H11 N O3'    181.189 
VAL 'L-peptide linking' y VALINE                              ? 'C5 H11 N O2'    117.146 
# 
loop_
_pdbx_poly_seq_scheme.asym_id 
_pdbx_poly_seq_scheme.entity_id 
_pdbx_poly_seq_scheme.seq_id 
_pdbx_poly_seq_scheme.mon_id 
_pdbx_poly_seq_scheme.ndb_seq_num 
_pdbx_poly_seq_scheme.pdb_seq_num 
_pdbx_poly_seq_scheme.auth_seq_num 
_pdbx_poly_seq_scheme.pdb_mon_id 
_pdbx_poly_seq_scheme.auth_mon_id 
_pdbx_poly_seq_scheme.pdb_strand_id 
_pdbx_poly_seq_scheme.pdb_ins_code 
_pdbx_poly_seq_scheme.hetero 
A 1 1   SER 1   2   2   SER SER A . n 
A 1 2   LEU 2   3   3   LEU LEU A . n 
A 1 3   LEU 3   4   4   LEU LEU A . n 
A 1 4   PRO 4   5   5   PRO PRO A . n 
A 1 5   VAL 5   6   6   VAL VAL A . n 
A 1 6   PRO 6   7   7   PRO PRO A . n 
A 1 7   TYR 7   8   8   TYR TYR A . n 
A 1 8   THR 8   9   9   THR THR A . n 
A 1 9   GLU 9   10  10  GLU GLU A . n 
A 1 10  ALA 10  11  11  ALA ALA A . n 
A 1 11  ALA 11  12  12  ALA ALA A . n 
A 1 12  SER 12  13  13  SER SER A . n 
A 1 13  LEU 13  14  14  LEU LEU A . n 
A 1 14  SER 14  15  15  SER SER A . n 
A 1 15  THR 15  16  16  THR THR A . n 
A 1 16  GLY 16  17  17  GLY GLY A . n 
A 1 17  SER 17  18  18  SER SER A . n 
A 1 18  THR 18  19  19  THR THR A . n 
A 1 19  VAL 19  20  20  VAL VAL A . n 
A 1 20  THR 20  21  21  THR THR A . n 
A 1 21  ILE 21  22  22  ILE ILE A . n 
A 1 22  LYS 22  23  23  LYS LYS A . n 
A 1 23  GLY 23  24  24  GLY GLY A . n 
A 1 24  ARG 24  25  25  ARG ARG A . n 
A 1 25  PRO 25  26  26  PRO PRO A . n 
A 1 26  LEU 26  27  27  LEU LEU A . n 
A 1 27  VAL 27  28  28  VAL VAL A . n 
A 1 28  CYS 28  29  29  CYS CYS A . n 
A 1 29  PHE 29  30  30  PHE PHE A . n 
A 1 30  LEU 30  31  31  LEU LEU A . n 
A 1 31  ASN 31  32  32  ASN ASN A . n 
A 1 32  GLU 32  33  33  GLU GLU A . n 
A 1 33  PRO 33  34  34  PRO PRO A . n 
A 1 34  TYR 34  35  35  TYR TYR A . n 
A 1 35  LEU 35  36  36  LEU LEU A . n 
A 1 36  GLN 36  37  37  GLN GLN A . n 
A 1 37  VAL 37  38  38  VAL VAL A . n 
A 1 38  ASP 38  39  39  ASP ASP A . n 
A 1 39  PHE 39  40  40  PHE PHE A . n 
A 1 40  HIS 40  41  41  HIS HIS A . n 
A 1 41  THR 41  42  42  THR THR A . n 
A 1 42  GLU 42  43  43  GLU GLU A . n 
A 1 43  MET 43  44  44  MET MET A . n 
A 1 44  LYS 44  45  45  LYS LYS A . n 
A 1 45  GLU 45  46  46  GLU GLU A . n 
A 1 46  GLU 46  47  47  GLU GLU A . n 
A 1 47  SER 47  48  48  SER SER A . n 
A 1 48  ASP 48  49  49  ASP ASP A . n 
A 1 49  ILE 49  50  50  ILE ILE A . n 
A 1 50  VAL 50  51  51  VAL VAL A . n 
A 1 51  PHE 51  52  52  PHE PHE A . n 
A 1 52  HIS 52  53  53  HIS HIS A . n 
A 1 53  PHE 53  54  54  PHE PHE A . n 
A 1 54  GLN 54  55  55  GLN GLN A . n 
A 1 55  VAL 55  56  56  VAL VAL A . n 
A 1 56  CYS 56  57  57  CYS CYS A . n 
A 1 57  PHE 57  58  58  PHE PHE A . n 
A 1 58  GLY 58  59  59  GLY GLY A . n 
A 1 59  ARG 59  60  60  ARG ARG A . n 
A 1 60  ARG 60  61  61  ARG ARG A . n 
A 1 61  VAL 61  62  62  VAL VAL A . n 
A 1 62  VAL 62  63  63  VAL VAL A . n 
A 1 63  MET 63  64  64  MET MET A . n 
A 1 64  ASN 64  65  65  ASN ASN A . n 
A 1 65  SER 65  66  66  SER SER A . n 
A 1 66  ARG 66  67  67  ARG ARG A . n 
A 1 67  GLU 67  68  68  GLU GLU A . n 
A 1 68  TYR 68  69  69  TYR TYR A . n 
A 1 69  GLY 69  70  70  GLY GLY A . n 
A 1 70  ALA 70  71  71  ALA ALA A . n 
A 1 71  TRP 71  72  72  TRP TRP A . n 
A 1 72  LYS 72  73  73  LYS LYS A . n 
A 1 73  GLN 73  74  74  GLN GLN A . n 
A 1 74  GLN 74  75  75  GLN GLN A . n 
A 1 75  VAL 75  76  76  VAL VAL A . n 
A 1 76  GLU 76  77  77  GLU GLU A . n 
A 1 77  SER 77  78  78  SER SER A . n 
A 1 78  LYS 78  79  79  LYS LYS A . n 
A 1 79  ASN 79  80  80  ASN ASN A . n 
A 1 80  MET 80  81  81  MET MET A . n 
A 1 81  PRO 81  82  82  PRO PRO A . n 
A 1 82  PHE 82  83  83  PHE PHE A . n 
A 1 83  GLN 83  84  84  GLN GLN A . n 
A 1 84  ASP 84  85  85  ASP ASP A . n 
A 1 85  GLY 85  86  86  GLY GLY A . n 
A 1 86  GLN 86  87  87  GLN GLN A . n 
A 1 87  GLU 87  88  88  GLU GLU A . n 
A 1 88  PHE 88  89  89  PHE PHE A . n 
A 1 89  GLU 89  90  90  GLU GLU A . n 
A 1 90  LEU 90  91  91  LEU LEU A . n 
A 1 91  SER 91  92  92  SER SER A . n 
A 1 92  ILE 92  93  93  ILE ILE A . n 
A 1 93  SER 93  94  94  SER SER A . n 
A 1 94  VAL 94  95  95  VAL VAL A . n 
A 1 95  LEU 95  96  96  LEU LEU A . n 
A 1 96  PRO 96  97  97  PRO PRO A . n 
A 1 97  ASP 97  98  98  ASP ASP A . n 
A 1 98  LYS 98  99  99  LYS LYS A . n 
A 1 99  TYR 99  100 100 TYR TYR A . n 
A 1 100 GLN 100 101 101 GLN GLN A . n 
A 1 101 VAL 101 102 102 VAL VAL A . n 
A 1 102 MET 102 103 103 MET MET A . n 
A 1 103 VAL 103 104 104 VAL VAL A . n 
A 1 104 ASN 104 105 105 ASN ASN A . n 
A 1 105 GLY 105 106 106 GLY GLY A . n 
A 1 106 GLN 106 107 107 GLN GLN A . n 
A 1 107 SER 107 108 108 SER SER A . n 
A 1 108 SER 108 109 109 SER SER A . n 
A 1 109 TYR 109 110 110 TYR TYR A . n 
A 1 110 THR 110 111 111 THR THR A . n 
A 1 111 PHE 111 112 112 PHE PHE A . n 
A 1 112 ASP 112 113 113 ASP ASP A . n 
A 1 113 HIS 113 114 114 HIS HIS A . n 
A 1 114 ARG 114 115 115 ARG ARG A . n 
A 1 115 ILE 115 116 116 ILE ILE A . n 
A 1 116 LYS 116 117 117 LYS LYS A . n 
A 1 117 PRO 117 118 118 PRO PRO A . n 
A 1 118 GLU 118 119 119 GLU GLU A . n 
A 1 119 ALA 119 120 120 ALA ALA A . n 
A 1 120 VAL 120 121 121 VAL VAL A . n 
A 1 121 LYS 121 122 122 LYS LYS A . n 
A 1 122 MET 122 123 123 MET MET A . n 
A 1 123 VAL 123 124 124 VAL VAL A . n 
A 1 124 GLN 124 125 125 GLN GLN A . n 
A 1 125 VAL 125 126 126 VAL VAL A . n 
A 1 126 TRP 126 127 127 TRP TRP A . n 
A 1 127 ARG 127 128 128 ARG ARG A . n 
A 1 128 ASP 128 129 129 ASP ASP A . n 
A 1 129 ILE 129 130 130 ILE ILE A . n 
A 1 130 SER 130 131 131 SER SER A . n 
A 1 131 LEU 131 132 132 LEU LEU A . n 
A 1 132 THR 132 133 133 THR THR A . n 
A 1 133 LYS 133 134 134 LYS LYS A . n 
A 1 134 PHE 134 135 135 PHE PHE A . n 
A 1 135 ASN 135 136 136 ASN ASN A . n 
A 1 136 VAL 136 137 137 VAL VAL A . n 
A 1 137 SER 137 138 138 SER SER A . n 
A 1 138 TYR 138 139 139 TYR TYR A . n 
A 1 139 LEU 139 140 140 LEU LEU A . n 
A 1 140 LYS 140 141 ?   ?   ?   A . n 
A 1 141 ARG 141 142 ?   ?   ?   A . n 
# 
loop_
_pdbx_nonpoly_scheme.asym_id 
_pdbx_nonpoly_scheme.entity_id 
_pdbx_nonpoly_scheme.mon_id 
_pdbx_nonpoly_scheme.ndb_seq_num 
_pdbx_nonpoly_scheme.pdb_seq_num 
_pdbx_nonpoly_scheme.auth_seq_num 
_pdbx_nonpoly_scheme.pdb_mon_id 
_pdbx_nonpoly_scheme.auth_mon_id 
_pdbx_nonpoly_scheme.pdb_strand_id 
_pdbx_nonpoly_scheme.pdb_ins_code 
B 2 PMB 1  929  929  PMB PMB A . 
C 2 PMB 1  957  957  PMB PMB A . 
D 3 HOH 1  2001 2001 HOH HOH A . 
D 3 HOH 2  2002 2002 HOH HOH A . 
D 3 HOH 3  2003 2003 HOH HOH A . 
D 3 HOH 4  2004 2004 HOH HOH A . 
D 3 HOH 5  2005 2005 HOH HOH A . 
D 3 HOH 6  2006 2006 HOH HOH A . 
D 3 HOH 7  2007 2007 HOH HOH A . 
D 3 HOH 8  2008 2008 HOH HOH A . 
D 3 HOH 9  2009 2009 HOH HOH A . 
D 3 HOH 10 2010 2010 HOH HOH A . 
D 3 HOH 11 2011 2011 HOH HOH A . 
D 3 HOH 12 2012 2012 HOH HOH A . 
D 3 HOH 13 2013 2013 HOH HOH A . 
D 3 HOH 14 2014 2014 HOH HOH A . 
D 3 HOH 15 2015 2015 HOH HOH A . 
D 3 HOH 16 2016 2016 HOH HOH A . 
D 3 HOH 17 2017 2017 HOH HOH A . 
D 3 HOH 18 2018 2018 HOH HOH A . 
D 3 HOH 19 2019 2019 HOH HOH A . 
D 3 HOH 20 2020 2020 HOH HOH A . 
D 3 HOH 21 2021 2021 HOH HOH A . 
D 3 HOH 22 2022 2022 HOH HOH A . 
D 3 HOH 23 2023 2023 HOH HOH A . 
D 3 HOH 24 2024 2024 HOH HOH A . 
D 3 HOH 25 2025 2025 HOH HOH A . 
D 3 HOH 26 2026 2026 HOH HOH A . 
D 3 HOH 27 2027 2027 HOH HOH A . 
D 3 HOH 28 2028 2028 HOH HOH A . 
D 3 HOH 29 2029 2029 HOH HOH A . 
D 3 HOH 30 2030 2030 HOH HOH A . 
D 3 HOH 31 2031 2031 HOH HOH A . 
D 3 HOH 32 2032 2032 HOH HOH A . 
D 3 HOH 33 2033 2033 HOH HOH A . 
D 3 HOH 34 2034 2034 HOH HOH A . 
D 3 HOH 35 2035 2035 HOH HOH A . 
D 3 HOH 36 2036 2036 HOH HOH A . 
D 3 HOH 37 2037 2037 HOH HOH A . 
D 3 HOH 38 2038 2038 HOH HOH A . 
D 3 HOH 39 2039 2039 HOH HOH A . 
D 3 HOH 40 2040 2040 HOH HOH A . 
D 3 HOH 41 2041 2041 HOH HOH A . 
D 3 HOH 42 2042 2042 HOH HOH A . 
D 3 HOH 43 2043 2043 HOH HOH A . 
D 3 HOH 44 2044 2044 HOH HOH A . 
D 3 HOH 45 2045 2045 HOH HOH A . 
D 3 HOH 46 2046 2046 HOH HOH A . 
D 3 HOH 47 2047 2047 HOH HOH A . 
D 3 HOH 48 2048 2048 HOH HOH A . 
D 3 HOH 49 2049 2049 HOH HOH A . 
D 3 HOH 50 2050 2050 HOH HOH A . 
D 3 HOH 51 2051 2051 HOH HOH A . 
D 3 HOH 52 2052 2052 HOH HOH A . 
D 3 HOH 53 2053 2053 HOH HOH A . 
D 3 HOH 54 2054 2054 HOH HOH A . 
D 3 HOH 55 2055 2055 HOH HOH A . 
D 3 HOH 56 2056 2056 HOH HOH A . 
D 3 HOH 57 2057 2057 HOH HOH A . 
D 3 HOH 58 2058 2058 HOH HOH A . 
D 3 HOH 59 2059 2059 HOH HOH A . 
D 3 HOH 60 2060 2060 HOH HOH A . 
D 3 HOH 61 2061 2061 HOH HOH A . 
D 3 HOH 62 2062 2062 HOH HOH A . 
D 3 HOH 63 2063 2063 HOH HOH A . 
D 3 HOH 64 2064 2064 HOH HOH A . 
D 3 HOH 65 2065 2065 HOH HOH A . 
D 3 HOH 66 2066 2066 HOH HOH A . 
D 3 HOH 67 2067 2067 HOH HOH A . 
D 3 HOH 68 2068 2068 HOH HOH A . 
D 3 HOH 69 2069 2069 HOH HOH A . 
D 3 HOH 70 2070 2070 HOH HOH A . 
D 3 HOH 71 2071 2071 HOH HOH A . 
D 3 HOH 72 2072 2072 HOH HOH A . 
D 3 HOH 73 2073 2073 HOH HOH A . 
D 3 HOH 74 2074 2074 HOH HOH A . 
D 3 HOH 75 2075 2075 HOH HOH A . 
D 3 HOH 76 2076 2076 HOH HOH A . 
D 3 HOH 77 2077 2077 HOH HOH A . 
D 3 HOH 78 2078 2078 HOH HOH A . 
D 3 HOH 79 2079 2079 HOH HOH A . 
D 3 HOH 80 2080 2080 HOH HOH A . 
# 
loop_
_software.name 
_software.classification 
_software.version 
_software.citation_id 
_software.pdbx_ordinal 
_software.date 
_software.type 
_software.location 
_software.language 
X-PLOR    refinement       3.851 ? 1 ? ? ? ? 
DENZO     'data reduction' .     ? 2 ? ? ? ? 
SCALEPACK 'data scaling'   .     ? 3 ? ? ? ? 
PHASES    phasing          .     ? 4 ? ? ? ? 
# 
_cell.entry_id           1HDK 
_cell.length_a           49.547 
_cell.length_b           49.547 
_cell.length_c           261.645 
_cell.angle_alpha        90.00 
_cell.angle_beta         90.00 
_cell.angle_gamma        120.00 
_cell.Z_PDB              12 
_cell.pdbx_unique_axis   ? 
# 
_symmetry.entry_id                         1HDK 
_symmetry.space_group_name_H-M             'P 65 2 2' 
_symmetry.pdbx_full_space_group_name_H-M   ? 
_symmetry.cell_setting                     ? 
_symmetry.Int_Tables_number                179 
# 
_exptl.entry_id          1HDK 
_exptl.method            'X-RAY DIFFRACTION' 
_exptl.crystals_number   2 
# 
_exptl_crystal.id                    1 
_exptl_crystal.density_meas          ? 
_exptl_crystal.density_Matthews      2.81 
_exptl_crystal.density_percent_sol   55.87 
_exptl_crystal.description           ? 
_exptl_crystal.preparation           ? 
# 
_exptl_crystal_grow.crystal_id      1 
_exptl_crystal_grow.method          'VAPOR DIFFUSION, HANGING DROP' 
_exptl_crystal_grow.temp            ? 
_exptl_crystal_grow.temp_details    ? 
_exptl_crystal_grow.pH              7.00 
_exptl_crystal_grow.pdbx_pH_range   ? 
_exptl_crystal_grow.pdbx_details    'TRIS-ACETATE PH7.0 100MM HANGING DROP VAPOR DIFFUSION, pH 7.00' 
# 
_diffrn.id                               1 
_diffrn.ambient_temp                     293.0 
_diffrn.ambient_temp_details             ? 
_diffrn.crystal_id                       1 
_diffrn.pdbx_serial_crystal_experiment   ? 
# 
_diffrn_detector.diffrn_id              1 
_diffrn_detector.detector               'IMAGE PLATE' 
_diffrn_detector.type                   MARRESEARCH 
_diffrn_detector.pdbx_collection_date   1996-02-15 
_diffrn_detector.details                MIRRORS 
# 
_diffrn_radiation.diffrn_id                        1 
_diffrn_radiation.wavelength_id                    1 
_diffrn_radiation.pdbx_monochromatic_or_laue_m_l   M 
_diffrn_radiation.monochromator                    ? 
_diffrn_radiation.pdbx_diffrn_protocol             'SINGLE WAVELENGTH' 
_diffrn_radiation.pdbx_scattering_type             x-ray 
# 
_diffrn_radiation_wavelength.id           1 
_diffrn_radiation_wavelength.wavelength   0.92 
_diffrn_radiation_wavelength.wt           1.0 
# 
_diffrn_source.diffrn_id                   1 
_diffrn_source.source                      SYNCHROTRON 
_diffrn_source.type                        'EMBL/DESY, HAMBURG BEAMLINE X31' 
_diffrn_source.pdbx_synchrotron_site       'EMBL/DESY, HAMBURG' 
_diffrn_source.pdbx_synchrotron_beamline   X31 
_diffrn_source.pdbx_wavelength             0.92 
_diffrn_source.pdbx_wavelength_list        ? 
# 
_reflns.pdbx_diffrn_id               1 
_reflns.pdbx_ordinal                 1 
_reflns.entry_id                     1HDK 
_reflns.observed_criterion_sigma_I   0.000 
_reflns.observed_criterion_sigma_F   ? 
_reflns.d_resolution_low             20.000 
_reflns.d_resolution_high            1.800 
_reflns.number_obs                   16423 
_reflns.number_all                   ? 
_reflns.percent_possible_obs         87.8 
_reflns.pdbx_Rmerge_I_obs            0.07900 
_reflns.pdbx_Rsym_value              ? 
_reflns.pdbx_netI_over_sigmaI        12.7000 
_reflns.B_iso_Wilson_estimate        17.9 
_reflns.pdbx_redundancy              1.500 
# 
_reflns_shell.pdbx_diffrn_id         1 
_reflns_shell.pdbx_ordinal           1 
_reflns_shell.d_res_high             1.80 
_reflns_shell.d_res_low              1.87 
_reflns_shell.percent_possible_all   72.4 
_reflns_shell.Rmerge_I_obs           0.12700 
_reflns_shell.pdbx_Rsym_value        ? 
_reflns_shell.meanI_over_sigI_obs    3.400 
_reflns_shell.pdbx_redundancy        1.40 
# 
_refine.pdbx_refine_id                           'X-RAY DIFFRACTION' 
_refine.entry_id                                 1HDK 
_refine.pdbx_diffrn_id                           1 
_refine.pdbx_TLS_residual_ADP_flag               ? 
_refine.ls_number_reflns_obs                     16423 
_refine.ls_number_reflns_all                     ? 
_refine.pdbx_ls_sigma_I                          ? 
_refine.pdbx_ls_sigma_F                          0.0 
_refine.pdbx_data_cutoff_high_absF               10000000.00 
_refine.pdbx_data_cutoff_low_absF                0.001000 
_refine.pdbx_data_cutoff_high_rms_absF           ? 
_refine.ls_d_res_low                             20.00 
_refine.ls_d_res_high                            1.80 
_refine.ls_percent_reflns_obs                    87.4 
_refine.ls_R_factor_obs                          0.199 
_refine.ls_R_factor_all                          ? 
_refine.ls_R_factor_R_work                       0.199 
_refine.ls_R_factor_R_free                       0.221 
_refine.ls_R_factor_R_free_error                 0.008 
_refine.ls_R_factor_R_free_error_details         ? 
_refine.ls_percent_reflns_R_free                 4.9 
_refine.ls_number_reflns_R_free                  797 
_refine.ls_number_parameters                     ? 
_refine.ls_number_restraints                     ? 
_refine.occupancy_min                            ? 
_refine.occupancy_max                            ? 
_refine.correlation_coeff_Fo_to_Fc               ? 
_refine.correlation_coeff_Fo_to_Fc_free          ? 
_refine.B_iso_mean                               21.0 
_refine.aniso_B[1][1]                            0.00 
_refine.aniso_B[2][2]                            0.00 
_refine.aniso_B[3][3]                            0.00 
_refine.aniso_B[1][2]                            0.00 
_refine.aniso_B[1][3]                            0.00 
_refine.aniso_B[2][3]                            0.00 
_refine.solvent_model_details                    ? 
_refine.solvent_model_param_ksol                 ? 
_refine.solvent_model_param_bsol                 ? 
_refine.pdbx_solvent_vdw_probe_radii             ? 
_refine.pdbx_solvent_ion_probe_radii             ? 
_refine.pdbx_solvent_shrinkage_radii             ? 
_refine.pdbx_ls_cross_valid_method               THROUGHOUT 
_refine.details                                  
'BULK SOLVENT MODEL USED THE LAST TWO RESIDUES WERE NOT VISIBLE IN THE ELECTRON DENSITY MAPS' 
_refine.pdbx_starting_model                      ? 
_refine.pdbx_method_to_determine_struct          MIR 
_refine.pdbx_isotropic_thermal_model             RESTRAINED 
_refine.pdbx_stereochemistry_target_values       ? 
_refine.pdbx_stereochem_target_val_spec_case     ? 
_refine.pdbx_R_Free_selection_details            RANDOM 
_refine.pdbx_overall_ESU_R                       ? 
_refine.pdbx_overall_ESU_R_Free                  ? 
_refine.overall_SU_ML                            ? 
_refine.pdbx_overall_phase_error                 ? 
_refine.overall_SU_B                             ? 
_refine.overall_SU_R_Cruickshank_DPI             ? 
_refine.pdbx_overall_SU_R_free_Cruickshank_DPI   ? 
_refine.pdbx_overall_SU_R_Blow_DPI               ? 
_refine.pdbx_overall_SU_R_free_Blow_DPI          ? 
# 
_refine_analyze.pdbx_refine_id                  'X-RAY DIFFRACTION' 
_refine_analyze.entry_id                        1HDK 
_refine_analyze.Luzzati_coordinate_error_obs    0.21 
_refine_analyze.Luzzati_sigma_a_obs             0.21 
_refine_analyze.Luzzati_d_res_low_obs           5.00 
_refine_analyze.Luzzati_coordinate_error_free   0.25 
_refine_analyze.Luzzati_sigma_a_free            0.22 
_refine_analyze.Luzzati_d_res_low_free          ? 
_refine_analyze.number_disordered_residues      ? 
_refine_analyze.occupancy_sum_hydrogen          ? 
_refine_analyze.occupancy_sum_non_hydrogen      ? 
# 
_refine_hist.pdbx_refine_id                   'X-RAY DIFFRACTION' 
_refine_hist.cycle_id                         LAST 
_refine_hist.pdbx_number_atoms_protein        1131 
_refine_hist.pdbx_number_atoms_nucleic_acid   0 
_refine_hist.pdbx_number_atoms_ligand         22 
_refine_hist.number_atoms_solvent             80 
_refine_hist.number_atoms_total               1233 
_refine_hist.d_res_high                       1.80 
_refine_hist.d_res_low                        20.00 
# 
loop_
_refine_ls_restr.type 
_refine_ls_restr.dev_ideal 
_refine_ls_restr.dev_ideal_target 
_refine_ls_restr.weight 
_refine_ls_restr.number 
_refine_ls_restr.pdbx_refine_id 
_refine_ls_restr.pdbx_restraint_function 
x_bond_d                0.008 ?    ? ? 'X-RAY DIFFRACTION' ? 
x_bond_d_na             ?     ?    ? ? 'X-RAY DIFFRACTION' ? 
x_bond_d_prot           ?     ?    ? ? 'X-RAY DIFFRACTION' ? 
x_angle_d               ?     ?    ? ? 'X-RAY DIFFRACTION' ? 
x_angle_d_na            ?     ?    ? ? 'X-RAY DIFFRACTION' ? 
x_angle_d_prot          ?     ?    ? ? 'X-RAY DIFFRACTION' ? 
x_angle_deg             1.5   ?    ? ? 'X-RAY DIFFRACTION' ? 
x_angle_deg_na          ?     ?    ? ? 'X-RAY DIFFRACTION' ? 
x_angle_deg_prot        ?     ?    ? ? 'X-RAY DIFFRACTION' ? 
x_dihedral_angle_d      29.5  ?    ? ? 'X-RAY DIFFRACTION' ? 
x_dihedral_angle_d_na   ?     ?    ? ? 'X-RAY DIFFRACTION' ? 
x_dihedral_angle_d_prot ?     ?    ? ? 'X-RAY DIFFRACTION' ? 
x_improper_angle_d      0.67  ?    ? ? 'X-RAY DIFFRACTION' ? 
x_improper_angle_d_na   ?     ?    ? ? 'X-RAY DIFFRACTION' ? 
x_improper_angle_d_prot ?     ?    ? ? 'X-RAY DIFFRACTION' ? 
x_mcbond_it             1.33  1.50 ? ? 'X-RAY DIFFRACTION' ? 
x_mcangle_it            2.23  2.00 ? ? 'X-RAY DIFFRACTION' ? 
x_scbond_it             3.06  2.00 ? ? 'X-RAY DIFFRACTION' ? 
x_scangle_it            4.40  2.50 ? ? 'X-RAY DIFFRACTION' ? 
# 
_refine_ls_shell.pdbx_refine_id                   'X-RAY DIFFRACTION' 
_refine_ls_shell.pdbx_total_number_of_bins_used   6 
_refine_ls_shell.d_res_high                       1.80 
_refine_ls_shell.d_res_low                        1.91 
_refine_ls_shell.number_reflns_R_work             2012 
_refine_ls_shell.R_factor_R_work                  0.291 
_refine_ls_shell.percent_reflns_obs               69.6 
_refine_ls_shell.R_factor_R_free                  0.303 
_refine_ls_shell.R_factor_R_free_error            0.030 
_refine_ls_shell.percent_reflns_R_free            4.7 
_refine_ls_shell.number_reflns_R_free             99 
_refine_ls_shell.number_reflns_all                ? 
_refine_ls_shell.R_factor_all                     ? 
# 
loop_
_pdbx_xplor_file.pdbx_refine_id 
_pdbx_xplor_file.serial_no 
_pdbx_xplor_file.param_file 
_pdbx_xplor_file.topol_file 
'X-RAY DIFFRACTION' 1 PROTEIN_REP TOPHCSDX.PR 
'X-RAY DIFFRACTION' 2 PAR         TOP         
'X-RAY DIFFRACTION' 3 LIG         LIG         
# 
_struct.entry_id                  1HDK 
_struct.title                     'Charcot-Leyden Crystal Protein - pCMBS Complex' 
_struct.pdbx_model_details        ? 
_struct.pdbx_CASP_flag            ? 
_struct.pdbx_model_type_details   ? 
# 
_struct_keywords.entry_id        1HDK 
_struct_keywords.pdbx_keywords   'SERINE ESTERASE' 
_struct_keywords.text            'GALECTIN-10, SERINE ESTERASE, EOSINOPHIL LYSOPHOSPHOLIPASE' 
# 
loop_
_struct_asym.id 
_struct_asym.pdbx_blank_PDB_chainid_flag 
_struct_asym.pdbx_modified 
_struct_asym.entity_id 
_struct_asym.details 
A N N 1 ? 
B N N 2 ? 
C N N 2 ? 
D N N 3 ? 
# 
_struct_ref.id                         1 
_struct_ref.db_name                    UNP 
_struct_ref.db_code                    LPPL_HUMAN 
_struct_ref.entity_id                  1 
_struct_ref.pdbx_seq_one_letter_code   ? 
_struct_ref.pdbx_align_begin           ? 
_struct_ref.pdbx_db_accession          Q05315 
_struct_ref.pdbx_db_isoform            ? 
# 
_struct_ref_seq.align_id                      1 
_struct_ref_seq.ref_id                        1 
_struct_ref_seq.pdbx_PDB_id_code              1HDK 
_struct_ref_seq.pdbx_strand_id                A 
_struct_ref_seq.seq_align_beg                 1 
_struct_ref_seq.pdbx_seq_align_beg_ins_code   ? 
_struct_ref_seq.seq_align_end                 141 
_struct_ref_seq.pdbx_seq_align_end_ins_code   ? 
_struct_ref_seq.pdbx_db_accession             Q05315 
_struct_ref_seq.db_align_beg                  1 
_struct_ref_seq.pdbx_db_align_beg_ins_code    ? 
_struct_ref_seq.db_align_end                  141 
_struct_ref_seq.pdbx_db_align_end_ins_code    ? 
_struct_ref_seq.pdbx_auth_seq_align_beg       2 
_struct_ref_seq.pdbx_auth_seq_align_end       142 
# 
_pdbx_struct_assembly.id                   1 
_pdbx_struct_assembly.details              software_defined_assembly 
_pdbx_struct_assembly.method_details       PQS 
_pdbx_struct_assembly.oligomeric_details   monomeric 
_pdbx_struct_assembly.oligomeric_count     1 
# 
_pdbx_struct_assembly_gen.assembly_id       1 
_pdbx_struct_assembly_gen.oper_expression   1 
_pdbx_struct_assembly_gen.asym_id_list      A,B,C,D 
# 
_pdbx_struct_oper_list.id                   1 
_pdbx_struct_oper_list.type                 'identity operation' 
_pdbx_struct_oper_list.name                 1_555 
_pdbx_struct_oper_list.symmetry_operation   x,y,z 
_pdbx_struct_oper_list.matrix[1][1]         1.0000000000 
_pdbx_struct_oper_list.matrix[1][2]         0.0000000000 
_pdbx_struct_oper_list.matrix[1][3]         0.0000000000 
_pdbx_struct_oper_list.vector[1]            0.0000000000 
_pdbx_struct_oper_list.matrix[2][1]         0.0000000000 
_pdbx_struct_oper_list.matrix[2][2]         1.0000000000 
_pdbx_struct_oper_list.matrix[2][3]         0.0000000000 
_pdbx_struct_oper_list.vector[2]            0.0000000000 
_pdbx_struct_oper_list.matrix[3][1]         0.0000000000 
_pdbx_struct_oper_list.matrix[3][2]         0.0000000000 
_pdbx_struct_oper_list.matrix[3][3]         1.0000000000 
_pdbx_struct_oper_list.vector[3]            0.0000000000 
# 
_struct_biol.id        1 
_struct_biol.details   
;BIOLOGICAL_UNIT: MONOMERA CRYSTAL PACKING                    
 DIMERIC ASSEMBLY CAN BE GENERATED USINGTHE SYMMETRY                  
  OPERATION -X, Y, 1/2 -Z. THIS CASE OF                               
 STRONGCRYSTAL PACKING HAS A DIFFERENCE IN ACCESSIBLE                 
  SURFACE AREAPER CHAIN BETWEEN THE ISOLATED CHAIN                    
 AND THAT FOR THE CHAININ THE COMPLEX OF 721.9                        
  ANGSTROM**2
;
# 
loop_
_struct_conf.conf_type_id 
_struct_conf.id 
_struct_conf.pdbx_PDB_helix_id 
_struct_conf.beg_label_comp_id 
_struct_conf.beg_label_asym_id 
_struct_conf.beg_label_seq_id 
_struct_conf.pdbx_beg_PDB_ins_code 
_struct_conf.end_label_comp_id 
_struct_conf.end_label_asym_id 
_struct_conf.end_label_seq_id 
_struct_conf.pdbx_end_PDB_ins_code 
_struct_conf.beg_auth_comp_id 
_struct_conf.beg_auth_asym_id 
_struct_conf.beg_auth_seq_id 
_struct_conf.end_auth_comp_id 
_struct_conf.end_auth_asym_id 
_struct_conf.end_auth_seq_id 
_struct_conf.pdbx_PDB_helix_class 
_struct_conf.details 
_struct_conf.pdbx_PDB_helix_length 
HELX_P HELX_P1 1 CYS A 28  ? GLU A 32  ? CYS A 29  GLU A 33  5 ? 5 
HELX_P HELX_P2 2 LYS A 116 ? VAL A 120 ? LYS A 117 VAL A 121 5 ? 5 
# 
_struct_conf_type.id          HELX_P 
_struct_conf_type.criteria    ? 
_struct_conf_type.reference   ? 
# 
loop_
_struct_conn.id 
_struct_conn.conn_type_id 
_struct_conn.pdbx_leaving_atom_flag 
_struct_conn.pdbx_PDB_id 
_struct_conn.ptnr1_label_asym_id 
_struct_conn.ptnr1_label_comp_id 
_struct_conn.ptnr1_label_seq_id 
_struct_conn.ptnr1_label_atom_id 
_struct_conn.pdbx_ptnr1_label_alt_id 
_struct_conn.pdbx_ptnr1_PDB_ins_code 
_struct_conn.pdbx_ptnr1_standard_comp_id 
_struct_conn.ptnr1_symmetry 
_struct_conn.ptnr2_label_asym_id 
_struct_conn.ptnr2_label_comp_id 
_struct_conn.ptnr2_label_seq_id 
_struct_conn.ptnr2_label_atom_id 
_struct_conn.pdbx_ptnr2_label_alt_id 
_struct_conn.pdbx_ptnr2_PDB_ins_code 
_struct_conn.ptnr1_auth_asym_id 
_struct_conn.ptnr1_auth_comp_id 
_struct_conn.ptnr1_auth_seq_id 
_struct_conn.ptnr2_auth_asym_id 
_struct_conn.ptnr2_auth_comp_id 
_struct_conn.ptnr2_auth_seq_id 
_struct_conn.ptnr2_symmetry 
_struct_conn.pdbx_ptnr3_label_atom_id 
_struct_conn.pdbx_ptnr3_label_seq_id 
_struct_conn.pdbx_ptnr3_label_comp_id 
_struct_conn.pdbx_ptnr3_label_asym_id 
_struct_conn.pdbx_ptnr3_label_alt_id 
_struct_conn.pdbx_ptnr3_PDB_ins_code 
_struct_conn.details 
_struct_conn.pdbx_dist_value 
_struct_conn.pdbx_value_order 
_struct_conn.pdbx_role 
metalc1 metalc ? ? A CYS 28 SG ? ? ? 1_555 B PMB . HG ? ? A CYS 29 A PMB 929 1_555 ? ? ? ? ? ? ? 2.584 ? ? 
metalc2 metalc ? ? A CYS 56 SG ? ? ? 1_555 C PMB . HG ? ? A CYS 57 A PMB 957 1_555 ? ? ? ? ? ? ? 2.483 ? ? 
# 
_struct_conn_type.id          metalc 
_struct_conn_type.criteria    ? 
_struct_conn_type.reference   ? 
# 
loop_
_pdbx_struct_conn_angle.id 
_pdbx_struct_conn_angle.ptnr1_label_atom_id 
_pdbx_struct_conn_angle.ptnr1_label_alt_id 
_pdbx_struct_conn_angle.ptnr1_label_asym_id 
_pdbx_struct_conn_angle.ptnr1_label_comp_id 
_pdbx_struct_conn_angle.ptnr1_label_seq_id 
_pdbx_struct_conn_angle.ptnr1_auth_atom_id 
_pdbx_struct_conn_angle.ptnr1_auth_asym_id 
_pdbx_struct_conn_angle.ptnr1_auth_comp_id 
_pdbx_struct_conn_angle.ptnr1_auth_seq_id 
_pdbx_struct_conn_angle.ptnr1_PDB_ins_code 
_pdbx_struct_conn_angle.ptnr1_symmetry 
_pdbx_struct_conn_angle.ptnr2_label_atom_id 
_pdbx_struct_conn_angle.ptnr2_label_alt_id 
_pdbx_struct_conn_angle.ptnr2_label_asym_id 
_pdbx_struct_conn_angle.ptnr2_label_comp_id 
_pdbx_struct_conn_angle.ptnr2_label_seq_id 
_pdbx_struct_conn_angle.ptnr2_auth_atom_id 
_pdbx_struct_conn_angle.ptnr2_auth_asym_id 
_pdbx_struct_conn_angle.ptnr2_auth_comp_id 
_pdbx_struct_conn_angle.ptnr2_auth_seq_id 
_pdbx_struct_conn_angle.ptnr2_PDB_ins_code 
_pdbx_struct_conn_angle.ptnr2_symmetry 
_pdbx_struct_conn_angle.ptnr3_label_atom_id 
_pdbx_struct_conn_angle.ptnr3_label_alt_id 
_pdbx_struct_conn_angle.ptnr3_label_asym_id 
_pdbx_struct_conn_angle.ptnr3_label_comp_id 
_pdbx_struct_conn_angle.ptnr3_label_seq_id 
_pdbx_struct_conn_angle.ptnr3_auth_atom_id 
_pdbx_struct_conn_angle.ptnr3_auth_asym_id 
_pdbx_struct_conn_angle.ptnr3_auth_comp_id 
_pdbx_struct_conn_angle.ptnr3_auth_seq_id 
_pdbx_struct_conn_angle.ptnr3_PDB_ins_code 
_pdbx_struct_conn_angle.ptnr3_symmetry 
_pdbx_struct_conn_angle.value 
_pdbx_struct_conn_angle.value_esd 
1 SG ? A CYS 28 ? A CYS 29 ? 1_555 HG ? B PMB . ? A PMB 929 ? 1_555 C4 ? B PMB . ? A PMB 929 ? 1_555 173.9 ? 
2 SG ? A CYS 56 ? A CYS 57 ? 1_555 HG ? C PMB . ? A PMB 957 ? 1_555 C4 ? C PMB . ? A PMB 957 ? 1_555 174.0 ? 
# 
_struct_mon_prot_cis.pdbx_id                1 
_struct_mon_prot_cis.label_comp_id          VAL 
_struct_mon_prot_cis.label_seq_id           5 
_struct_mon_prot_cis.label_asym_id          A 
_struct_mon_prot_cis.label_alt_id           . 
_struct_mon_prot_cis.pdbx_PDB_ins_code      ? 
_struct_mon_prot_cis.auth_comp_id           VAL 
_struct_mon_prot_cis.auth_seq_id            6 
_struct_mon_prot_cis.auth_asym_id           A 
_struct_mon_prot_cis.pdbx_label_comp_id_2   PRO 
_struct_mon_prot_cis.pdbx_label_seq_id_2    6 
_struct_mon_prot_cis.pdbx_label_asym_id_2   A 
_struct_mon_prot_cis.pdbx_PDB_ins_code_2    ? 
_struct_mon_prot_cis.pdbx_auth_comp_id_2    PRO 
_struct_mon_prot_cis.pdbx_auth_seq_id_2     7 
_struct_mon_prot_cis.pdbx_auth_asym_id_2    A 
_struct_mon_prot_cis.pdbx_PDB_model_num     1 
_struct_mon_prot_cis.pdbx_omega_angle       0.03 
# 
loop_
_struct_sheet.id 
_struct_sheet.type 
_struct_sheet.number_strands 
_struct_sheet.details 
AA ? 6 ? 
AB ? 6 ? 
AC ? 5 ? 
# 
loop_
_struct_sheet_order.sheet_id 
_struct_sheet_order.range_id_1 
_struct_sheet_order.range_id_2 
_struct_sheet_order.offset 
_struct_sheet_order.sense 
AA 1 2 ? anti-parallel 
AA 2 3 ? anti-parallel 
AA 3 4 ? anti-parallel 
AA 4 5 ? anti-parallel 
AA 5 6 ? anti-parallel 
AB 1 2 ? anti-parallel 
AB 2 3 ? anti-parallel 
AB 3 4 ? anti-parallel 
AB 4 5 ? anti-parallel 
AB 5 6 ? anti-parallel 
AC 1 2 ? anti-parallel 
AC 2 3 ? anti-parallel 
AC 3 4 ? anti-parallel 
AC 4 5 ? anti-parallel 
# 
loop_
_struct_sheet_range.sheet_id 
_struct_sheet_range.id 
_struct_sheet_range.beg_label_comp_id 
_struct_sheet_range.beg_label_asym_id 
_struct_sheet_range.beg_label_seq_id 
_struct_sheet_range.pdbx_beg_PDB_ins_code 
_struct_sheet_range.end_label_comp_id 
_struct_sheet_range.end_label_asym_id 
_struct_sheet_range.end_label_seq_id 
_struct_sheet_range.pdbx_end_PDB_ins_code 
_struct_sheet_range.beg_auth_comp_id 
_struct_sheet_range.beg_auth_asym_id 
_struct_sheet_range.beg_auth_seq_id 
_struct_sheet_range.end_auth_comp_id 
_struct_sheet_range.end_auth_asym_id 
_struct_sheet_range.end_auth_seq_id 
AA 1 TYR A 7   ? ALA A 10  ? TYR A 8   ALA A 11  
AA 2 MET A 122 ? ARG A 127 ? MET A 123 ARG A 128 
AA 3 TYR A 34  ? HIS A 40  ? TYR A 35  HIS A 41  
AA 4 ILE A 49  ? CYS A 56  ? ILE A 50  CYS A 57  
AA 5 ARG A 60  ? GLU A 67  ? ARG A 61  GLU A 68  
AA 6 VAL A 75  ? SER A 77  ? VAL A 76  SER A 78  
AB 1 TYR A 7   ? ALA A 10  ? TYR A 8   ALA A 11  
AB 2 MET A 122 ? ARG A 127 ? MET A 123 ARG A 128 
AB 3 TYR A 34  ? HIS A 40  ? TYR A 35  HIS A 41  
AB 4 ILE A 49  ? CYS A 56  ? ILE A 50  CYS A 57  
AB 5 ARG A 60  ? GLU A 67  ? ARG A 61  GLU A 68  
AB 6 ALA A 70  ? TRP A 71  ? ALA A 71  TRP A 72  
AC 1 GLN A 106 ? ASP A 112 ? GLN A 107 ASP A 113 
AC 2 LYS A 98  ? VAL A 103 ? LYS A 99  VAL A 104 
AC 3 PHE A 88  ? VAL A 94  ? PHE A 89  VAL A 95  
AC 4 THR A 18  ? PRO A 25  ? THR A 19  PRO A 26  
AC 5 ILE A 129 ? VAL A 136 ? ILE A 130 VAL A 137 
# 
loop_
_pdbx_struct_sheet_hbond.sheet_id 
_pdbx_struct_sheet_hbond.range_id_1 
_pdbx_struct_sheet_hbond.range_id_2 
_pdbx_struct_sheet_hbond.range_1_label_atom_id 
_pdbx_struct_sheet_hbond.range_1_label_comp_id 
_pdbx_struct_sheet_hbond.range_1_label_asym_id 
_pdbx_struct_sheet_hbond.range_1_label_seq_id 
_pdbx_struct_sheet_hbond.range_1_PDB_ins_code 
_pdbx_struct_sheet_hbond.range_1_auth_atom_id 
_pdbx_struct_sheet_hbond.range_1_auth_comp_id 
_pdbx_struct_sheet_hbond.range_1_auth_asym_id 
_pdbx_struct_sheet_hbond.range_1_auth_seq_id 
_pdbx_struct_sheet_hbond.range_2_label_atom_id 
_pdbx_struct_sheet_hbond.range_2_label_comp_id 
_pdbx_struct_sheet_hbond.range_2_label_asym_id 
_pdbx_struct_sheet_hbond.range_2_label_seq_id 
_pdbx_struct_sheet_hbond.range_2_PDB_ins_code 
_pdbx_struct_sheet_hbond.range_2_auth_atom_id 
_pdbx_struct_sheet_hbond.range_2_auth_comp_id 
_pdbx_struct_sheet_hbond.range_2_auth_asym_id 
_pdbx_struct_sheet_hbond.range_2_auth_seq_id 
AA 1 2 N GLU A 9   ? N GLU A 10  O VAL A 123 ? O VAL A 124 
AA 2 3 N TRP A 126 ? N TRP A 127 O GLN A 36  ? O GLN A 37  
AA 3 4 O PHE A 39  ? O PHE A 40  N VAL A 50  ? N VAL A 51  
AA 4 5 N CYS A 56  ? N CYS A 57  O ARG A 60  ? O ARG A 61  
AA 5 6 N MET A 63  ? N MET A 64  O VAL A 75  ? O VAL A 76  
AB 1 2 N GLU A 9   ? N GLU A 10  O VAL A 123 ? O VAL A 124 
AB 2 3 N TRP A 126 ? N TRP A 127 O GLN A 36  ? O GLN A 37  
AB 3 4 O PHE A 39  ? O PHE A 40  N VAL A 50  ? N VAL A 51  
AB 4 5 N CYS A 56  ? N CYS A 57  O ARG A 60  ? O ARG A 61  
AB 5 6 N GLU A 67  ? N GLU A 68  O ALA A 70  ? O ALA A 71  
AC 1 2 N PHE A 111 ? N PHE A 112 O TYR A 99  ? O TYR A 100 
AC 2 3 N MET A 102 ? N MET A 103 O SER A 91  ? O SER A 92  
AC 3 4 N ILE A 92  ? N ILE A 93  O VAL A 19  ? O VAL A 20  
AC 4 5 N ARG A 24  ? N ARG A 25  O SER A 130 ? O SER A 131 
# 
loop_
_struct_site.id 
_struct_site.pdbx_evidence_code 
_struct_site.pdbx_auth_asym_id 
_struct_site.pdbx_auth_comp_id 
_struct_site.pdbx_auth_seq_id 
_struct_site.pdbx_auth_ins_code 
_struct_site.pdbx_num_residues 
_struct_site.details 
AC1 Software A PMB 929 ? 2 'BINDING SITE FOR RESIDUE PMB A 929' 
AC2 Software A PMB 957 ? 6 'BINDING SITE FOR RESIDUE PMB A 957' 
# 
loop_
_struct_site_gen.id 
_struct_site_gen.site_id 
_struct_site_gen.pdbx_num_res 
_struct_site_gen.label_comp_id 
_struct_site_gen.label_asym_id 
_struct_site_gen.label_seq_id 
_struct_site_gen.pdbx_auth_ins_code 
_struct_site_gen.auth_comp_id 
_struct_site_gen.auth_asym_id 
_struct_site_gen.auth_seq_id 
_struct_site_gen.label_atom_id 
_struct_site_gen.label_alt_id 
_struct_site_gen.symmetry 
_struct_site_gen.details 
1 AC1 2 CYS A 28 ? CYS A 29 . ? 1_555  ? 
2 AC1 2 ASP A 84 ? ASP A 85 . ? 1_555  ? 
3 AC2 6 GLU A 32 ? GLU A 33 . ? 1_555  ? 
4 AC2 6 TYR A 34 ? TYR A 35 . ? 1_555  ? 
5 AC2 6 CYS A 56 ? CYS A 57 . ? 1_555  ? 
6 AC2 6 ARG A 59 ? ARG A 60 . ? 1_555  ? 
7 AC2 6 ARG A 60 ? ARG A 61 . ? 11_555 ? 
8 AC2 6 ARG A 60 ? ARG A 61 . ? 1_555  ? 
# 
_pdbx_validate_symm_contact.id                1 
_pdbx_validate_symm_contact.PDB_model_num     1 
_pdbx_validate_symm_contact.auth_atom_id_1    O 
_pdbx_validate_symm_contact.auth_asym_id_1    A 
_pdbx_validate_symm_contact.auth_comp_id_1    HOH 
_pdbx_validate_symm_contact.auth_seq_id_1     2033 
_pdbx_validate_symm_contact.PDB_ins_code_1    ? 
_pdbx_validate_symm_contact.label_alt_id_1    ? 
_pdbx_validate_symm_contact.site_symmetry_1   1_555 
_pdbx_validate_symm_contact.auth_atom_id_2    O 
_pdbx_validate_symm_contact.auth_asym_id_2    A 
_pdbx_validate_symm_contact.auth_comp_id_2    HOH 
_pdbx_validate_symm_contact.auth_seq_id_2     2033 
_pdbx_validate_symm_contact.PDB_ins_code_2    ? 
_pdbx_validate_symm_contact.label_alt_id_2    ? 
_pdbx_validate_symm_contact.site_symmetry_2   7_555 
_pdbx_validate_symm_contact.dist              2.15 
# 
loop_
_pdbx_validate_torsion.id 
_pdbx_validate_torsion.PDB_model_num 
_pdbx_validate_torsion.auth_comp_id 
_pdbx_validate_torsion.auth_asym_id 
_pdbx_validate_torsion.auth_seq_id 
_pdbx_validate_torsion.PDB_ins_code 
_pdbx_validate_torsion.label_alt_id 
_pdbx_validate_torsion.phi 
_pdbx_validate_torsion.psi 
1 1 LEU A 4   ? ? 64.96   113.71  
2 1 LYS A 73  ? ? -97.38  -152.48 
3 1 LYS A 99  ? ? -171.60 -179.01 
4 1 ARG A 128 ? ? 90.97   -153.82 
# 
loop_
_pdbx_struct_special_symmetry.id 
_pdbx_struct_special_symmetry.PDB_model_num 
_pdbx_struct_special_symmetry.auth_asym_id 
_pdbx_struct_special_symmetry.auth_comp_id 
_pdbx_struct_special_symmetry.auth_seq_id 
_pdbx_struct_special_symmetry.PDB_ins_code 
_pdbx_struct_special_symmetry.label_asym_id 
_pdbx_struct_special_symmetry.label_comp_id 
_pdbx_struct_special_symmetry.label_seq_id 
1 1 A HOH 2071 ? D HOH . 
2 1 A HOH 2072 ? D HOH . 
# 
_pdbx_entry_details.entry_id                 1HDK 
_pdbx_entry_details.compound_details         
;FUNCTION: MAY HAVE BOTH, LYSOPHOSPHOLIPASE AND CARBOHYDRATE-
 BINDING ACTIVITIES.
 CATALYTIC ACTIVITY: 2-LYSOPHOSPHATIDIYLCHOLINE + H(2)O =
 GLYCEROPHOSPHOCHOLINE + A FATTY ACID ANION.
 SUBCELLULAR LOCATION: LOCALIZED IN GRANULES FROM WHERE IT MAY
 BE SECRETED OR TRANSPORTED TO OTHER LOCATIONS IN THE CELL.
 TISSUE SPECIFICITY: EXPRESSED EXCLUSIVELY BY EOSINOPHILS AND
 BASOPHILS. NOT DETECTED IN MONOCYTES AND NEUTROPHILS.
 DISEASE: FORMS HEXAGONAL BIPYRAMIDAL CRYSTALS, KNOWN AS CHARCOT-
 LEYDEN CRYSTALS, IN TISSUES AND SECRETIONS FROM SITES OF
 EOSINOPHIL-ASSOCIATED INFLAMMATION AND SOME MYELOID LEUKEMIAS.
 SIMILARITY: BELONGS TO THE GALAPTIN (S-LECTIN) FAMILY.
;
_pdbx_entry_details.source_details           ? 
_pdbx_entry_details.nonpolymer_details       ? 
_pdbx_entry_details.sequence_details         ? 
_pdbx_entry_details.has_ligand_of_interest   ? 
# 
loop_
_pdbx_unobs_or_zero_occ_residues.id 
_pdbx_unobs_or_zero_occ_residues.PDB_model_num 
_pdbx_unobs_or_zero_occ_residues.polymer_flag 
_pdbx_unobs_or_zero_occ_residues.occupancy_flag 
_pdbx_unobs_or_zero_occ_residues.auth_asym_id 
_pdbx_unobs_or_zero_occ_residues.auth_comp_id 
_pdbx_unobs_or_zero_occ_residues.auth_seq_id 
_pdbx_unobs_or_zero_occ_residues.PDB_ins_code 
_pdbx_unobs_or_zero_occ_residues.label_asym_id 
_pdbx_unobs_or_zero_occ_residues.label_comp_id 
_pdbx_unobs_or_zero_occ_residues.label_seq_id 
1 1 Y 1 A LYS 141 ? A LYS 140 
2 1 Y 1 A ARG 142 ? A ARG 141 
# 
loop_
_chem_comp_atom.comp_id 
_chem_comp_atom.atom_id 
_chem_comp_atom.type_symbol 
_chem_comp_atom.pdbx_aromatic_flag 
_chem_comp_atom.pdbx_stereo_config 
_chem_comp_atom.pdbx_ordinal 
ALA N    N  N N 1   
ALA CA   C  N S 2   
ALA C    C  N N 3   
ALA O    O  N N 4   
ALA CB   C  N N 5   
ALA OXT  O  N N 6   
ALA H    H  N N 7   
ALA H2   H  N N 8   
ALA HA   H  N N 9   
ALA HB1  H  N N 10  
ALA HB2  H  N N 11  
ALA HB3  H  N N 12  
ALA HXT  H  N N 13  
ARG N    N  N N 14  
ARG CA   C  N S 15  
ARG C    C  N N 16  
ARG O    O  N N 17  
ARG CB   C  N N 18  
ARG CG   C  N N 19  
ARG CD   C  N N 20  
ARG NE   N  N N 21  
ARG CZ   C  N N 22  
ARG NH1  N  N N 23  
ARG NH2  N  N N 24  
ARG OXT  O  N N 25  
ARG H    H  N N 26  
ARG H2   H  N N 27  
ARG HA   H  N N 28  
ARG HB2  H  N N 29  
ARG HB3  H  N N 30  
ARG HG2  H  N N 31  
ARG HG3  H  N N 32  
ARG HD2  H  N N 33  
ARG HD3  H  N N 34  
ARG HE   H  N N 35  
ARG HH11 H  N N 36  
ARG HH12 H  N N 37  
ARG HH21 H  N N 38  
ARG HH22 H  N N 39  
ARG HXT  H  N N 40  
ASN N    N  N N 41  
ASN CA   C  N S 42  
ASN C    C  N N 43  
ASN O    O  N N 44  
ASN CB   C  N N 45  
ASN CG   C  N N 46  
ASN OD1  O  N N 47  
ASN ND2  N  N N 48  
ASN OXT  O  N N 49  
ASN H    H  N N 50  
ASN H2   H  N N 51  
ASN HA   H  N N 52  
ASN HB2  H  N N 53  
ASN HB3  H  N N 54  
ASN HD21 H  N N 55  
ASN HD22 H  N N 56  
ASN HXT  H  N N 57  
ASP N    N  N N 58  
ASP CA   C  N S 59  
ASP C    C  N N 60  
ASP O    O  N N 61  
ASP CB   C  N N 62  
ASP CG   C  N N 63  
ASP OD1  O  N N 64  
ASP OD2  O  N N 65  
ASP OXT  O  N N 66  
ASP H    H  N N 67  
ASP H2   H  N N 68  
ASP HA   H  N N 69  
ASP HB2  H  N N 70  
ASP HB3  H  N N 71  
ASP HD2  H  N N 72  
ASP HXT  H  N N 73  
CYS N    N  N N 74  
CYS CA   C  N R 75  
CYS C    C  N N 76  
CYS O    O  N N 77  
CYS CB   C  N N 78  
CYS SG   S  N N 79  
CYS OXT  O  N N 80  
CYS H    H  N N 81  
CYS H2   H  N N 82  
CYS HA   H  N N 83  
CYS HB2  H  N N 84  
CYS HB3  H  N N 85  
CYS HG   H  N N 86  
CYS HXT  H  N N 87  
GLN N    N  N N 88  
GLN CA   C  N S 89  
GLN C    C  N N 90  
GLN O    O  N N 91  
GLN CB   C  N N 92  
GLN CG   C  N N 93  
GLN CD   C  N N 94  
GLN OE1  O  N N 95  
GLN NE2  N  N N 96  
GLN OXT  O  N N 97  
GLN H    H  N N 98  
GLN H2   H  N N 99  
GLN HA   H  N N 100 
GLN HB2  H  N N 101 
GLN HB3  H  N N 102 
GLN HG2  H  N N 103 
GLN HG3  H  N N 104 
GLN HE21 H  N N 105 
GLN HE22 H  N N 106 
GLN HXT  H  N N 107 
GLU N    N  N N 108 
GLU CA   C  N S 109 
GLU C    C  N N 110 
GLU O    O  N N 111 
GLU CB   C  N N 112 
GLU CG   C  N N 113 
GLU CD   C  N N 114 
GLU OE1  O  N N 115 
GLU OE2  O  N N 116 
GLU OXT  O  N N 117 
GLU H    H  N N 118 
GLU H2   H  N N 119 
GLU HA   H  N N 120 
GLU HB2  H  N N 121 
GLU HB3  H  N N 122 
GLU HG2  H  N N 123 
GLU HG3  H  N N 124 
GLU HE2  H  N N 125 
GLU HXT  H  N N 126 
GLY N    N  N N 127 
GLY CA   C  N N 128 
GLY C    C  N N 129 
GLY O    O  N N 130 
GLY OXT  O  N N 131 
GLY H    H  N N 132 
GLY H2   H  N N 133 
GLY HA2  H  N N 134 
GLY HA3  H  N N 135 
GLY HXT  H  N N 136 
HIS N    N  N N 137 
HIS CA   C  N S 138 
HIS C    C  N N 139 
HIS O    O  N N 140 
HIS CB   C  N N 141 
HIS CG   C  Y N 142 
HIS ND1  N  Y N 143 
HIS CD2  C  Y N 144 
HIS CE1  C  Y N 145 
HIS NE2  N  Y N 146 
HIS OXT  O  N N 147 
HIS H    H  N N 148 
HIS H2   H  N N 149 
HIS HA   H  N N 150 
HIS HB2  H  N N 151 
HIS HB3  H  N N 152 
HIS HD1  H  N N 153 
HIS HD2  H  N N 154 
HIS HE1  H  N N 155 
HIS HE2  H  N N 156 
HIS HXT  H  N N 157 
HOH O    O  N N 158 
HOH H1   H  N N 159 
HOH H2   H  N N 160 
ILE N    N  N N 161 
ILE CA   C  N S 162 
ILE C    C  N N 163 
ILE O    O  N N 164 
ILE CB   C  N S 165 
ILE CG1  C  N N 166 
ILE CG2  C  N N 167 
ILE CD1  C  N N 168 
ILE OXT  O  N N 169 
ILE H    H  N N 170 
ILE H2   H  N N 171 
ILE HA   H  N N 172 
ILE HB   H  N N 173 
ILE HG12 H  N N 174 
ILE HG13 H  N N 175 
ILE HG21 H  N N 176 
ILE HG22 H  N N 177 
ILE HG23 H  N N 178 
ILE HD11 H  N N 179 
ILE HD12 H  N N 180 
ILE HD13 H  N N 181 
ILE HXT  H  N N 182 
LEU N    N  N N 183 
LEU CA   C  N S 184 
LEU C    C  N N 185 
LEU O    O  N N 186 
LEU CB   C  N N 187 
LEU CG   C  N N 188 
LEU CD1  C  N N 189 
LEU CD2  C  N N 190 
LEU OXT  O  N N 191 
LEU H    H  N N 192 
LEU H2   H  N N 193 
LEU HA   H  N N 194 
LEU HB2  H  N N 195 
LEU HB3  H  N N 196 
LEU HG   H  N N 197 
LEU HD11 H  N N 198 
LEU HD12 H  N N 199 
LEU HD13 H  N N 200 
LEU HD21 H  N N 201 
LEU HD22 H  N N 202 
LEU HD23 H  N N 203 
LEU HXT  H  N N 204 
LYS N    N  N N 205 
LYS CA   C  N S 206 
LYS C    C  N N 207 
LYS O    O  N N 208 
LYS CB   C  N N 209 
LYS CG   C  N N 210 
LYS CD   C  N N 211 
LYS CE   C  N N 212 
LYS NZ   N  N N 213 
LYS OXT  O  N N 214 
LYS H    H  N N 215 
LYS H2   H  N N 216 
LYS HA   H  N N 217 
LYS HB2  H  N N 218 
LYS HB3  H  N N 219 
LYS HG2  H  N N 220 
LYS HG3  H  N N 221 
LYS HD2  H  N N 222 
LYS HD3  H  N N 223 
LYS HE2  H  N N 224 
LYS HE3  H  N N 225 
LYS HZ1  H  N N 226 
LYS HZ2  H  N N 227 
LYS HZ3  H  N N 228 
LYS HXT  H  N N 229 
MET N    N  N N 230 
MET CA   C  N S 231 
MET C    C  N N 232 
MET O    O  N N 233 
MET CB   C  N N 234 
MET CG   C  N N 235 
MET SD   S  N N 236 
MET CE   C  N N 237 
MET OXT  O  N N 238 
MET H    H  N N 239 
MET H2   H  N N 240 
MET HA   H  N N 241 
MET HB2  H  N N 242 
MET HB3  H  N N 243 
MET HG2  H  N N 244 
MET HG3  H  N N 245 
MET HE1  H  N N 246 
MET HE2  H  N N 247 
MET HE3  H  N N 248 
MET HXT  H  N N 249 
PHE N    N  N N 250 
PHE CA   C  N S 251 
PHE C    C  N N 252 
PHE O    O  N N 253 
PHE CB   C  N N 254 
PHE CG   C  Y N 255 
PHE CD1  C  Y N 256 
PHE CD2  C  Y N 257 
PHE CE1  C  Y N 258 
PHE CE2  C  Y N 259 
PHE CZ   C  Y N 260 
PHE OXT  O  N N 261 
PHE H    H  N N 262 
PHE H2   H  N N 263 
PHE HA   H  N N 264 
PHE HB2  H  N N 265 
PHE HB3  H  N N 266 
PHE HD1  H  N N 267 
PHE HD2  H  N N 268 
PHE HE1  H  N N 269 
PHE HE2  H  N N 270 
PHE HZ   H  N N 271 
PHE HXT  H  N N 272 
PMB C1   C  Y N 273 
PMB C2   C  Y N 274 
PMB C3   C  Y N 275 
PMB C4   C  Y N 276 
PMB C5   C  Y N 277 
PMB C6   C  Y N 278 
PMB S1   S  N N 279 
PMB O1   O  N N 280 
PMB O2   O  N N 281 
PMB O3   O  N N 282 
PMB HG   HG N N 283 
PMB H2   H  N N 284 
PMB H3   H  N N 285 
PMB H5   H  N N 286 
PMB H6   H  N N 287 
PMB HO3  H  N N 288 
PRO N    N  N N 289 
PRO CA   C  N S 290 
PRO C    C  N N 291 
PRO O    O  N N 292 
PRO CB   C  N N 293 
PRO CG   C  N N 294 
PRO CD   C  N N 295 
PRO OXT  O  N N 296 
PRO H    H  N N 297 
PRO HA   H  N N 298 
PRO HB2  H  N N 299 
PRO HB3  H  N N 300 
PRO HG2  H  N N 301 
PRO HG3  H  N N 302 
PRO HD2  H  N N 303 
PRO HD3  H  N N 304 
PRO HXT  H  N N 305 
SER N    N  N N 306 
SER CA   C  N S 307 
SER C    C  N N 308 
SER O    O  N N 309 
SER CB   C  N N 310 
SER OG   O  N N 311 
SER OXT  O  N N 312 
SER H    H  N N 313 
SER H2   H  N N 314 
SER HA   H  N N 315 
SER HB2  H  N N 316 
SER HB3  H  N N 317 
SER HG   H  N N 318 
SER HXT  H  N N 319 
THR N    N  N N 320 
THR CA   C  N S 321 
THR C    C  N N 322 
THR O    O  N N 323 
THR CB   C  N R 324 
THR OG1  O  N N 325 
THR CG2  C  N N 326 
THR OXT  O  N N 327 
THR H    H  N N 328 
THR H2   H  N N 329 
THR HA   H  N N 330 
THR HB   H  N N 331 
THR HG1  H  N N 332 
THR HG21 H  N N 333 
THR HG22 H  N N 334 
THR HG23 H  N N 335 
THR HXT  H  N N 336 
TRP N    N  N N 337 
TRP CA   C  N S 338 
TRP C    C  N N 339 
TRP O    O  N N 340 
TRP CB   C  N N 341 
TRP CG   C  Y N 342 
TRP CD1  C  Y N 343 
TRP CD2  C  Y N 344 
TRP NE1  N  Y N 345 
TRP CE2  C  Y N 346 
TRP CE3  C  Y N 347 
TRP CZ2  C  Y N 348 
TRP CZ3  C  Y N 349 
TRP CH2  C  Y N 350 
TRP OXT  O  N N 351 
TRP H    H  N N 352 
TRP H2   H  N N 353 
TRP HA   H  N N 354 
TRP HB2  H  N N 355 
TRP HB3  H  N N 356 
TRP HD1  H  N N 357 
TRP HE1  H  N N 358 
TRP HE3  H  N N 359 
TRP HZ2  H  N N 360 
TRP HZ3  H  N N 361 
TRP HH2  H  N N 362 
TRP HXT  H  N N 363 
TYR N    N  N N 364 
TYR CA   C  N S 365 
TYR C    C  N N 366 
TYR O    O  N N 367 
TYR CB   C  N N 368 
TYR CG   C  Y N 369 
TYR CD1  C  Y N 370 
TYR CD2  C  Y N 371 
TYR CE1  C  Y N 372 
TYR CE2  C  Y N 373 
TYR CZ   C  Y N 374 
TYR OH   O  N N 375 
TYR OXT  O  N N 376 
TYR H    H  N N 377 
TYR H2   H  N N 378 
TYR HA   H  N N 379 
TYR HB2  H  N N 380 
TYR HB3  H  N N 381 
TYR HD1  H  N N 382 
TYR HD2  H  N N 383 
TYR HE1  H  N N 384 
TYR HE2  H  N N 385 
TYR HH   H  N N 386 
TYR HXT  H  N N 387 
VAL N    N  N N 388 
VAL CA   C  N S 389 
VAL C    C  N N 390 
VAL O    O  N N 391 
VAL CB   C  N N 392 
VAL CG1  C  N N 393 
VAL CG2  C  N N 394 
VAL OXT  O  N N 395 
VAL H    H  N N 396 
VAL H2   H  N N 397 
VAL HA   H  N N 398 
VAL HB   H  N N 399 
VAL HG11 H  N N 400 
VAL HG12 H  N N 401 
VAL HG13 H  N N 402 
VAL HG21 H  N N 403 
VAL HG22 H  N N 404 
VAL HG23 H  N N 405 
VAL HXT  H  N N 406 
# 
loop_
_chem_comp_bond.comp_id 
_chem_comp_bond.atom_id_1 
_chem_comp_bond.atom_id_2 
_chem_comp_bond.value_order 
_chem_comp_bond.pdbx_aromatic_flag 
_chem_comp_bond.pdbx_stereo_config 
_chem_comp_bond.pdbx_ordinal 
ALA N   CA   sing N N 1   
ALA N   H    sing N N 2   
ALA N   H2   sing N N 3   
ALA CA  C    sing N N 4   
ALA CA  CB   sing N N 5   
ALA CA  HA   sing N N 6   
ALA C   O    doub N N 7   
ALA C   OXT  sing N N 8   
ALA CB  HB1  sing N N 9   
ALA CB  HB2  sing N N 10  
ALA CB  HB3  sing N N 11  
ALA OXT HXT  sing N N 12  
ARG N   CA   sing N N 13  
ARG N   H    sing N N 14  
ARG N   H2   sing N N 15  
ARG CA  C    sing N N 16  
ARG CA  CB   sing N N 17  
ARG CA  HA   sing N N 18  
ARG C   O    doub N N 19  
ARG C   OXT  sing N N 20  
ARG CB  CG   sing N N 21  
ARG CB  HB2  sing N N 22  
ARG CB  HB3  sing N N 23  
ARG CG  CD   sing N N 24  
ARG CG  HG2  sing N N 25  
ARG CG  HG3  sing N N 26  
ARG CD  NE   sing N N 27  
ARG CD  HD2  sing N N 28  
ARG CD  HD3  sing N N 29  
ARG NE  CZ   sing N N 30  
ARG NE  HE   sing N N 31  
ARG CZ  NH1  sing N N 32  
ARG CZ  NH2  doub N N 33  
ARG NH1 HH11 sing N N 34  
ARG NH1 HH12 sing N N 35  
ARG NH2 HH21 sing N N 36  
ARG NH2 HH22 sing N N 37  
ARG OXT HXT  sing N N 38  
ASN N   CA   sing N N 39  
ASN N   H    sing N N 40  
ASN N   H2   sing N N 41  
ASN CA  C    sing N N 42  
ASN CA  CB   sing N N 43  
ASN CA  HA   sing N N 44  
ASN C   O    doub N N 45  
ASN C   OXT  sing N N 46  
ASN CB  CG   sing N N 47  
ASN CB  HB2  sing N N 48  
ASN CB  HB3  sing N N 49  
ASN CG  OD1  doub N N 50  
ASN CG  ND2  sing N N 51  
ASN ND2 HD21 sing N N 52  
ASN ND2 HD22 sing N N 53  
ASN OXT HXT  sing N N 54  
ASP N   CA   sing N N 55  
ASP N   H    sing N N 56  
ASP N   H2   sing N N 57  
ASP CA  C    sing N N 58  
ASP CA  CB   sing N N 59  
ASP CA  HA   sing N N 60  
ASP C   O    doub N N 61  
ASP C   OXT  sing N N 62  
ASP CB  CG   sing N N 63  
ASP CB  HB2  sing N N 64  
ASP CB  HB3  sing N N 65  
ASP CG  OD1  doub N N 66  
ASP CG  OD2  sing N N 67  
ASP OD2 HD2  sing N N 68  
ASP OXT HXT  sing N N 69  
CYS N   CA   sing N N 70  
CYS N   H    sing N N 71  
CYS N   H2   sing N N 72  
CYS CA  C    sing N N 73  
CYS CA  CB   sing N N 74  
CYS CA  HA   sing N N 75  
CYS C   O    doub N N 76  
CYS C   OXT  sing N N 77  
CYS CB  SG   sing N N 78  
CYS CB  HB2  sing N N 79  
CYS CB  HB3  sing N N 80  
CYS SG  HG   sing N N 81  
CYS OXT HXT  sing N N 82  
GLN N   CA   sing N N 83  
GLN N   H    sing N N 84  
GLN N   H2   sing N N 85  
GLN CA  C    sing N N 86  
GLN CA  CB   sing N N 87  
GLN CA  HA   sing N N 88  
GLN C   O    doub N N 89  
GLN C   OXT  sing N N 90  
GLN CB  CG   sing N N 91  
GLN CB  HB2  sing N N 92  
GLN CB  HB3  sing N N 93  
GLN CG  CD   sing N N 94  
GLN CG  HG2  sing N N 95  
GLN CG  HG3  sing N N 96  
GLN CD  OE1  doub N N 97  
GLN CD  NE2  sing N N 98  
GLN NE2 HE21 sing N N 99  
GLN NE2 HE22 sing N N 100 
GLN OXT HXT  sing N N 101 
GLU N   CA   sing N N 102 
GLU N   H    sing N N 103 
GLU N   H2   sing N N 104 
GLU CA  C    sing N N 105 
GLU CA  CB   sing N N 106 
GLU CA  HA   sing N N 107 
GLU C   O    doub N N 108 
GLU C   OXT  sing N N 109 
GLU CB  CG   sing N N 110 
GLU CB  HB2  sing N N 111 
GLU CB  HB3  sing N N 112 
GLU CG  CD   sing N N 113 
GLU CG  HG2  sing N N 114 
GLU CG  HG3  sing N N 115 
GLU CD  OE1  doub N N 116 
GLU CD  OE2  sing N N 117 
GLU OE2 HE2  sing N N 118 
GLU OXT HXT  sing N N 119 
GLY N   CA   sing N N 120 
GLY N   H    sing N N 121 
GLY N   H2   sing N N 122 
GLY CA  C    sing N N 123 
GLY CA  HA2  sing N N 124 
GLY CA  HA3  sing N N 125 
GLY C   O    doub N N 126 
GLY C   OXT  sing N N 127 
GLY OXT HXT  sing N N 128 
HIS N   CA   sing N N 129 
HIS N   H    sing N N 130 
HIS N   H2   sing N N 131 
HIS CA  C    sing N N 132 
HIS CA  CB   sing N N 133 
HIS CA  HA   sing N N 134 
HIS C   O    doub N N 135 
HIS C   OXT  sing N N 136 
HIS CB  CG   sing N N 137 
HIS CB  HB2  sing N N 138 
HIS CB  HB3  sing N N 139 
HIS CG  ND1  sing Y N 140 
HIS CG  CD2  doub Y N 141 
HIS ND1 CE1  doub Y N 142 
HIS ND1 HD1  sing N N 143 
HIS CD2 NE2  sing Y N 144 
HIS CD2 HD2  sing N N 145 
HIS CE1 NE2  sing Y N 146 
HIS CE1 HE1  sing N N 147 
HIS NE2 HE2  sing N N 148 
HIS OXT HXT  sing N N 149 
HOH O   H1   sing N N 150 
HOH O   H2   sing N N 151 
ILE N   CA   sing N N 152 
ILE N   H    sing N N 153 
ILE N   H2   sing N N 154 
ILE CA  C    sing N N 155 
ILE CA  CB   sing N N 156 
ILE CA  HA   sing N N 157 
ILE C   O    doub N N 158 
ILE C   OXT  sing N N 159 
ILE CB  CG1  sing N N 160 
ILE CB  CG2  sing N N 161 
ILE CB  HB   sing N N 162 
ILE CG1 CD1  sing N N 163 
ILE CG1 HG12 sing N N 164 
ILE CG1 HG13 sing N N 165 
ILE CG2 HG21 sing N N 166 
ILE CG2 HG22 sing N N 167 
ILE CG2 HG23 sing N N 168 
ILE CD1 HD11 sing N N 169 
ILE CD1 HD12 sing N N 170 
ILE CD1 HD13 sing N N 171 
ILE OXT HXT  sing N N 172 
LEU N   CA   sing N N 173 
LEU N   H    sing N N 174 
LEU N   H2   sing N N 175 
LEU CA  C    sing N N 176 
LEU CA  CB   sing N N 177 
LEU CA  HA   sing N N 178 
LEU C   O    doub N N 179 
LEU C   OXT  sing N N 180 
LEU CB  CG   sing N N 181 
LEU CB  HB2  sing N N 182 
LEU CB  HB3  sing N N 183 
LEU CG  CD1  sing N N 184 
LEU CG  CD2  sing N N 185 
LEU CG  HG   sing N N 186 
LEU CD1 HD11 sing N N 187 
LEU CD1 HD12 sing N N 188 
LEU CD1 HD13 sing N N 189 
LEU CD2 HD21 sing N N 190 
LEU CD2 HD22 sing N N 191 
LEU CD2 HD23 sing N N 192 
LEU OXT HXT  sing N N 193 
LYS N   CA   sing N N 194 
LYS N   H    sing N N 195 
LYS N   H2   sing N N 196 
LYS CA  C    sing N N 197 
LYS CA  CB   sing N N 198 
LYS CA  HA   sing N N 199 
LYS C   O    doub N N 200 
LYS C   OXT  sing N N 201 
LYS CB  CG   sing N N 202 
LYS CB  HB2  sing N N 203 
LYS CB  HB3  sing N N 204 
LYS CG  CD   sing N N 205 
LYS CG  HG2  sing N N 206 
LYS CG  HG3  sing N N 207 
LYS CD  CE   sing N N 208 
LYS CD  HD2  sing N N 209 
LYS CD  HD3  sing N N 210 
LYS CE  NZ   sing N N 211 
LYS CE  HE2  sing N N 212 
LYS CE  HE3  sing N N 213 
LYS NZ  HZ1  sing N N 214 
LYS NZ  HZ2  sing N N 215 
LYS NZ  HZ3  sing N N 216 
LYS OXT HXT  sing N N 217 
MET N   CA   sing N N 218 
MET N   H    sing N N 219 
MET N   H2   sing N N 220 
MET CA  C    sing N N 221 
MET CA  CB   sing N N 222 
MET CA  HA   sing N N 223 
MET C   O    doub N N 224 
MET C   OXT  sing N N 225 
MET CB  CG   sing N N 226 
MET CB  HB2  sing N N 227 
MET CB  HB3  sing N N 228 
MET CG  SD   sing N N 229 
MET CG  HG2  sing N N 230 
MET CG  HG3  sing N N 231 
MET SD  CE   sing N N 232 
MET CE  HE1  sing N N 233 
MET CE  HE2  sing N N 234 
MET CE  HE3  sing N N 235 
MET OXT HXT  sing N N 236 
PHE N   CA   sing N N 237 
PHE N   H    sing N N 238 
PHE N   H2   sing N N 239 
PHE CA  C    sing N N 240 
PHE CA  CB   sing N N 241 
PHE CA  HA   sing N N 242 
PHE C   O    doub N N 243 
PHE C   OXT  sing N N 244 
PHE CB  CG   sing N N 245 
PHE CB  HB2  sing N N 246 
PHE CB  HB3  sing N N 247 
PHE CG  CD1  doub Y N 248 
PHE CG  CD2  sing Y N 249 
PHE CD1 CE1  sing Y N 250 
PHE CD1 HD1  sing N N 251 
PHE CD2 CE2  doub Y N 252 
PHE CD2 HD2  sing N N 253 
PHE CE1 CZ   doub Y N 254 
PHE CE1 HE1  sing N N 255 
PHE CE2 CZ   sing Y N 256 
PHE CE2 HE2  sing N N 257 
PHE CZ  HZ   sing N N 258 
PHE OXT HXT  sing N N 259 
PMB C1  C2   doub Y N 260 
PMB C1  C6   sing Y N 261 
PMB C1  S1   sing N N 262 
PMB C2  C3   sing Y N 263 
PMB C2  H2   sing N N 264 
PMB C3  C4   doub Y N 265 
PMB C3  H3   sing N N 266 
PMB C4  C5   sing Y N 267 
PMB C4  HG   sing N N 268 
PMB C5  C6   doub Y N 269 
PMB C5  H5   sing N N 270 
PMB C6  H6   sing N N 271 
PMB S1  O1   doub N N 272 
PMB S1  O2   doub N N 273 
PMB S1  O3   sing N N 274 
PMB O3  HO3  sing N N 275 
PRO N   CA   sing N N 276 
PRO N   CD   sing N N 277 
PRO N   H    sing N N 278 
PRO CA  C    sing N N 279 
PRO CA  CB   sing N N 280 
PRO CA  HA   sing N N 281 
PRO C   O    doub N N 282 
PRO C   OXT  sing N N 283 
PRO CB  CG   sing N N 284 
PRO CB  HB2  sing N N 285 
PRO CB  HB3  sing N N 286 
PRO CG  CD   sing N N 287 
PRO CG  HG2  sing N N 288 
PRO CG  HG3  sing N N 289 
PRO CD  HD2  sing N N 290 
PRO CD  HD3  sing N N 291 
PRO OXT HXT  sing N N 292 
SER N   CA   sing N N 293 
SER N   H    sing N N 294 
SER N   H2   sing N N 295 
SER CA  C    sing N N 296 
SER CA  CB   sing N N 297 
SER CA  HA   sing N N 298 
SER C   O    doub N N 299 
SER C   OXT  sing N N 300 
SER CB  OG   sing N N 301 
SER CB  HB2  sing N N 302 
SER CB  HB3  sing N N 303 
SER OG  HG   sing N N 304 
SER OXT HXT  sing N N 305 
THR N   CA   sing N N 306 
THR N   H    sing N N 307 
THR N   H2   sing N N 308 
THR CA  C    sing N N 309 
THR CA  CB   sing N N 310 
THR CA  HA   sing N N 311 
THR C   O    doub N N 312 
THR C   OXT  sing N N 313 
THR CB  OG1  sing N N 314 
THR CB  CG2  sing N N 315 
THR CB  HB   sing N N 316 
THR OG1 HG1  sing N N 317 
THR CG2 HG21 sing N N 318 
THR CG2 HG22 sing N N 319 
THR CG2 HG23 sing N N 320 
THR OXT HXT  sing N N 321 
TRP N   CA   sing N N 322 
TRP N   H    sing N N 323 
TRP N   H2   sing N N 324 
TRP CA  C    sing N N 325 
TRP CA  CB   sing N N 326 
TRP CA  HA   sing N N 327 
TRP C   O    doub N N 328 
TRP C   OXT  sing N N 329 
TRP CB  CG   sing N N 330 
TRP CB  HB2  sing N N 331 
TRP CB  HB3  sing N N 332 
TRP CG  CD1  doub Y N 333 
TRP CG  CD2  sing Y N 334 
TRP CD1 NE1  sing Y N 335 
TRP CD1 HD1  sing N N 336 
TRP CD2 CE2  doub Y N 337 
TRP CD2 CE3  sing Y N 338 
TRP NE1 CE2  sing Y N 339 
TRP NE1 HE1  sing N N 340 
TRP CE2 CZ2  sing Y N 341 
TRP CE3 CZ3  doub Y N 342 
TRP CE3 HE3  sing N N 343 
TRP CZ2 CH2  doub Y N 344 
TRP CZ2 HZ2  sing N N 345 
TRP CZ3 CH2  sing Y N 346 
TRP CZ3 HZ3  sing N N 347 
TRP CH2 HH2  sing N N 348 
TRP OXT HXT  sing N N 349 
TYR N   CA   sing N N 350 
TYR N   H    sing N N 351 
TYR N   H2   sing N N 352 
TYR CA  C    sing N N 353 
TYR CA  CB   sing N N 354 
TYR CA  HA   sing N N 355 
TYR C   O    doub N N 356 
TYR C   OXT  sing N N 357 
TYR CB  CG   sing N N 358 
TYR CB  HB2  sing N N 359 
TYR CB  HB3  sing N N 360 
TYR CG  CD1  doub Y N 361 
TYR CG  CD2  sing Y N 362 
TYR CD1 CE1  sing Y N 363 
TYR CD1 HD1  sing N N 364 
TYR CD2 CE2  doub Y N 365 
TYR CD2 HD2  sing N N 366 
TYR CE1 CZ   doub Y N 367 
TYR CE1 HE1  sing N N 368 
TYR CE2 CZ   sing Y N 369 
TYR CE2 HE2  sing N N 370 
TYR CZ  OH   sing N N 371 
TYR OH  HH   sing N N 372 
TYR OXT HXT  sing N N 373 
VAL N   CA   sing N N 374 
VAL N   H    sing N N 375 
VAL N   H2   sing N N 376 
VAL CA  C    sing N N 377 
VAL CA  CB   sing N N 378 
VAL CA  HA   sing N N 379 
VAL C   O    doub N N 380 
VAL C   OXT  sing N N 381 
VAL CB  CG1  sing N N 382 
VAL CB  CG2  sing N N 383 
VAL CB  HB   sing N N 384 
VAL CG1 HG11 sing N N 385 
VAL CG1 HG12 sing N N 386 
VAL CG1 HG13 sing N N 387 
VAL CG2 HG21 sing N N 388 
VAL CG2 HG22 sing N N 389 
VAL CG2 HG23 sing N N 390 
VAL OXT HXT  sing N N 391 
# 
_atom_sites.entry_id                    1HDK 
_atom_sites.fract_transf_matrix[1][1]   -0.01550083 
_atom_sites.fract_transf_matrix[1][2]   0.01063170 
_atom_sites.fract_transf_matrix[1][3]   -0.01377729 
_atom_sites.fract_transf_matrix[2][1]   -0.02215417 
_atom_sites.fract_transf_matrix[2][2]   -0.00722406 
_atom_sites.fract_transf_matrix[2][3]   -0.00035899 
_atom_sites.fract_transf_matrix[3][1]   -0.00083974 
_atom_sites.fract_transf_matrix[3][2]   0.00243492 
_atom_sites.fract_transf_matrix[3][3]   0.00282377 
_atom_sites.fract_transf_vector[1]      0.283753 
_atom_sites.fract_transf_vector[2]      0.702849 
_atom_sites.fract_transf_vector[3]      0.302099 
# 
loop_
_atom_type.symbol 
C  
HG 
N  
O  
S  
# 
loop_
_atom_site.group_PDB 
_atom_site.id 
_atom_site.type_symbol 
_atom_site.label_atom_id 
_atom_site.label_alt_id 
_atom_site.label_comp_id 
_atom_site.label_asym_id 
_atom_site.label_entity_id 
_atom_site.label_seq_id 
_atom_site.pdbx_PDB_ins_code 
_atom_site.Cartn_x 
_atom_site.Cartn_y 
_atom_site.Cartn_z 
_atom_site.occupancy 
_atom_site.B_iso_or_equiv 
_atom_site.pdbx_formal_charge 
_atom_site.auth_seq_id 
_atom_site.auth_comp_id 
_atom_site.auth_asym_id 
_atom_site.auth_atom_id 
_atom_site.pdbx_PDB_model_num 
ATOM   1    N  N   . SER A 1 1   ? -11.733 -13.891 -3.770  1.00 56.02 ? 2    SER A N   1 
ATOM   2    C  CA  . SER A 1 1   ? -11.773 -13.269 -5.122  1.00 55.29 ? 2    SER A CA  1 
ATOM   3    C  C   . SER A 1 1   ? -12.853 -12.195 -5.199  1.00 53.00 ? 2    SER A C   1 
ATOM   4    O  O   . SER A 1 1   ? -13.108 -11.628 -6.264  1.00 53.36 ? 2    SER A O   1 
ATOM   5    C  CB  . SER A 1 1   ? -12.012 -14.340 -6.193  1.00 58.15 ? 2    SER A CB  1 
ATOM   6    O  OG  . SER A 1 1   ? -10.830 -14.582 -6.950  1.00 61.94 ? 2    SER A OG  1 
ATOM   7    N  N   . LEU A 1 2   ? -13.500 -11.928 -4.070  1.00 49.76 ? 3    LEU A N   1 
ATOM   8    C  CA  . LEU A 1 2   ? -14.515 -10.884 -4.016  1.00 46.92 ? 3    LEU A CA  1 
ATOM   9    C  C   . LEU A 1 2   ? -13.686 -9.612  -4.172  1.00 43.61 ? 3    LEU A C   1 
ATOM   10   O  O   . LEU A 1 2   ? -12.462 -9.676  -4.106  1.00 45.17 ? 3    LEU A O   1 
ATOM   11   C  CB  . LEU A 1 2   ? -15.215 -10.908 -2.655  1.00 47.51 ? 3    LEU A CB  1 
ATOM   12   C  CG  . LEU A 1 2   ? -14.859 -12.107 -1.770  1.00 47.71 ? 3    LEU A CG  1 
ATOM   13   C  CD1 . LEU A 1 2   ? -14.288 -11.624 -0.441  1.00 47.37 ? 3    LEU A CD1 1 
ATOM   14   C  CD2 . LEU A 1 2   ? -16.102 -12.965 -1.551  1.00 48.81 ? 3    LEU A CD2 1 
ATOM   15   N  N   . LEU A 1 3   ? -14.318 -8.465  -4.379  1.00 39.05 ? 4    LEU A N   1 
ATOM   16   C  CA  . LEU A 1 3   ? -13.556 -7.223  -4.536  1.00 32.52 ? 4    LEU A CA  1 
ATOM   17   C  C   . LEU A 1 3   ? -12.699 -7.263  -5.796  1.00 28.67 ? 4    LEU A C   1 
ATOM   18   O  O   . LEU A 1 3   ? -11.744 -8.025  -5.901  1.00 27.65 ? 4    LEU A O   1 
ATOM   19   C  CB  . LEU A 1 3   ? -12.650 -6.979  -3.323  1.00 31.02 ? 4    LEU A CB  1 
ATOM   20   C  CG  . LEU A 1 3   ? -13.287 -6.545  -2.000  1.00 29.45 ? 4    LEU A CG  1 
ATOM   21   C  CD1 . LEU A 1 3   ? -12.445 -5.438  -1.411  1.00 29.31 ? 4    LEU A CD1 1 
ATOM   22   C  CD2 . LEU A 1 3   ? -14.723 -6.082  -2.205  1.00 29.25 ? 4    LEU A CD2 1 
ATOM   23   N  N   . PRO A 1 4   ? -13.018 -6.410  -6.764  1.00 26.18 ? 5    PRO A N   1 
ATOM   24   C  CA  . PRO A 1 4   ? -12.254 -6.381  -8.011  1.00 24.96 ? 5    PRO A CA  1 
ATOM   25   C  C   . PRO A 1 4   ? -10.885 -5.724  -7.864  1.00 23.07 ? 5    PRO A C   1 
ATOM   26   O  O   . PRO A 1 4   ? -10.679 -4.886  -6.987  1.00 23.60 ? 5    PRO A O   1 
ATOM   27   C  CB  . PRO A 1 4   ? -13.153 -5.590  -8.944  1.00 27.27 ? 5    PRO A CB  1 
ATOM   28   C  CG  . PRO A 1 4   ? -13.849 -4.617  -8.012  1.00 26.47 ? 5    PRO A CG  1 
ATOM   29   C  CD  . PRO A 1 4   ? -14.092 -5.398  -6.745  1.00 25.56 ? 5    PRO A CD  1 
ATOM   30   N  N   . VAL A 1 5   ? -9.957  -6.111  -8.735  1.00 20.08 ? 6    VAL A N   1 
ATOM   31   C  CA  . VAL A 1 5   ? -8.607  -5.554  -8.756  1.00 17.16 ? 6    VAL A CA  1 
ATOM   32   C  C   . VAL A 1 5   ? -8.352  -5.176  -10.215 1.00 17.24 ? 6    VAL A C   1 
ATOM   33   O  O   . VAL A 1 5   ? -8.595  -5.985  -11.111 1.00 20.18 ? 6    VAL A O   1 
ATOM   34   C  CB  . VAL A 1 5   ? -7.551  -6.595  -8.326  1.00 16.35 ? 6    VAL A CB  1 
ATOM   35   C  CG1 . VAL A 1 5   ? -6.146  -6.005  -8.467  1.00 16.03 ? 6    VAL A CG1 1 
ATOM   36   C  CG2 . VAL A 1 5   ? -7.810  -7.047  -6.892  1.00 16.77 ? 6    VAL A CG2 1 
ATOM   37   N  N   . PRO A 1 6   ? -7.875  -3.948  -10.483 1.00 16.01 ? 7    PRO A N   1 
ATOM   38   C  CA  . PRO A 1 6   ? -7.551  -2.876  -9.536  1.00 14.54 ? 7    PRO A CA  1 
ATOM   39   C  C   . PRO A 1 6   ? -8.730  -2.463  -8.675  1.00 14.12 ? 7    PRO A C   1 
ATOM   40   O  O   . PRO A 1 6   ? -9.853  -2.310  -9.158  1.00 14.67 ? 7    PRO A O   1 
ATOM   41   C  CB  . PRO A 1 6   ? -7.086  -1.729  -10.428 1.00 14.27 ? 7    PRO A CB  1 
ATOM   42   C  CG  . PRO A 1 6   ? -6.703  -2.366  -11.709 1.00 15.65 ? 7    PRO A CG  1 
ATOM   43   C  CD  . PRO A 1 6   ? -7.635  -3.521  -11.871 1.00 15.22 ? 7    PRO A CD  1 
ATOM   44   N  N   . TYR A 1 7   ? -8.465  -2.292  -7.391  1.00 13.17 ? 8    TYR A N   1 
ATOM   45   C  CA  . TYR A 1 7   ? -9.489  -1.876  -6.448  1.00 13.00 ? 8    TYR A CA  1 
ATOM   46   C  C   . TYR A 1 7   ? -9.262  -0.406  -6.056  1.00 12.78 ? 8    TYR A C   1 
ATOM   47   O  O   . TYR A 1 7   ? -8.159  -0.014  -5.662  1.00 11.07 ? 8    TYR A O   1 
ATOM   48   C  CB  . TYR A 1 7   ? -9.444  -2.766  -5.207  1.00 13.16 ? 8    TYR A CB  1 
ATOM   49   C  CG  . TYR A 1 7   ? -10.550 -2.448  -4.236  1.00 17.58 ? 8    TYR A CG  1 
ATOM   50   C  CD1 . TYR A 1 7   ? -11.864 -2.812  -4.515  1.00 19.29 ? 8    TYR A CD1 1 
ATOM   51   C  CD2 . TYR A 1 7   ? -10.297 -1.719  -3.074  1.00 16.71 ? 8    TYR A CD2 1 
ATOM   52   C  CE1 . TYR A 1 7   ? -12.901 -2.453  -3.671  1.00 22.18 ? 8    TYR A CE1 1 
ATOM   53   C  CE2 . TYR A 1 7   ? -11.329 -1.354  -2.219  1.00 19.74 ? 8    TYR A CE2 1 
ATOM   54   C  CZ  . TYR A 1 7   ? -12.630 -1.721  -2.526  1.00 21.89 ? 8    TYR A CZ  1 
ATOM   55   O  OH  . TYR A 1 7   ? -13.668 -1.333  -1.710  1.00 24.73 ? 8    TYR A OH  1 
ATOM   56   N  N   . THR A 1 8   ? -10.310 0.403   -6.179  1.00 12.54 ? 9    THR A N   1 
ATOM   57   C  CA  . THR A 1 8   ? -10.231 1.822   -5.840  1.00 12.91 ? 9    THR A CA  1 
ATOM   58   C  C   . THR A 1 8   ? -11.335 2.165   -4.859  1.00 13.59 ? 9    THR A C   1 
ATOM   59   O  O   . THR A 1 8   ? -12.477 1.765   -5.055  1.00 13.34 ? 9    THR A O   1 
ATOM   60   C  CB  . THR A 1 8   ? -10.436 2.707   -7.076  1.00 14.25 ? 9    THR A CB  1 
ATOM   61   O  OG1 . THR A 1 8   ? -9.409  2.436   -8.035  1.00 18.15 ? 9    THR A OG1 1 
ATOM   62   C  CG2 . THR A 1 8   ? -10.375 4.168   -6.698  1.00 17.68 ? 9    THR A CG2 1 
ATOM   63   N  N   . GLU A 1 9   ? -10.998 2.897   -3.803  1.00 12.30 ? 10   GLU A N   1 
ATOM   64   C  CA  . GLU A 1 9   ? -11.988 3.304   -2.817  1.00 12.86 ? 10   GLU A CA  1 
ATOM   65   C  C   . GLU A 1 9   ? -11.687 4.722   -2.350  1.00 13.18 ? 10   GLU A C   1 
ATOM   66   O  O   . GLU A 1 9   ? -10.543 5.054   -2.033  1.00 13.31 ? 10   GLU A O   1 
ATOM   67   C  CB  . GLU A 1 9   ? -11.988 2.358   -1.605  1.00 12.69 ? 10   GLU A CB  1 
ATOM   68   C  CG  . GLU A 1 9   ? -13.052 2.712   -0.562  1.00 16.95 ? 10   GLU A CG  1 
ATOM   69   C  CD  . GLU A 1 9   ? -13.235 1.649   0.500   1.00 17.97 ? 10   GLU A CD  1 
ATOM   70   O  OE1 . GLU A 1 9   ? -13.454 0.478   0.141   1.00 17.06 ? 10   GLU A OE1 1 
ATOM   71   O  OE2 . GLU A 1 9   ? -13.171 1.983   1.701   1.00 20.72 ? 10   GLU A OE2 1 
ATOM   72   N  N   . ALA A 1 10  ? -12.709 5.571   -2.327  1.00 13.26 ? 11   ALA A N   1 
ATOM   73   C  CA  . ALA A 1 10  ? -12.511 6.929   -1.853  1.00 13.36 ? 11   ALA A CA  1 
ATOM   74   C  C   . ALA A 1 10  ? -12.214 6.786   -0.364  1.00 14.78 ? 11   ALA A C   1 
ATOM   75   O  O   . ALA A 1 10  ? -12.782 5.921   0.312   1.00 15.31 ? 11   ALA A O   1 
ATOM   76   C  CB  . ALA A 1 10  ? -13.770 7.754   -2.066  1.00 13.71 ? 11   ALA A CB  1 
ATOM   77   N  N   . ALA A 1 11  ? -11.315 7.620   0.147   1.00 14.18 ? 12   ALA A N   1 
ATOM   78   C  CA  . ALA A 1 11  ? -10.957 7.543   1.546   1.00 15.29 ? 12   ALA A CA  1 
ATOM   79   C  C   . ALA A 1 11  ? -10.412 8.859   2.059   1.00 16.53 ? 12   ALA A C   1 
ATOM   80   O  O   . ALA A 1 11  ? -10.022 9.731   1.290   1.00 18.00 ? 12   ALA A O   1 
ATOM   81   C  CB  . ALA A 1 11  ? -9.909  6.435   1.755   1.00 16.42 ? 12   ALA A CB  1 
ATOM   82   N  N   . SER A 1 12  ? -10.405 8.999   3.376   1.00 17.25 ? 13   SER A N   1 
ATOM   83   C  CA  . SER A 1 12  ? -9.859  10.182  4.005   1.00 19.06 ? 13   SER A CA  1 
ATOM   84   C  C   . SER A 1 12  ? -9.086  9.640   5.189   1.00 18.02 ? 13   SER A C   1 
ATOM   85   O  O   . SER A 1 12  ? -9.584  8.797   5.930   1.00 18.82 ? 13   SER A O   1 
ATOM   86   C  CB  . SER A 1 12  ? -10.972 11.140  4.437   1.00 20.32 ? 13   SER A CB  1 
ATOM   87   O  OG  . SER A 1 12  ? -11.737 10.589  5.481   1.00 27.58 ? 13   SER A OG  1 
ATOM   88   N  N   . LEU A 1 13  ? -7.852  10.101  5.339   1.00 17.15 ? 14   LEU A N   1 
ATOM   89   C  CA  . LEU A 1 13  ? -6.995  9.647   6.415   1.00 17.26 ? 14   LEU A CA  1 
ATOM   90   C  C   . LEU A 1 13  ? -6.527  10.777  7.305   1.00 18.69 ? 14   LEU A C   1 
ATOM   91   O  O   . LEU A 1 13  ? -6.404  11.920  6.873   1.00 19.15 ? 14   LEU A O   1 
ATOM   92   C  CB  . LEU A 1 13  ? -5.757  8.963   5.845   1.00 16.09 ? 14   LEU A CB  1 
ATOM   93   C  CG  . LEU A 1 13  ? -5.966  7.946   4.729   1.00 17.67 ? 14   LEU A CG  1 
ATOM   94   C  CD1 . LEU A 1 13  ? -4.607  7.570   4.156   1.00 17.57 ? 14   LEU A CD1 1 
ATOM   95   C  CD2 . LEU A 1 13  ? -6.685  6.714   5.269   1.00 17.56 ? 14   LEU A CD2 1 
ATOM   96   N  N   . SER A 1 14  ? -6.250  10.438  8.556   1.00 19.62 ? 15   SER A N   1 
ATOM   97   C  CA  . SER A 1 14  ? -5.742  11.397  9.527   1.00 20.87 ? 15   SER A CA  1 
ATOM   98   C  C   . SER A 1 14  ? -4.963  10.561  10.531  1.00 20.26 ? 15   SER A C   1 
ATOM   99   O  O   . SER A 1 14  ? -5.039  9.329   10.503  1.00 20.05 ? 15   SER A O   1 
ATOM   100  C  CB  . SER A 1 14  ? -6.889  12.138  10.214  1.00 21.20 ? 15   SER A CB  1 
ATOM   101  O  OG  . SER A 1 14  ? -7.751  11.229  10.875  1.00 27.71 ? 15   SER A OG  1 
ATOM   102  N  N   . THR A 1 15  ? -4.203  11.211  11.402  1.00 19.17 ? 16   THR A N   1 
ATOM   103  C  CA  . THR A 1 15  ? -3.435  10.476  12.393  1.00 19.29 ? 16   THR A CA  1 
ATOM   104  C  C   . THR A 1 15  ? -4.353  9.529   13.149  1.00 19.24 ? 16   THR A C   1 
ATOM   105  O  O   . THR A 1 15  ? -5.424  9.925   13.613  1.00 19.39 ? 16   THR A O   1 
ATOM   106  C  CB  . THR A 1 15  ? -2.755  11.421  13.388  1.00 19.78 ? 16   THR A CB  1 
ATOM   107  O  OG1 . THR A 1 15  ? -1.986  12.388  12.668  1.00 22.53 ? 16   THR A OG1 1 
ATOM   108  C  CG2 . THR A 1 15  ? -1.832  10.644  14.299  1.00 20.03 ? 16   THR A CG2 1 
ATOM   109  N  N   . GLY A 1 16  ? -3.932  8.272   13.261  1.00 18.18 ? 17   GLY A N   1 
ATOM   110  C  CA  . GLY A 1 16  ? -4.735  7.283   13.952  1.00 17.10 ? 17   GLY A CA  1 
ATOM   111  C  C   . GLY A 1 16  ? -5.477  6.362   13.000  1.00 17.18 ? 17   GLY A C   1 
ATOM   112  O  O   . GLY A 1 16  ? -5.916  5.285   13.400  1.00 18.65 ? 17   GLY A O   1 
ATOM   113  N  N   . SER A 1 17  ? -5.622  6.777   11.743  1.00 16.46 ? 18   SER A N   1 
ATOM   114  C  CA  . SER A 1 17  ? -6.324  5.970   10.746  1.00 15.05 ? 18   SER A CA  1 
ATOM   115  C  C   . SER A 1 17  ? -5.546  4.697   10.428  1.00 15.51 ? 18   SER A C   1 
ATOM   116  O  O   . SER A 1 17  ? -4.323  4.675   10.484  1.00 15.31 ? 18   SER A O   1 
ATOM   117  C  CB  . SER A 1 17  ? -6.510  6.766   9.457   1.00 14.51 ? 18   SER A CB  1 
ATOM   118  O  OG  . SER A 1 17  ? -7.509  7.753   9.593   1.00 16.05 ? 18   SER A OG  1 
ATOM   119  N  N   . THR A 1 18  ? -6.263  3.634   10.095  1.00 15.48 ? 19   THR A N   1 
ATOM   120  C  CA  . THR A 1 18  ? -5.621  2.378   9.745   1.00 16.97 ? 19   THR A CA  1 
ATOM   121  C  C   . THR A 1 18  ? -6.270  1.825   8.481   1.00 16.66 ? 19   THR A C   1 
ATOM   122  O  O   . THR A 1 18  ? -7.492  1.829   8.350   1.00 17.78 ? 19   THR A O   1 
ATOM   123  C  CB  . THR A 1 18  ? -5.761  1.335   10.872  1.00 17.35 ? 19   THR A CB  1 
ATOM   124  O  OG1 . THR A 1 18  ? -4.863  1.660   11.937  1.00 20.49 ? 19   THR A OG1 1 
ATOM   125  C  CG2 . THR A 1 18  ? -5.407  -0.051  10.365  1.00 21.33 ? 19   THR A CG2 1 
ATOM   126  N  N   . VAL A 1 19  ? -5.444  1.378   7.541   1.00 15.31 ? 20   VAL A N   1 
ATOM   127  C  CA  . VAL A 1 19  ? -5.942  0.784   6.305   1.00 13.65 ? 20   VAL A CA  1 
ATOM   128  C  C   . VAL A 1 19  ? -5.515  -0.677  6.390   1.00 13.39 ? 20   VAL A C   1 
ATOM   129  O  O   . VAL A 1 19  ? -4.330  -0.974  6.565   1.00 13.45 ? 20   VAL A O   1 
ATOM   130  C  CB  . VAL A 1 19  ? -5.310  1.438   5.050   1.00 12.45 ? 20   VAL A CB  1 
ATOM   131  C  CG1 . VAL A 1 19  ? -5.837  0.772   3.777   1.00 10.77 ? 20   VAL A CG1 1 
ATOM   132  C  CG2 . VAL A 1 19  ? -5.616  2.925   5.041   1.00 12.20 ? 20   VAL A CG2 1 
ATOM   133  N  N   . THR A 1 20  ? -6.482  -1.584  6.302   1.00 13.61 ? 21   THR A N   1 
ATOM   134  C  CA  . THR A 1 20  ? -6.194  -3.011  6.370   1.00 15.07 ? 21   THR A CA  1 
ATOM   135  C  C   . THR A 1 20  ? -6.532  -3.683  5.044   1.00 14.50 ? 21   THR A C   1 
ATOM   136  O  O   . THR A 1 20  ? -7.619  -3.507  4.506   1.00 14.96 ? 21   THR A O   1 
ATOM   137  C  CB  . THR A 1 20  ? -6.995  -3.683  7.479   1.00 16.02 ? 21   THR A CB  1 
ATOM   138  O  OG1 . THR A 1 20  ? -6.638  -3.096  8.733   1.00 19.10 ? 21   THR A OG1 1 
ATOM   139  C  CG2 . THR A 1 20  ? -6.682  -5.168  7.533   1.00 17.33 ? 21   THR A CG2 1 
ATOM   140  N  N   . ILE A 1 21  ? -5.585  -4.452  4.526   1.00 14.37 ? 22   ILE A N   1 
ATOM   141  C  CA  . ILE A 1 21  ? -5.765  -5.140  3.263   1.00 15.02 ? 22   ILE A CA  1 
ATOM   142  C  C   . ILE A 1 21  ? -5.452  -6.608  3.456   1.00 15.28 ? 22   ILE A C   1 
ATOM   143  O  O   . ILE A 1 21  ? -4.428  -6.961  4.037   1.00 16.31 ? 22   ILE A O   1 
ATOM   144  C  CB  . ILE A 1 21  ? -4.815  -4.556  2.188   1.00 16.47 ? 22   ILE A CB  1 
ATOM   145  C  CG1 . ILE A 1 21  ? -5.215  -3.106  1.885   1.00 17.07 ? 22   ILE A CG1 1 
ATOM   146  C  CG2 . ILE A 1 21  ? -4.847  -5.406  0.927   1.00 17.87 ? 22   ILE A CG2 1 
ATOM   147  C  CD1 . ILE A 1 21  ? -4.119  -2.283  1.227   1.00 18.43 ? 22   ILE A CD1 1 
ATOM   148  N  N   . LYS A 1 22  ? -6.353  -7.461  2.990   1.00 15.02 ? 23   LYS A N   1 
ATOM   149  C  CA  . LYS A 1 22  ? -6.155  -8.896  3.078   1.00 16.52 ? 23   LYS A CA  1 
ATOM   150  C  C   . LYS A 1 22  ? -6.233  -9.433  1.657   1.00 15.69 ? 23   LYS A C   1 
ATOM   151  O  O   . LYS A 1 22  ? -7.182  -9.147  0.933   1.00 14.40 ? 23   LYS A O   1 
ATOM   152  C  CB  . LYS A 1 22  ? -7.234  -9.541  3.939   1.00 19.26 ? 23   LYS A CB  1 
ATOM   153  C  CG  . LYS A 1 22  ? -6.725  -10.724 4.727   1.00 27.17 ? 23   LYS A CG  1 
ATOM   154  C  CD  . LYS A 1 22  ? -7.689  -11.095 5.838   1.00 32.33 ? 23   LYS A CD  1 
ATOM   155  C  CE  . LYS A 1 22  ? -7.607  -10.108 6.986   1.00 35.77 ? 23   LYS A CE  1 
ATOM   156  N  NZ  . LYS A 1 22  ? -7.189  -10.806 8.240   1.00 39.94 ? 23   LYS A NZ  1 
ATOM   157  N  N   . GLY A 1 23  ? -5.224  -10.193 1.253   1.00 14.94 ? 24   GLY A N   1 
ATOM   158  C  CA  . GLY A 1 23  ? -5.217  -10.733 -0.090  1.00 15.76 ? 24   GLY A CA  1 
ATOM   159  C  C   . GLY A 1 23  ? -4.235  -11.869 -0.275  1.00 15.34 ? 24   GLY A C   1 
ATOM   160  O  O   . GLY A 1 23  ? -3.655  -12.374 0.684   1.00 14.11 ? 24   GLY A O   1 
ATOM   161  N  N   . ARG A 1 24  ? -4.032  -12.263 -1.523  1.00 16.20 ? 25   ARG A N   1 
ATOM   162  C  CA  . ARG A 1 24  ? -3.131  -13.359 -1.814  1.00 17.52 ? 25   ARG A CA  1 
ATOM   163  C  C   . ARG A 1 24  ? -2.482  -13.197 -3.189  1.00 15.47 ? 25   ARG A C   1 
ATOM   164  O  O   . ARG A 1 24  ? -3.135  -12.783 -4.146  1.00 15.31 ? 25   ARG A O   1 
ATOM   165  C  CB  . ARG A 1 24  ? -3.922  -14.668 -1.750  1.00 21.82 ? 25   ARG A CB  1 
ATOM   166  C  CG  . ARG A 1 24  ? -3.159  -15.898 -2.171  1.00 30.37 ? 25   ARG A CG  1 
ATOM   167  C  CD  . ARG A 1 24  ? -4.049  -17.122 -2.125  1.00 35.47 ? 25   ARG A CD  1 
ATOM   168  N  NE  . ARG A 1 24  ? -3.865  -17.855 -0.877  1.00 42.93 ? 25   ARG A NE  1 
ATOM   169  C  CZ  . ARG A 1 24  ? -4.861  -18.287 -0.108  1.00 46.22 ? 25   ARG A CZ  1 
ATOM   170  N  NH1 . ARG A 1 24  ? -6.122  -18.060 -0.459  1.00 48.47 ? 25   ARG A NH1 1 
ATOM   171  N  NH2 . ARG A 1 24  ? -4.595  -18.940 1.019   1.00 47.94 ? 25   ARG A NH2 1 
ATOM   172  N  N   . PRO A 1 25  ? -1.182  -13.522 -3.298  1.00 15.03 ? 26   PRO A N   1 
ATOM   173  C  CA  . PRO A 1 25  ? -0.495  -13.397 -4.585  1.00 13.97 ? 26   PRO A CA  1 
ATOM   174  C  C   . PRO A 1 25  ? -1.180  -14.339 -5.559  1.00 13.98 ? 26   PRO A C   1 
ATOM   175  O  O   . PRO A 1 25  ? -1.640  -15.407 -5.162  1.00 14.54 ? 26   PRO A O   1 
ATOM   176  C  CB  . PRO A 1 25  ? 0.937   -13.830 -4.284  1.00 14.75 ? 26   PRO A CB  1 
ATOM   177  C  CG  . PRO A 1 25  ? 1.067   -13.814 -2.802  1.00 14.56 ? 26   PRO A CG  1 
ATOM   178  C  CD  . PRO A 1 25  ? -0.295  -14.031 -2.239  1.00 15.08 ? 26   PRO A CD  1 
ATOM   179  N  N   . LEU A 1 26  ? -1.258  -13.950 -6.826  1.00 12.94 ? 27   LEU A N   1 
ATOM   180  C  CA  . LEU A 1 26  ? -1.914  -14.787 -7.818  1.00 14.19 ? 27   LEU A CA  1 
ATOM   181  C  C   . LEU A 1 26  ? -1.020  -15.881 -8.390  1.00 15.46 ? 27   LEU A C   1 
ATOM   182  O  O   . LEU A 1 26  ? -1.515  -16.896 -8.884  1.00 15.90 ? 27   LEU A O   1 
ATOM   183  C  CB  . LEU A 1 26  ? -2.438  -13.924 -8.958  1.00 13.02 ? 27   LEU A CB  1 
ATOM   184  C  CG  . LEU A 1 26  ? -3.645  -13.080 -8.579  1.00 11.06 ? 27   LEU A CG  1 
ATOM   185  C  CD1 . LEU A 1 26  ? -3.973  -12.165 -9.723  1.00 12.93 ? 27   LEU A CD1 1 
ATOM   186  C  CD2 . LEU A 1 26  ? -4.822  -13.977 -8.241  1.00 10.75 ? 27   LEU A CD2 1 
ATOM   187  N  N   . VAL A 1 27  ? 0.292   -15.676 -8.335  1.00 15.13 ? 28   VAL A N   1 
ATOM   188  C  CA  . VAL A 1 27  ? 1.213   -16.666 -8.862  1.00 16.56 ? 28   VAL A CA  1 
ATOM   189  C  C   . VAL A 1 27  ? 2.430   -16.864 -7.985  1.00 18.50 ? 28   VAL A C   1 
ATOM   190  O  O   . VAL A 1 27  ? 2.687   -16.109 -7.048  1.00 19.89 ? 28   VAL A O   1 
ATOM   191  C  CB  . VAL A 1 27  ? 1.703   -16.301 -10.288 1.00 16.11 ? 28   VAL A CB  1 
ATOM   192  C  CG1 . VAL A 1 27  ? 0.521   -15.975 -11.190 1.00 16.17 ? 28   VAL A CG1 1 
ATOM   193  C  CG2 . VAL A 1 27  ? 2.660   -15.127 -10.226 1.00 17.93 ? 28   VAL A CG2 1 
ATOM   194  N  N   . CYS A 1 28  ? 3.169   -17.907 -8.324  1.00 18.91 ? 29   CYS A N   1 
ATOM   195  C  CA  . CYS A 1 28  ? 4.394   -18.312 -7.659  1.00 19.46 ? 29   CYS A CA  1 
ATOM   196  C  C   . CYS A 1 28  ? 5.377   -17.151 -7.481  1.00 16.44 ? 29   CYS A C   1 
ATOM   197  O  O   . CYS A 1 28  ? 5.571   -16.365 -8.395  1.00 16.57 ? 29   CYS A O   1 
ATOM   198  C  CB  . CYS A 1 28  ? 5.024   -19.420 -8.517  1.00 23.16 ? 29   CYS A CB  1 
ATOM   199  S  SG  . CYS A 1 28  ? 6.538   -20.199 -7.892  1.00 36.42 ? 29   CYS A SG  1 
ATOM   200  N  N   . PHE A 1 29  ? 6.015   -17.055 -6.315  1.00 16.61 ? 30   PHE A N   1 
ATOM   201  C  CA  . PHE A 1 29  ? 6.985   -15.983 -6.069  1.00 16.59 ? 30   PHE A CA  1 
ATOM   202  C  C   . PHE A 1 29  ? 8.151   -16.063 -7.055  1.00 17.66 ? 30   PHE A C   1 
ATOM   203  O  O   . PHE A 1 29  ? 8.790   -15.056 -7.358  1.00 17.14 ? 30   PHE A O   1 
ATOM   204  C  CB  . PHE A 1 29  ? 7.533   -16.057 -4.637  1.00 17.68 ? 30   PHE A CB  1 
ATOM   205  C  CG  . PHE A 1 29  ? 6.674   -15.357 -3.602  1.00 17.64 ? 30   PHE A CG  1 
ATOM   206  C  CD1 . PHE A 1 29  ? 5.315   -15.128 -3.824  1.00 17.65 ? 30   PHE A CD1 1 
ATOM   207  C  CD2 . PHE A 1 29  ? 7.225   -14.965 -2.382  1.00 17.35 ? 30   PHE A CD2 1 
ATOM   208  C  CE1 . PHE A 1 29  ? 4.519   -14.528 -2.842  1.00 17.66 ? 30   PHE A CE1 1 
ATOM   209  C  CE2 . PHE A 1 29  ? 6.437   -14.365 -1.397  1.00 16.75 ? 30   PHE A CE2 1 
ATOM   210  C  CZ  . PHE A 1 29  ? 5.085   -14.150 -1.629  1.00 17.30 ? 30   PHE A CZ  1 
ATOM   211  N  N   . LEU A 1 30  ? 8.432   -17.269 -7.548  1.00 17.88 ? 31   LEU A N   1 
ATOM   212  C  CA  . LEU A 1 30  ? 9.506   -17.482 -8.522  1.00 16.99 ? 31   LEU A CA  1 
ATOM   213  C  C   . LEU A 1 30  ? 9.289   -16.579 -9.730  1.00 14.40 ? 31   LEU A C   1 
ATOM   214  O  O   . LEU A 1 30  ? 10.245  -16.113 -10.361 1.00 15.09 ? 31   LEU A O   1 
ATOM   215  C  CB  . LEU A 1 30  ? 9.499   -18.941 -8.998  1.00 21.55 ? 31   LEU A CB  1 
ATOM   216  C  CG  . LEU A 1 30  ? 10.694  -19.884 -8.821  1.00 25.26 ? 31   LEU A CG  1 
ATOM   217  C  CD1 . LEU A 1 30  ? 11.540  -19.870 -10.091 1.00 26.68 ? 31   LEU A CD1 1 
ATOM   218  C  CD2 . LEU A 1 30  ? 11.516  -19.481 -7.597  1.00 26.86 ? 31   LEU A CD2 1 
ATOM   219  N  N   . ASN A 1 31  ? 8.021   -16.337 -10.045 1.00 13.32 ? 32   ASN A N   1 
ATOM   220  C  CA  . ASN A 1 31  ? 7.644   -15.519 -11.189 1.00 12.75 ? 32   ASN A CA  1 
ATOM   221  C  C   . ASN A 1 31  ? 7.520   -14.034 -10.874 1.00 13.33 ? 32   ASN A C   1 
ATOM   222  O  O   . ASN A 1 31  ? 7.078   -13.254 -11.713 1.00 12.17 ? 32   ASN A O   1 
ATOM   223  C  CB  . ASN A 1 31  ? 6.347   -16.060 -11.790 1.00 11.94 ? 32   ASN A CB  1 
ATOM   224  C  CG  . ASN A 1 31  ? 6.542   -17.437 -12.402 1.00 16.34 ? 32   ASN A CG  1 
ATOM   225  O  OD1 . ASN A 1 31  ? 7.671   -17.825 -12.707 1.00 18.27 ? 32   ASN A OD1 1 
ATOM   226  N  ND2 . ASN A 1 31  ? 5.461   -18.183 -12.574 1.00 16.97 ? 32   ASN A ND2 1 
ATOM   227  N  N   . GLU A 1 32  ? 7.919   -13.663 -9.660  1.00 12.88 ? 33   GLU A N   1 
ATOM   228  C  CA  . GLU A 1 32  ? 7.908   -12.279 -9.200  1.00 14.20 ? 33   GLU A CA  1 
ATOM   229  C  C   . GLU A 1 32  ? 6.606   -11.495 -9.357  1.00 12.09 ? 33   GLU A C   1 
ATOM   230  O  O   . GLU A 1 32  ? 6.558   -10.487 -10.063 1.00 11.68 ? 33   GLU A O   1 
ATOM   231  C  CB  . GLU A 1 32  ? 9.059   -11.501 -9.867  1.00 17.28 ? 33   GLU A CB  1 
ATOM   232  C  CG  . GLU A 1 32  ? 10.456  -11.889 -9.345  1.00 22.11 ? 33   GLU A CG  1 
ATOM   233  C  CD  . GLU A 1 32  ? 11.609  -11.242 -10.115 1.00 24.61 ? 33   GLU A CD  1 
ATOM   234  O  OE1 . GLU A 1 32  ? 11.383  -10.289 -10.888 1.00 26.22 ? 33   GLU A OE1 1 
ATOM   235  O  OE2 . GLU A 1 32  ? 12.755  -11.694 -9.941  1.00 28.01 ? 33   GLU A OE2 1 
ATOM   236  N  N   . PRO A 1 33  ? 5.531   -11.949 -8.706  1.00 11.82 ? 34   PRO A N   1 
ATOM   237  C  CA  . PRO A 1 33  ? 4.288   -11.191 -8.843  1.00 11.13 ? 34   PRO A CA  1 
ATOM   238  C  C   . PRO A 1 33  ? 4.474   -9.905  -8.033  1.00 10.70 ? 34   PRO A C   1 
ATOM   239  O  O   . PRO A 1 33  ? 5.368   -9.822  -7.181  1.00 8.91  ? 34   PRO A O   1 
ATOM   240  C  CB  . PRO A 1 33  ? 3.229   -12.106 -8.237  1.00 11.46 ? 34   PRO A CB  1 
ATOM   241  C  CG  . PRO A 1 33  ? 3.979   -12.977 -7.285  1.00 13.21 ? 34   PRO A CG  1 
ATOM   242  C  CD  . PRO A 1 33  ? 5.381   -13.126 -7.833  1.00 12.31 ? 34   PRO A CD  1 
ATOM   243  N  N   . TYR A 1 34  ? 3.642   -8.906  -8.296  1.00 10.43 ? 35   TYR A N   1 
ATOM   244  C  CA  . TYR A 1 34  ? 3.736   -7.638  -7.582  1.00 12.21 ? 35   TYR A CA  1 
ATOM   245  C  C   . TYR A 1 34  ? 2.453   -7.318  -6.825  1.00 11.26 ? 35   TYR A C   1 
ATOM   246  O  O   . TYR A 1 34  ? 1.392   -7.888  -7.089  1.00 10.93 ? 35   TYR A O   1 
ATOM   247  C  CB  . TYR A 1 34  ? 3.974   -6.491  -8.557  1.00 14.77 ? 35   TYR A CB  1 
ATOM   248  C  CG  . TYR A 1 34  ? 5.356   -6.385  -9.134  1.00 20.55 ? 35   TYR A CG  1 
ATOM   249  C  CD1 . TYR A 1 34  ? 5.976   -7.476  -9.730  1.00 25.85 ? 35   TYR A CD1 1 
ATOM   250  C  CD2 . TYR A 1 34  ? 6.011   -5.160  -9.169  1.00 27.44 ? 35   TYR A CD2 1 
ATOM   251  C  CE1 . TYR A 1 34  ? 7.211   -7.351  -10.362 1.00 28.12 ? 35   TYR A CE1 1 
ATOM   252  C  CE2 . TYR A 1 34  ? 7.245   -5.018  -9.797  1.00 31.06 ? 35   TYR A CE2 1 
ATOM   253  C  CZ  . TYR A 1 34  ? 7.835   -6.118  -10.398 1.00 32.24 ? 35   TYR A CZ  1 
ATOM   254  O  OH  . TYR A 1 34  ? 9.029   -5.963  -11.069 1.00 37.54 ? 35   TYR A OH  1 
ATOM   255  N  N   . LEU A 1 35  ? 2.574   -6.391  -5.882  1.00 11.27 ? 36   LEU A N   1 
ATOM   256  C  CA  . LEU A 1 35  ? 1.441   -5.898  -5.109  1.00 9.21  ? 36   LEU A CA  1 
ATOM   257  C  C   . LEU A 1 35  ? 1.680   -4.402  -5.036  1.00 9.22  ? 36   LEU A C   1 
ATOM   258  O  O   . LEU A 1 35  ? 2.779   -3.975  -4.696  1.00 10.08 ? 36   LEU A O   1 
ATOM   259  C  CB  . LEU A 1 35  ? 1.430   -6.468  -3.687  1.00 12.24 ? 36   LEU A CB  1 
ATOM   260  C  CG  . LEU A 1 35  ? 0.605   -5.628  -2.701  1.00 10.44 ? 36   LEU A CG  1 
ATOM   261  C  CD1 . LEU A 1 35  ? -0.845  -5.641  -3.126  1.00 12.88 ? 36   LEU A CD1 1 
ATOM   262  C  CD2 . LEU A 1 35  ? 0.743   -6.174  -1.301  1.00 13.96 ? 36   LEU A CD2 1 
ATOM   263  N  N   . GLN A 1 36  ? 0.688   -3.594  -5.386  1.00 8.28  ? 37   GLN A N   1 
ATOM   264  C  CA  . GLN A 1 36  ? 0.888   -2.152  -5.285  1.00 8.87  ? 37   GLN A CA  1 
ATOM   265  C  C   . GLN A 1 36  ? -0.287  -1.473  -4.581  1.00 8.68  ? 37   GLN A C   1 
ATOM   266  O  O   . GLN A 1 36  ? -1.440  -1.793  -4.847  1.00 9.48  ? 37   GLN A O   1 
ATOM   267  C  CB  . GLN A 1 36  ? 1.109   -1.530  -6.669  1.00 6.83  ? 37   GLN A CB  1 
ATOM   268  C  CG  . GLN A 1 36  ? 1.528   -0.068  -6.617  1.00 7.39  ? 37   GLN A CG  1 
ATOM   269  C  CD  . GLN A 1 36  ? 2.173   0.415   -7.900  1.00 7.61  ? 37   GLN A CD  1 
ATOM   270  O  OE1 . GLN A 1 36  ? 2.953   -0.299  -8.515  1.00 11.38 ? 37   GLN A OE1 1 
ATOM   271  N  NE2 . GLN A 1 36  ? 1.855   1.638   -8.309  1.00 7.64  ? 37   GLN A NE2 1 
ATOM   272  N  N   . VAL A 1 37  ? 0.028   -0.563  -3.658  1.00 8.02  ? 38   VAL A N   1 
ATOM   273  C  CA  . VAL A 1 37  ? -0.968  0.216   -2.912  1.00 7.45  ? 38   VAL A CA  1 
ATOM   274  C  C   . VAL A 1 37  ? -0.556  1.688   -3.065  1.00 7.22  ? 38   VAL A C   1 
ATOM   275  O  O   . VAL A 1 37  ? 0.562   2.072   -2.693  1.00 7.68  ? 38   VAL A O   1 
ATOM   276  C  CB  . VAL A 1 37  ? -0.973  -0.136  -1.398  1.00 8.28  ? 38   VAL A CB  1 
ATOM   277  C  CG1 . VAL A 1 37  ? -2.017  0.697   -0.673  1.00 10.04 ? 38   VAL A CG1 1 
ATOM   278  C  CG2 . VAL A 1 37  ? -1.272  -1.602  -1.195  1.00 8.12  ? 38   VAL A CG2 1 
ATOM   279  N  N   . ASP A 1 38  ? -1.446  2.500   -3.636  1.00 6.95  ? 39   ASP A N   1 
ATOM   280  C  CA  . ASP A 1 38  ? -1.171  3.924   -3.835  1.00 7.74  ? 39   ASP A CA  1 
ATOM   281  C  C   . ASP A 1 38  ? -2.220  4.805   -3.165  1.00 8.53  ? 39   ASP A C   1 
ATOM   282  O  O   . ASP A 1 38  ? -3.416  4.599   -3.352  1.00 8.84  ? 39   ASP A O   1 
ATOM   283  C  CB  . ASP A 1 38  ? -1.153  4.270   -5.327  1.00 7.69  ? 39   ASP A CB  1 
ATOM   284  C  CG  . ASP A 1 38  ? -0.068  3.538   -6.086  1.00 8.25  ? 39   ASP A CG  1 
ATOM   285  O  OD1 . ASP A 1 38  ? 1.092   3.566   -5.637  1.00 7.60  ? 39   ASP A OD1 1 
ATOM   286  O  OD2 . ASP A 1 38  ? -0.379  2.940   -7.135  1.00 10.32 ? 39   ASP A OD2 1 
ATOM   287  N  N   . PHE A 1 39  ? -1.765  5.777   -2.376  1.00 8.87  ? 40   PHE A N   1 
ATOM   288  C  CA  . PHE A 1 39  ? -2.662  6.723   -1.713  1.00 8.12  ? 40   PHE A CA  1 
ATOM   289  C  C   . PHE A 1 39  ? -2.636  7.961   -2.623  1.00 8.17  ? 40   PHE A C   1 
ATOM   290  O  O   . PHE A 1 39  ? -1.620  8.637   -2.723  1.00 8.77  ? 40   PHE A O   1 
ATOM   291  C  CB  . PHE A 1 39  ? -2.132  7.082   -0.319  1.00 9.15  ? 40   PHE A CB  1 
ATOM   292  C  CG  . PHE A 1 39  ? -2.264  5.974   0.708   1.00 12.34 ? 40   PHE A CG  1 
ATOM   293  C  CD1 . PHE A 1 39  ? -2.732  4.711   0.361   1.00 12.79 ? 40   PHE A CD1 1 
ATOM   294  C  CD2 . PHE A 1 39  ? -1.916  6.207   2.038   1.00 12.96 ? 40   PHE A CD2 1 
ATOM   295  C  CE1 . PHE A 1 39  ? -2.855  3.701   1.325   1.00 13.84 ? 40   PHE A CE1 1 
ATOM   296  C  CE2 . PHE A 1 39  ? -2.036  5.199   3.006   1.00 13.09 ? 40   PHE A CE2 1 
ATOM   297  C  CZ  . PHE A 1 39  ? -2.507  3.949   2.647   1.00 12.33 ? 40   PHE A CZ  1 
ATOM   298  N  N   . HIS A 1 40  ? -3.745  8.244   -3.293  1.00 8.26  ? 41   HIS A N   1 
ATOM   299  C  CA  . HIS A 1 40  ? -3.825  9.366   -4.230  1.00 9.30  ? 41   HIS A CA  1 
ATOM   300  C  C   . HIS A 1 40  ? -4.453  10.630  -3.644  1.00 9.93  ? 41   HIS A C   1 
ATOM   301  O  O   . HIS A 1 40  ? -5.225  10.567  -2.690  1.00 10.57 ? 41   HIS A O   1 
ATOM   302  C  CB  . HIS A 1 40  ? -4.647  8.952   -5.453  1.00 9.17  ? 41   HIS A CB  1 
ATOM   303  C  CG  . HIS A 1 40  ? -3.908  8.080   -6.419  1.00 11.16 ? 41   HIS A CG  1 
ATOM   304  N  ND1 . HIS A 1 40  ? -3.213  8.586   -7.496  1.00 11.50 ? 41   HIS A ND1 1 
ATOM   305  C  CD2 . HIS A 1 40  ? -3.761  6.734   -6.473  1.00 11.06 ? 41   HIS A CD2 1 
ATOM   306  C  CE1 . HIS A 1 40  ? -2.670  7.590   -8.173  1.00 10.51 ? 41   HIS A CE1 1 
ATOM   307  N  NE2 . HIS A 1 40  ? -2.986  6.455   -7.573  1.00 10.10 ? 41   HIS A NE2 1 
ATOM   308  N  N   . THR A 1 41  ? -4.133  11.772  -4.244  1.00 10.64 ? 42   THR A N   1 
ATOM   309  C  CA  . THR A 1 41  ? -4.671  13.058  -3.811  1.00 11.70 ? 42   THR A CA  1 
ATOM   310  C  C   . THR A 1 41  ? -6.016  13.364  -4.473  1.00 13.55 ? 42   THR A C   1 
ATOM   311  O  O   . THR A 1 41  ? -6.746  14.236  -4.024  1.00 14.50 ? 42   THR A O   1 
ATOM   312  C  CB  . THR A 1 41  ? -3.705  14.209  -4.145  1.00 10.91 ? 42   THR A CB  1 
ATOM   313  O  OG1 . THR A 1 41  ? -3.492  14.254  -5.558  1.00 11.45 ? 42   THR A OG1 1 
ATOM   314  C  CG2 . THR A 1 41  ? -2.367  14.013  -3.435  1.00 10.79 ? 42   THR A CG2 1 
ATOM   315  N  N   . GLU A 1 42  ? -6.339  12.653  -5.547  1.00 15.68 ? 43   GLU A N   1 
ATOM   316  C  CA  . GLU A 1 42  ? -7.599  12.854  -6.255  1.00 17.39 ? 43   GLU A CA  1 
ATOM   317  C  C   . GLU A 1 42  ? -8.200  11.499  -6.600  1.00 18.63 ? 43   GLU A C   1 
ATOM   318  O  O   . GLU A 1 42  ? -7.546  10.472  -6.472  1.00 17.48 ? 43   GLU A O   1 
ATOM   319  C  CB  . GLU A 1 42  ? -7.374  13.655  -7.539  1.00 19.65 ? 43   GLU A CB  1 
ATOM   320  C  CG  . GLU A 1 42  ? -6.981  15.103  -7.308  1.00 26.61 ? 43   GLU A CG  1 
ATOM   321  C  CD  . GLU A 1 42  ? -8.045  15.869  -6.538  1.00 33.62 ? 43   GLU A CD  1 
ATOM   322  O  OE1 . GLU A 1 42  ? -9.217  15.424  -6.549  1.00 37.15 ? 43   GLU A OE1 1 
ATOM   323  O  OE2 . GLU A 1 42  ? -7.716  16.909  -5.917  1.00 35.91 ? 43   GLU A OE2 1 
ATOM   324  N  N   . MET A 1 43  ? -9.449  11.499  -7.045  1.00 21.27 ? 44   MET A N   1 
ATOM   325  C  CA  . MET A 1 43  ? -10.117 10.261  -7.392  1.00 23.35 ? 44   MET A CA  1 
ATOM   326  C  C   . MET A 1 43  ? -9.561  9.614   -8.654  1.00 24.38 ? 44   MET A C   1 
ATOM   327  O  O   . MET A 1 43  ? -9.806  8.436   -8.900  1.00 27.78 ? 44   MET A O   1 
ATOM   328  C  CB  . MET A 1 43  ? -11.614 10.507  -7.561  1.00 25.40 ? 44   MET A CB  1 
ATOM   329  C  CG  . MET A 1 43  ? -12.397 10.427  -6.267  1.00 28.27 ? 44   MET A CG  1 
ATOM   330  S  SD  . MET A 1 43  ? -12.086 8.914   -5.345  1.00 31.69 ? 44   MET A SD  1 
ATOM   331  C  CE  . MET A 1 43  ? -12.845 7.685   -6.408  1.00 30.54 ? 44   MET A CE  1 
ATOM   332  N  N   . LYS A 1 44  ? -8.806  10.360  -9.449  1.00 23.51 ? 45   LYS A N   1 
ATOM   333  C  CA  . LYS A 1 44  ? -8.258  9.807   -10.682 1.00 24.20 ? 45   LYS A CA  1 
ATOM   334  C  C   . LYS A 1 44  ? -6.890  9.152   -10.509 1.00 23.40 ? 45   LYS A C   1 
ATOM   335  O  O   . LYS A 1 44  ? -6.069  9.599   -9.706  1.00 22.69 ? 45   LYS A O   1 
ATOM   336  C  CB  . LYS A 1 44  ? -8.172  10.892  -11.755 1.00 27.16 ? 45   LYS A CB  1 
ATOM   337  C  CG  . LYS A 1 44  ? -7.578  12.200  -11.274 1.00 32.20 ? 45   LYS A CG  1 
ATOM   338  C  CD  . LYS A 1 44  ? -7.843  13.328  -12.263 1.00 38.25 ? 45   LYS A CD  1 
ATOM   339  C  CE  . LYS A 1 44  ? -9.318  13.393  -12.667 1.00 41.47 ? 45   LYS A CE  1 
ATOM   340  N  NZ  . LYS A 1 44  ? -10.242 13.071  -11.532 1.00 45.02 ? 45   LYS A NZ  1 
ATOM   341  N  N   . GLU A 1 45  ? -6.656  8.097   -11.287 1.00 22.22 ? 46   GLU A N   1 
ATOM   342  C  CA  . GLU A 1 45  ? -5.407  7.334   -11.264 1.00 21.51 ? 46   GLU A CA  1 
ATOM   343  C  C   . GLU A 1 45  ? -4.156  8.142   -11.603 1.00 19.40 ? 46   GLU A C   1 
ATOM   344  O  O   . GLU A 1 45  ? -3.069  7.824   -11.129 1.00 17.99 ? 46   GLU A O   1 
ATOM   345  C  CB  . GLU A 1 45  ? -5.482  6.163   -12.245 1.00 24.37 ? 46   GLU A CB  1 
ATOM   346  C  CG  . GLU A 1 45  ? -6.653  5.221   -12.054 1.00 31.25 ? 46   GLU A CG  1 
ATOM   347  C  CD  . GLU A 1 45  ? -6.669  4.097   -13.093 1.00 34.81 ? 46   GLU A CD  1 
ATOM   348  O  OE1 . GLU A 1 45  ? -5.927  4.188   -14.103 1.00 34.16 ? 46   GLU A OE1 1 
ATOM   349  O  OE2 . GLU A 1 45  ? -7.428  3.120   -12.896 1.00 38.46 ? 46   GLU A OE2 1 
ATOM   350  N  N   . GLU A 1 46  ? -4.296  9.168   -12.437 1.00 17.61 ? 47   GLU A N   1 
ATOM   351  C  CA  . GLU A 1 46  ? -3.148  9.987   -12.822 1.00 18.54 ? 47   GLU A CA  1 
ATOM   352  C  C   . GLU A 1 46  ? -2.776  11.056  -11.776 1.00 16.60 ? 47   GLU A C   1 
ATOM   353  O  O   . GLU A 1 46  ? -1.764  11.749  -11.919 1.00 16.99 ? 47   GLU A O   1 
ATOM   354  C  CB  . GLU A 1 46  ? -3.410  10.662  -14.175 1.00 23.40 ? 47   GLU A CB  1 
ATOM   355  C  CG  . GLU A 1 46  ? -4.404  9.918   -15.066 1.00 33.35 ? 47   GLU A CG  1 
ATOM   356  C  CD  . GLU A 1 46  ? -5.861  10.159  -14.673 1.00 36.90 ? 47   GLU A CD  1 
ATOM   357  O  OE1 . GLU A 1 46  ? -6.302  11.328  -14.717 1.00 40.94 ? 47   GLU A OE1 1 
ATOM   358  O  OE2 . GLU A 1 46  ? -6.565  9.183   -14.324 1.00 39.56 ? 47   GLU A OE2 1 
ATOM   359  N  N   . SER A 1 47  ? -3.580  11.189  -10.727 1.00 13.07 ? 48   SER A N   1 
ATOM   360  C  CA  . SER A 1 47  ? -3.297  12.181  -9.699  1.00 12.46 ? 48   SER A CA  1 
ATOM   361  C  C   . SER A 1 47  ? -2.042  11.849  -8.904  1.00 10.92 ? 48   SER A C   1 
ATOM   362  O  O   . SER A 1 47  ? -1.500  10.744  -8.992  1.00 10.48 ? 48   SER A O   1 
ATOM   363  C  CB  . SER A 1 47  ? -4.485  12.316  -8.747  1.00 9.51  ? 48   SER A CB  1 
ATOM   364  O  OG  . SER A 1 47  ? -4.652  11.142  -7.982  1.00 13.33 ? 48   SER A OG  1 
ATOM   365  N  N   . ASP A 1 48  ? -1.582  12.822  -8.125  1.00 10.18 ? 49   ASP A N   1 
ATOM   366  C  CA  . ASP A 1 48  ? -0.394  12.651  -7.316  1.00 9.80  ? 49   ASP A CA  1 
ATOM   367  C  C   . ASP A 1 48  ? -0.568  11.538  -6.307  1.00 9.02  ? 49   ASP A C   1 
ATOM   368  O  O   . ASP A 1 48  ? -1.684  11.217  -5.899  1.00 8.27  ? 49   ASP A O   1 
ATOM   369  C  CB  . ASP A 1 48  ? -0.060  13.954  -6.597  1.00 12.20 ? 49   ASP A CB  1 
ATOM   370  C  CG  . ASP A 1 48  ? 0.591   14.962  -7.511  1.00 14.97 ? 49   ASP A CG  1 
ATOM   371  O  OD1 . ASP A 1 48  ? 0.838   14.623  -8.688  1.00 15.67 ? 49   ASP A OD1 1 
ATOM   372  O  OD2 . ASP A 1 48  ? 0.859   16.092  -7.058  1.00 16.26 ? 49   ASP A OD2 1 
ATOM   373  N  N   . ILE A 1 49  ? 0.556   10.954  -5.910  1.00 8.84  ? 50   ILE A N   1 
ATOM   374  C  CA  . ILE A 1 49  ? 0.567   9.859   -4.951  1.00 7.96  ? 50   ILE A CA  1 
ATOM   375  C  C   . ILE A 1 49  ? 1.338   10.268  -3.702  1.00 7.48  ? 50   ILE A C   1 
ATOM   376  O  O   . ILE A 1 49  ? 2.540   10.538  -3.745  1.00 7.66  ? 50   ILE A O   1 
ATOM   377  C  CB  . ILE A 1 49  ? 1.202   8.604   -5.581  1.00 7.00  ? 50   ILE A CB  1 
ATOM   378  C  CG1 . ILE A 1 49  ? 0.326   8.135   -6.754  1.00 8.64  ? 50   ILE A CG1 1 
ATOM   379  C  CG2 . ILE A 1 49  ? 1.351   7.503   -4.540  1.00 5.55  ? 50   ILE A CG2 1 
ATOM   380  C  CD1 . ILE A 1 49  ? 0.983   7.082   -7.651  1.00 8.25  ? 50   ILE A CD1 1 
ATOM   381  N  N   . VAL A 1 50  ? 0.616   10.322  -2.589  1.00 9.02  ? 51   VAL A N   1 
ATOM   382  C  CA  . VAL A 1 50  ? 1.170   10.704  -1.289  1.00 9.84  ? 51   VAL A CA  1 
ATOM   383  C  C   . VAL A 1 50  ? 2.078   9.591   -0.757  1.00 10.20 ? 51   VAL A C   1 
ATOM   384  O  O   . VAL A 1 50  ? 3.138   9.845   -0.174  1.00 10.51 ? 51   VAL A O   1 
ATOM   385  C  CB  . VAL A 1 50  ? 0.010   10.970  -0.281  1.00 11.00 ? 51   VAL A CB  1 
ATOM   386  C  CG1 . VAL A 1 50  ? 0.539   11.126  1.133   1.00 11.25 ? 51   VAL A CG1 1 
ATOM   387  C  CG2 . VAL A 1 50  ? -0.762  12.215  -0.712  1.00 9.61  ? 51   VAL A CG2 1 
ATOM   388  N  N   . PHE A 1 51  ? 1.646   8.357   -0.975  1.00 8.91  ? 52   PHE A N   1 
ATOM   389  C  CA  . PHE A 1 51  ? 2.375   7.187   -0.525  1.00 9.37  ? 52   PHE A CA  1 
ATOM   390  C  C   . PHE A 1 51  ? 2.205   6.083   -1.566  1.00 8.90  ? 52   PHE A C   1 
ATOM   391  O  O   . PHE A 1 51  ? 1.091   5.635   -1.829  1.00 8.55  ? 52   PHE A O   1 
ATOM   392  C  CB  . PHE A 1 51  ? 1.819   6.731   0.837   1.00 8.83  ? 52   PHE A CB  1 
ATOM   393  C  CG  . PHE A 1 51  ? 2.511   5.525   1.418   1.00 9.16  ? 52   PHE A CG  1 
ATOM   394  C  CD1 . PHE A 1 51  ? 3.901   5.440   1.453   1.00 10.64 ? 52   PHE A CD1 1 
ATOM   395  C  CD2 . PHE A 1 51  ? 1.767   4.479   1.953   1.00 11.33 ? 52   PHE A CD2 1 
ATOM   396  C  CE1 . PHE A 1 51  ? 4.534   4.334   2.012   1.00 12.03 ? 52   PHE A CE1 1 
ATOM   397  C  CE2 . PHE A 1 51  ? 2.391   3.370   2.514   1.00 12.18 ? 52   PHE A CE2 1 
ATOM   398  C  CZ  . PHE A 1 51  ? 3.776   3.297   2.545   1.00 10.25 ? 52   PHE A CZ  1 
ATOM   399  N  N   . HIS A 1 52  ? 3.324   5.672   -2.161  1.00 9.58  ? 53   HIS A N   1 
ATOM   400  C  CA  . HIS A 1 52  ? 3.367   4.602   -3.152  1.00 8.52  ? 53   HIS A CA  1 
ATOM   401  C  C   . HIS A 1 52  ? 4.119   3.450   -2.462  1.00 8.57  ? 53   HIS A C   1 
ATOM   402  O  O   . HIS A 1 52  ? 5.232   3.634   -1.949  1.00 7.93  ? 53   HIS A O   1 
ATOM   403  C  CB  . HIS A 1 52  ? 4.114   5.099   -4.394  1.00 9.90  ? 53   HIS A CB  1 
ATOM   404  C  CG  . HIS A 1 52  ? 4.650   4.008   -5.270  1.00 10.65 ? 53   HIS A CG  1 
ATOM   405  N  ND1 . HIS A 1 52  ? 3.848   3.259   -6.104  1.00 12.02 ? 53   HIS A ND1 1 
ATOM   406  C  CD2 . HIS A 1 52  ? 5.918   3.584   -5.487  1.00 11.87 ? 53   HIS A CD2 1 
ATOM   407  C  CE1 . HIS A 1 52  ? 4.601   2.421   -6.798  1.00 12.09 ? 53   HIS A CE1 1 
ATOM   408  N  NE2 . HIS A 1 52  ? 5.860   2.599   -6.443  1.00 10.48 ? 53   HIS A NE2 1 
ATOM   409  N  N   . PHE A 1 53  ? 3.485   2.282   -2.410  1.00 7.44  ? 54   PHE A N   1 
ATOM   410  C  CA  . PHE A 1 53  ? 4.058   1.104   -1.758  1.00 8.11  ? 54   PHE A CA  1 
ATOM   411  C  C   . PHE A 1 53  ? 3.996   -0.037  -2.761  1.00 10.43 ? 54   PHE A C   1 
ATOM   412  O  O   . PHE A 1 53  ? 2.914   -0.510  -3.099  1.00 9.93  ? 54   PHE A O   1 
ATOM   413  C  CB  . PHE A 1 53  ? 3.227   0.758   -0.519  1.00 7.02  ? 54   PHE A CB  1 
ATOM   414  C  CG  . PHE A 1 53  ? 3.691   -0.465  0.214   1.00 8.03  ? 54   PHE A CG  1 
ATOM   415  C  CD1 . PHE A 1 53  ? 4.799   -0.412  1.057   1.00 11.14 ? 54   PHE A CD1 1 
ATOM   416  C  CD2 . PHE A 1 53  ? 2.994   -1.663  0.104   1.00 9.23  ? 54   PHE A CD2 1 
ATOM   417  C  CE1 . PHE A 1 53  ? 5.203   -1.535  1.783   1.00 11.52 ? 54   PHE A CE1 1 
ATOM   418  C  CE2 . PHE A 1 53  ? 3.392   -2.796  0.827   1.00 9.82  ? 54   PHE A CE2 1 
ATOM   419  C  CZ  . PHE A 1 53  ? 4.495   -2.730  1.667   1.00 10.27 ? 54   PHE A CZ  1 
ATOM   420  N  N   . GLN A 1 54  ? 5.148   -0.479  -3.246  1.00 10.83 ? 55   GLN A N   1 
ATOM   421  C  CA  . GLN A 1 54  ? 5.153   -1.541  -4.229  1.00 10.31 ? 55   GLN A CA  1 
ATOM   422  C  C   . GLN A 1 54  ? 5.999   -2.725  -3.824  1.00 10.24 ? 55   GLN A C   1 
ATOM   423  O  O   . GLN A 1 54  ? 7.199   -2.601  -3.589  1.00 10.31 ? 55   GLN A O   1 
ATOM   424  C  CB  . GLN A 1 54  ? 5.636   -1.002  -5.562  1.00 12.62 ? 55   GLN A CB  1 
ATOM   425  C  CG  . GLN A 1 54  ? 5.490   -1.989  -6.690  1.00 14.21 ? 55   GLN A CG  1 
ATOM   426  C  CD  . GLN A 1 54  ? 6.326   -1.589  -7.879  1.00 18.06 ? 55   GLN A CD  1 
ATOM   427  O  OE1 . GLN A 1 54  ? 7.549   -1.767  -7.876  1.00 20.53 ? 55   GLN A OE1 1 
ATOM   428  N  NE2 . GLN A 1 54  ? 5.681   -1.036  -8.902  1.00 16.07 ? 55   GLN A NE2 1 
ATOM   429  N  N   . VAL A 1 55  ? 5.357   -3.879  -3.753  1.00 10.80 ? 56   VAL A N   1 
ATOM   430  C  CA  . VAL A 1 55  ? 6.033   -5.102  -3.365  1.00 12.85 ? 56   VAL A CA  1 
ATOM   431  C  C   . VAL A 1 55  ? 6.309   -6.018  -4.549  1.00 13.68 ? 56   VAL A C   1 
ATOM   432  O  O   . VAL A 1 55  ? 5.408   -6.329  -5.334  1.00 14.46 ? 56   VAL A O   1 
ATOM   433  C  CB  . VAL A 1 55  ? 5.190   -5.910  -2.349  1.00 13.56 ? 56   VAL A CB  1 
ATOM   434  C  CG1 . VAL A 1 55  ? 5.905   -7.216  -1.985  1.00 14.74 ? 56   VAL A CG1 1 
ATOM   435  C  CG2 . VAL A 1 55  ? 4.927   -5.079  -1.112  1.00 13.24 ? 56   VAL A CG2 1 
ATOM   436  N  N   . CYS A 1 56  ? 7.568   -6.412  -4.700  1.00 14.68 ? 57   CYS A N   1 
ATOM   437  C  CA  . CYS A 1 56  ? 7.912   -7.385  -5.717  1.00 13.89 ? 57   CYS A CA  1 
ATOM   438  C  C   . CYS A 1 56  ? 8.119   -8.598  -4.818  1.00 13.63 ? 57   CYS A C   1 
ATOM   439  O  O   . CYS A 1 56  ? 9.152   -8.722  -4.159  1.00 12.91 ? 57   CYS A O   1 
ATOM   440  C  CB  . CYS A 1 56  ? 9.206   -7.056  -6.440  1.00 16.90 ? 57   CYS A CB  1 
ATOM   441  S  SG  . CYS A 1 56  ? 9.592   -8.433  -7.568  1.00 20.36 ? 57   CYS A SG  1 
ATOM   442  N  N   . PHE A 1 57  ? 7.113   -9.464  -4.761  1.00 13.11 ? 58   PHE A N   1 
ATOM   443  C  CA  . PHE A 1 57  ? 7.155   -10.636 -3.901  1.00 14.02 ? 58   PHE A CA  1 
ATOM   444  C  C   . PHE A 1 57  ? 8.407   -11.473 -4.050  1.00 15.46 ? 58   PHE A C   1 
ATOM   445  O  O   . PHE A 1 57  ? 8.767   -11.893 -5.142  1.00 14.49 ? 58   PHE A O   1 
ATOM   446  C  CB  . PHE A 1 57  ? 5.913   -11.491 -4.117  1.00 11.46 ? 58   PHE A CB  1 
ATOM   447  C  CG  . PHE A 1 57  ? 4.651   -10.868 -3.569  1.00 12.14 ? 58   PHE A CG  1 
ATOM   448  C  CD1 . PHE A 1 57  ? 4.446   -10.772 -2.197  1.00 12.04 ? 58   PHE A CD1 1 
ATOM   449  C  CD2 . PHE A 1 57  ? 3.670   -10.384 -4.423  1.00 11.89 ? 58   PHE A CD2 1 
ATOM   450  C  CE1 . PHE A 1 57  ? 3.276   -10.206 -1.688  1.00 11.24 ? 58   PHE A CE1 1 
ATOM   451  C  CE2 . PHE A 1 57  ? 2.504   -9.821  -3.923  1.00 10.94 ? 58   PHE A CE2 1 
ATOM   452  C  CZ  . PHE A 1 57  ? 2.309   -9.734  -2.550  1.00 10.93 ? 58   PHE A CZ  1 
ATOM   453  N  N   . GLY A 1 58  ? 9.070   -11.691 -2.922  1.00 16.92 ? 59   GLY A N   1 
ATOM   454  C  CA  . GLY A 1 58  ? 10.282  -12.478 -2.916  1.00 18.34 ? 59   GLY A CA  1 
ATOM   455  C  C   . GLY A 1 58  ? 11.553  -11.686 -3.142  1.00 19.28 ? 59   GLY A C   1 
ATOM   456  O  O   . GLY A 1 58  ? 12.636  -12.183 -2.842  1.00 20.05 ? 59   GLY A O   1 
ATOM   457  N  N   . ARG A 1 59  ? 11.447  -10.462 -3.651  1.00 19.27 ? 60   ARG A N   1 
ATOM   458  C  CA  . ARG A 1 59  ? 12.650  -9.687  -3.926  1.00 20.39 ? 60   ARG A CA  1 
ATOM   459  C  C   . ARG A 1 59  ? 12.826  -8.423  -3.107  1.00 20.54 ? 60   ARG A C   1 
ATOM   460  O  O   . ARG A 1 59  ? 13.783  -8.304  -2.342  1.00 20.62 ? 60   ARG A O   1 
ATOM   461  C  CB  . ARG A 1 59  ? 12.716  -9.326  -5.411  1.00 23.47 ? 60   ARG A CB  1 
ATOM   462  C  CG  . ARG A 1 59  ? 12.803  -10.526 -6.348  1.00 31.37 ? 60   ARG A CG  1 
ATOM   463  C  CD  . ARG A 1 59  ? 14.060  -10.488 -7.228  1.00 37.37 ? 60   ARG A CD  1 
ATOM   464  N  NE  . ARG A 1 59  ? 14.595  -9.135  -7.399  1.00 43.48 ? 60   ARG A NE  1 
ATOM   465  C  CZ  . ARG A 1 59  ? 15.441  -8.777  -8.364  1.00 45.57 ? 60   ARG A CZ  1 
ATOM   466  N  NH1 . ARG A 1 59  ? 15.856  -9.670  -9.252  1.00 46.71 ? 60   ARG A NH1 1 
ATOM   467  N  NH2 . ARG A 1 59  ? 15.869  -7.521  -8.445  1.00 47.07 ? 60   ARG A NH2 1 
ATOM   468  N  N   . ARG A 1 60  ? 11.916  -7.470  -3.264  1.00 19.62 ? 61   ARG A N   1 
ATOM   469  C  CA  . ARG A 1 60  ? 12.049  -6.222  -2.539  1.00 18.74 ? 61   ARG A CA  1 
ATOM   470  C  C   . ARG A 1 60  ? 10.795  -5.370  -2.541  1.00 17.97 ? 61   ARG A C   1 
ATOM   471  O  O   . ARG A 1 60  ? 9.823   -5.657  -3.239  1.00 16.52 ? 61   ARG A O   1 
ATOM   472  C  CB  . ARG A 1 60  ? 13.184  -5.410  -3.139  1.00 21.68 ? 61   ARG A CB  1 
ATOM   473  C  CG  . ARG A 1 60  ? 13.182  -5.406  -4.648  1.00 24.53 ? 61   ARG A CG  1 
ATOM   474  C  CD  . ARG A 1 60  ? 12.395  -4.254  -5.196  1.00 27.55 ? 61   ARG A CD  1 
ATOM   475  N  NE  . ARG A 1 60  ? 13.215  -3.387  -6.037  1.00 32.42 ? 61   ARG A NE  1 
ATOM   476  C  CZ  . ARG A 1 60  ? 12.819  -2.907  -7.213  1.00 35.40 ? 61   ARG A CZ  1 
ATOM   477  N  NH1 . ARG A 1 60  ? 11.611  -3.215  -7.685  1.00 37.46 ? 61   ARG A NH1 1 
ATOM   478  N  NH2 . ARG A 1 60  ? 13.619  -2.109  -7.913  1.00 35.96 ? 61   ARG A NH2 1 
ATOM   479  N  N   . VAL A 1 61  ? 10.853  -4.298  -1.760  1.00 15.75 ? 62   VAL A N   1 
ATOM   480  C  CA  . VAL A 1 61  ? 9.758   -3.362  -1.637  1.00 14.06 ? 62   VAL A CA  1 
ATOM   481  C  C   . VAL A 1 61  ? 10.298  -1.976  -1.968  1.00 14.60 ? 62   VAL A C   1 
ATOM   482  O  O   . VAL A 1 61  ? 11.401  -1.609  -1.551  1.00 15.03 ? 62   VAL A O   1 
ATOM   483  C  CB  . VAL A 1 61  ? 9.196   -3.361  -0.196  1.00 13.68 ? 62   VAL A CB  1 
ATOM   484  C  CG1 . VAL A 1 61  ? 8.171   -2.251  -0.039  1.00 14.79 ? 62   VAL A CG1 1 
ATOM   485  C  CG2 . VAL A 1 61  ? 8.561   -4.703  0.125   1.00 13.24 ? 62   VAL A CG2 1 
ATOM   486  N  N   . VAL A 1 62  ? 9.537   -1.209  -2.737  1.00 13.47 ? 63   VAL A N   1 
ATOM   487  C  CA  . VAL A 1 62  ? 9.948   0.140   -3.086  1.00 14.26 ? 63   VAL A CA  1 
ATOM   488  C  C   . VAL A 1 62  ? 8.857   1.110   -2.619  1.00 14.54 ? 63   VAL A C   1 
ATOM   489  O  O   . VAL A 1 62  ? 7.668   0.814   -2.735  1.00 13.82 ? 63   VAL A O   1 
ATOM   490  C  CB  . VAL A 1 62  ? 10.161  0.265   -4.608  1.00 14.94 ? 63   VAL A CB  1 
ATOM   491  C  CG1 . VAL A 1 62  ? 9.966   1.698   -5.059  1.00 18.94 ? 63   VAL A CG1 1 
ATOM   492  C  CG2 . VAL A 1 62  ? 11.569  -0.203  -4.963  1.00 17.94 ? 63   VAL A CG2 1 
ATOM   493  N  N   . MET A 1 63  ? 9.261   2.250   -2.058  1.00 13.31 ? 64   MET A N   1 
ATOM   494  C  CA  . MET A 1 63  ? 8.299   3.256   -1.602  1.00 13.87 ? 64   MET A CA  1 
ATOM   495  C  C   . MET A 1 63  ? 8.697   4.608   -2.182  1.00 13.70 ? 64   MET A C   1 
ATOM   496  O  O   . MET A 1 63  ? 9.880   4.881   -2.394  1.00 14.08 ? 64   MET A O   1 
ATOM   497  C  CB  . MET A 1 63  ? 8.255   3.319   -0.072  1.00 13.41 ? 64   MET A CB  1 
ATOM   498  C  CG  . MET A 1 63  ? 7.472   2.166   0.547   1.00 12.48 ? 64   MET A CG  1 
ATOM   499  S  SD  . MET A 1 63  ? 7.768   1.938   2.302   1.00 15.55 ? 64   MET A SD  1 
ATOM   500  C  CE  . MET A 1 63  ? 9.515   1.551   2.331   1.00 15.52 ? 64   MET A CE  1 
ATOM   501  N  N   . ASN A 1 64  ? 7.706   5.444   -2.457  1.00 12.22 ? 65   ASN A N   1 
ATOM   502  C  CA  . ASN A 1 64  ? 7.972   6.755   -3.036  1.00 12.58 ? 65   ASN A CA  1 
ATOM   503  C  C   . ASN A 1 64  ? 6.721   7.622   -2.962  1.00 11.33 ? 65   ASN A C   1 
ATOM   504  O  O   . ASN A 1 64  ? 5.735   7.264   -2.317  1.00 12.62 ? 65   ASN A O   1 
ATOM   505  C  CB  . ASN A 1 64  ? 8.385   6.588   -4.505  1.00 11.00 ? 65   ASN A CB  1 
ATOM   506  C  CG  . ASN A 1 64  ? 9.378   7.636   -4.960  1.00 14.61 ? 65   ASN A CG  1 
ATOM   507  O  OD1 . ASN A 1 64  ? 9.515   8.694   -4.341  1.00 14.23 ? 65   ASN A OD1 1 
ATOM   508  N  ND2 . ASN A 1 64  ? 10.080  7.350   -6.051  1.00 12.93 ? 65   ASN A ND2 1 
ATOM   509  N  N   . SER A 1 65  ? 6.785   8.769   -3.622  1.00 10.35 ? 66   SER A N   1 
ATOM   510  C  CA  . SER A 1 65  ? 5.665   9.685   -3.716  1.00 9.58  ? 66   SER A CA  1 
ATOM   511  C  C   . SER A 1 65  ? 5.778   10.289  -5.107  1.00 9.43  ? 66   SER A C   1 
ATOM   512  O  O   . SER A 1 65  ? 6.868   10.358  -5.665  1.00 11.16 ? 66   SER A O   1 
ATOM   513  C  CB  . SER A 1 65  ? 5.763   10.792  -2.656  1.00 11.69 ? 66   SER A CB  1 
ATOM   514  O  OG  . SER A 1 65  ? 6.976   11.528  -2.750  1.00 11.86 ? 66   SER A OG  1 
ATOM   515  N  N   . ARG A 1 66  ? 4.656   10.674  -5.693  1.00 10.00 ? 67   ARG A N   1 
ATOM   516  C  CA  . ARG A 1 66  ? 4.675   11.314  -7.002  1.00 9.07  ? 67   ARG A CA  1 
ATOM   517  C  C   . ARG A 1 66  ? 4.028   12.658  -6.730  1.00 8.87  ? 67   ARG A C   1 
ATOM   518  O  O   . ARG A 1 66  ? 2.846   12.745  -6.417  1.00 9.48  ? 67   ARG A O   1 
ATOM   519  C  CB  . ARG A 1 66  ? 3.873   10.521  -8.039  1.00 7.74  ? 67   ARG A CB  1 
ATOM   520  C  CG  . ARG A 1 66  ? 4.041   11.056  -9.447  1.00 8.43  ? 67   ARG A CG  1 
ATOM   521  C  CD  . ARG A 1 66  ? 3.475   10.110  -10.475 1.00 9.15  ? 67   ARG A CD  1 
ATOM   522  N  NE  . ARG A 1 66  ? 2.024   9.997   -10.357 1.00 11.87 ? 67   ARG A NE  1 
ATOM   523  C  CZ  . ARG A 1 66  ? 1.321   8.958   -10.795 1.00 11.73 ? 67   ARG A CZ  1 
ATOM   524  N  NH1 . ARG A 1 66  ? 1.940   7.945   -11.379 1.00 13.20 ? 67   ARG A NH1 1 
ATOM   525  N  NH2 . ARG A 1 66  ? 0.003   8.931   -10.657 1.00 8.49  ? 67   ARG A NH2 1 
ATOM   526  N  N   . GLU A 1 67  ? 4.818   13.711  -6.822  1.00 9.91  ? 68   GLU A N   1 
ATOM   527  C  CA  . GLU A 1 67  ? 4.321   15.036  -6.528  1.00 11.47 ? 68   GLU A CA  1 
ATOM   528  C  C   . GLU A 1 67  ? 4.398   15.922  -7.744  1.00 13.11 ? 68   GLU A C   1 
ATOM   529  O  O   . GLU A 1 67  ? 5.454   16.078  -8.352  1.00 13.34 ? 68   GLU A O   1 
ATOM   530  C  CB  . GLU A 1 67  ? 5.122   15.607  -5.369  1.00 11.02 ? 68   GLU A CB  1 
ATOM   531  C  CG  . GLU A 1 67  ? 5.312   14.572  -4.271  1.00 13.57 ? 68   GLU A CG  1 
ATOM   532  C  CD  . GLU A 1 67  ? 6.265   15.022  -3.201  1.00 14.50 ? 68   GLU A CD  1 
ATOM   533  O  OE1 . GLU A 1 67  ? 6.625   16.212  -3.201  1.00 17.77 ? 68   GLU A OE1 1 
ATOM   534  O  OE2 . GLU A 1 67  ? 6.658   14.190  -2.358  1.00 15.75 ? 68   GLU A OE2 1 
ATOM   535  N  N   . TYR A 1 68  ? 3.258   16.498  -8.093  1.00 13.81 ? 69   TYR A N   1 
ATOM   536  C  CA  . TYR A 1 68  ? 3.160   17.340  -9.263  1.00 16.22 ? 69   TYR A CA  1 
ATOM   537  C  C   . TYR A 1 68  ? 3.628   16.565  -10.481 1.00 16.81 ? 69   TYR A C   1 
ATOM   538  O  O   . TYR A 1 68  ? 4.372   17.064  -11.320 1.00 17.14 ? 69   TYR A O   1 
ATOM   539  C  CB  . TYR A 1 68  ? 3.949   18.626  -9.047  1.00 18.12 ? 69   TYR A CB  1 
ATOM   540  C  CG  . TYR A 1 68  ? 3.141   19.555  -8.186  1.00 21.74 ? 69   TYR A CG  1 
ATOM   541  C  CD1 . TYR A 1 68  ? 2.034   20.211  -8.717  1.00 24.29 ? 69   TYR A CD1 1 
ATOM   542  C  CD2 . TYR A 1 68  ? 3.400   19.690  -6.818  1.00 24.82 ? 69   TYR A CD2 1 
ATOM   543  C  CE1 . TYR A 1 68  ? 1.197   20.970  -7.920  1.00 27.55 ? 69   TYR A CE1 1 
ATOM   544  C  CE2 . TYR A 1 68  ? 2.559   20.456  -5.997  1.00 25.72 ? 69   TYR A CE2 1 
ATOM   545  C  CZ  . TYR A 1 68  ? 1.460   21.086  -6.566  1.00 27.28 ? 69   TYR A CZ  1 
ATOM   546  O  OH  . TYR A 1 68  ? 0.588   21.822  -5.806  1.00 32.59 ? 69   TYR A OH  1 
ATOM   547  N  N   . GLY A 1 69  ? 3.177   15.316  -10.539 1.00 16.37 ? 70   GLY A N   1 
ATOM   548  C  CA  . GLY A 1 69  ? 3.483   14.447  -11.650 1.00 16.20 ? 70   GLY A CA  1 
ATOM   549  C  C   . GLY A 1 69  ? 4.858   13.832  -11.686 1.00 16.63 ? 70   GLY A C   1 
ATOM   550  O  O   . GLY A 1 69  ? 5.141   13.062  -12.589 1.00 21.01 ? 70   GLY A O   1 
ATOM   551  N  N   . ALA A 1 70  ? 5.719   14.141  -10.730 1.00 16.12 ? 71   ALA A N   1 
ATOM   552  C  CA  . ALA A 1 70  ? 7.060   13.575  -10.763 1.00 15.97 ? 71   ALA A CA  1 
ATOM   553  C  C   . ALA A 1 70  ? 7.383   12.709  -9.561  1.00 16.85 ? 71   ALA A C   1 
ATOM   554  O  O   . ALA A 1 70  ? 7.065   13.063  -8.425  1.00 17.72 ? 71   ALA A O   1 
ATOM   555  C  CB  . ALA A 1 70  ? 8.084   14.684  -10.879 1.00 16.02 ? 71   ALA A CB  1 
ATOM   556  N  N   . TRP A 1 71  ? 8.027   11.575  -9.816  1.00 16.49 ? 72   TRP A N   1 
ATOM   557  C  CA  . TRP A 1 71  ? 8.412   10.663  -8.752  1.00 16.50 ? 72   TRP A CA  1 
ATOM   558  C  C   . TRP A 1 71  ? 9.541   11.280  -7.951  1.00 17.36 ? 72   TRP A C   1 
ATOM   559  O  O   . TRP A 1 71  ? 10.423  11.933  -8.506  1.00 18.25 ? 72   TRP A O   1 
ATOM   560  C  CB  . TRP A 1 71  ? 8.860   9.328   -9.338  1.00 15.83 ? 72   TRP A CB  1 
ATOM   561  C  CG  . TRP A 1 71  ? 7.719   8.517   -9.830  1.00 17.20 ? 72   TRP A CG  1 
ATOM   562  C  CD1 . TRP A 1 71  ? 7.372   8.289   -11.128 1.00 17.35 ? 72   TRP A CD1 1 
ATOM   563  C  CD2 . TRP A 1 71  ? 6.752   7.834   -9.028  1.00 17.52 ? 72   TRP A CD2 1 
ATOM   564  N  NE1 . TRP A 1 71  ? 6.247   7.505   -11.187 1.00 17.36 ? 72   TRP A NE1 1 
ATOM   565  C  CE2 . TRP A 1 71  ? 5.845   7.211   -9.911  1.00 17.47 ? 72   TRP A CE2 1 
ATOM   566  C  CE3 . TRP A 1 71  ? 6.563   7.690   -7.649  1.00 18.32 ? 72   TRP A CE3 1 
ATOM   567  C  CZ2 . TRP A 1 71  ? 4.763   6.450   -9.460  1.00 16.93 ? 72   TRP A CZ2 1 
ATOM   568  C  CZ3 . TRP A 1 71  ? 5.488   6.932   -7.200  1.00 19.01 ? 72   TRP A CZ3 1 
ATOM   569  C  CH2 . TRP A 1 71  ? 4.601   6.321   -8.107  1.00 17.47 ? 72   TRP A CH2 1 
ATOM   570  N  N   . LYS A 1 72  ? 9.514   11.077  -6.643  1.00 17.56 ? 73   LYS A N   1 
ATOM   571  C  CA  . LYS A 1 72  ? 10.540  11.636  -5.785  1.00 20.12 ? 73   LYS A CA  1 
ATOM   572  C  C   . LYS A 1 72  ? 11.627  10.621  -5.473  1.00 20.95 ? 73   LYS A C   1 
ATOM   573  O  O   . LYS A 1 72  ? 11.879  9.709   -6.248  1.00 20.78 ? 73   LYS A O   1 
ATOM   574  C  CB  . LYS A 1 72  ? 9.914   12.143  -4.485  1.00 21.34 ? 73   LYS A CB  1 
ATOM   575  C  CG  . LYS A 1 72  ? 9.471   13.589  -4.528  1.00 23.68 ? 73   LYS A CG  1 
ATOM   576  C  CD  . LYS A 1 72  ? 8.665   13.882  -5.765  1.00 25.52 ? 73   LYS A CD  1 
ATOM   577  C  CE  . LYS A 1 72  ? 9.394   14.869  -6.645  1.00 28.48 ? 73   LYS A CE  1 
ATOM   578  N  NZ  . LYS A 1 72  ? 9.782   16.074  -5.868  1.00 31.18 ? 73   LYS A NZ  1 
ATOM   579  N  N   . GLN A 1 73  ? 12.263  10.791  -4.323  1.00 22.90 ? 74   GLN A N   1 
ATOM   580  C  CA  . GLN A 1 73  ? 13.332  9.909   -3.897  1.00 24.96 ? 74   GLN A CA  1 
ATOM   581  C  C   . GLN A 1 73  ? 12.803  8.553   -3.501  1.00 24.45 ? 74   GLN A C   1 
ATOM   582  O  O   . GLN A 1 73  ? 12.086  8.407   -2.511  1.00 22.82 ? 74   GLN A O   1 
ATOM   583  C  CB  . GLN A 1 73  ? 14.083  10.520  -2.719  1.00 29.91 ? 74   GLN A CB  1 
ATOM   584  C  CG  . GLN A 1 73  ? 15.585  10.355  -2.807  1.00 37.77 ? 74   GLN A CG  1 
ATOM   585  C  CD  . GLN A 1 73  ? 16.119  9.380   -1.783  1.00 42.08 ? 74   GLN A CD  1 
ATOM   586  O  OE1 . GLN A 1 73  ? 17.324  9.120   -1.728  1.00 46.05 ? 74   GLN A OE1 1 
ATOM   587  N  NE2 . GLN A 1 73  ? 15.224  8.830   -0.959  1.00 43.32 ? 74   GLN A NE2 1 
ATOM   588  N  N   . GLN A 1 74  ? 13.174  7.554   -4.284  1.00 24.14 ? 75   GLN A N   1 
ATOM   589  C  CA  . GLN A 1 74  ? 12.751  6.197   -4.030  1.00 24.01 ? 75   GLN A CA  1 
ATOM   590  C  C   . GLN A 1 74  ? 13.416  5.627   -2.786  1.00 22.51 ? 75   GLN A C   1 
ATOM   591  O  O   . GLN A 1 74  ? 14.589  5.874   -2.528  1.00 22.30 ? 75   GLN A O   1 
ATOM   592  C  CB  . GLN A 1 74  ? 13.096  5.329   -5.229  1.00 25.57 ? 75   GLN A CB  1 
ATOM   593  C  CG  . GLN A 1 74  ? 12.204  4.133   -5.388  1.00 29.94 ? 75   GLN A CG  1 
ATOM   594  C  CD  . GLN A 1 74  ? 12.667  3.239   -6.507  1.00 30.67 ? 75   GLN A CD  1 
ATOM   595  O  OE1 . GLN A 1 74  ? 12.118  3.263   -7.608  1.00 32.28 ? 75   GLN A OE1 1 
ATOM   596  N  NE2 . GLN A 1 74  ? 13.694  2.446   -6.237  1.00 33.24 ? 75   GLN A NE2 1 
ATOM   597  N  N   . VAL A 1 75  ? 12.647  4.881   -2.004  1.00 22.33 ? 76   VAL A N   1 
ATOM   598  C  CA  . VAL A 1 75  ? 13.166  4.230   -0.807  1.00 22.22 ? 76   VAL A CA  1 
ATOM   599  C  C   . VAL A 1 75  ? 12.997  2.743   -1.066  1.00 22.96 ? 76   VAL A C   1 
ATOM   600  O  O   . VAL A 1 75  ? 11.924  2.301   -1.480  1.00 22.84 ? 76   VAL A O   1 
ATOM   601  C  CB  . VAL A 1 75  ? 12.362  4.591   0.439   1.00 21.27 ? 76   VAL A CB  1 
ATOM   602  C  CG1 . VAL A 1 75  ? 12.913  3.844   1.623   1.00 22.45 ? 76   VAL A CG1 1 
ATOM   603  C  CG2 . VAL A 1 75  ? 12.421  6.087   0.682   1.00 23.95 ? 76   VAL A CG2 1 
ATOM   604  N  N   . GLU A 1 76  ? 14.044  1.966   -0.833  1.00 22.48 ? 77   GLU A N   1 
ATOM   605  C  CA  . GLU A 1 76  ? 13.946  0.539   -1.083  1.00 23.37 ? 77   GLU A CA  1 
ATOM   606  C  C   . GLU A 1 76  ? 14.287  -0.308  0.130   1.00 22.64 ? 77   GLU A C   1 
ATOM   607  O  O   . GLU A 1 76  ? 15.197  0.008   0.889   1.00 22.82 ? 77   GLU A O   1 
ATOM   608  C  CB  . GLU A 1 76  ? 14.854  0.162   -2.247  1.00 25.74 ? 77   GLU A CB  1 
ATOM   609  C  CG  . GLU A 1 76  ? 14.810  -1.302  -2.597  1.00 33.55 ? 77   GLU A CG  1 
ATOM   610  C  CD  . GLU A 1 76  ? 16.087  -1.771  -3.261  1.00 38.83 ? 77   GLU A CD  1 
ATOM   611  O  OE1 . GLU A 1 76  ? 17.112  -1.893  -2.549  1.00 41.70 ? 77   GLU A OE1 1 
ATOM   612  O  OE2 . GLU A 1 76  ? 16.066  -2.011  -4.492  1.00 41.44 ? 77   GLU A OE2 1 
ATOM   613  N  N   . SER A 1 77  ? 13.542  -1.391  0.309   1.00 21.26 ? 78   SER A N   1 
ATOM   614  C  CA  . SER A 1 77  ? 13.774  -2.295  1.422   1.00 20.88 ? 78   SER A CA  1 
ATOM   615  C  C   . SER A 1 77  ? 13.844  -3.722  0.905   1.00 22.38 ? 78   SER A C   1 
ATOM   616  O  O   . SER A 1 77  ? 13.147  -4.079  -0.044  1.00 21.69 ? 78   SER A O   1 
ATOM   617  C  CB  . SER A 1 77  ? 12.648  -2.185  2.450   1.00 20.40 ? 78   SER A CB  1 
ATOM   618  O  OG  . SER A 1 77  ? 12.746  -3.218  3.415   1.00 18.32 ? 78   SER A OG  1 
ATOM   619  N  N   . LYS A 1 78  ? 14.696  -4.531  1.523   1.00 22.95 ? 79   LYS A N   1 
ATOM   620  C  CA  . LYS A 1 78  ? 14.827  -5.923  1.132   1.00 23.86 ? 79   LYS A CA  1 
ATOM   621  C  C   . LYS A 1 78  ? 14.093  -6.782  2.152   1.00 23.55 ? 79   LYS A C   1 
ATOM   622  O  O   . LYS A 1 78  ? 14.047  -8.006  2.023   1.00 24.56 ? 79   LYS A O   1 
ATOM   623  C  CB  . LYS A 1 78  ? 16.299  -6.329  1.064   1.00 27.45 ? 79   LYS A CB  1 
ATOM   624  C  CG  . LYS A 1 78  ? 17.146  -5.447  0.163   1.00 32.45 ? 79   LYS A CG  1 
ATOM   625  C  CD  . LYS A 1 78  ? 17.026  -5.863  -1.289  1.00 37.14 ? 79   LYS A CD  1 
ATOM   626  C  CE  . LYS A 1 78  ? 18.369  -6.318  -1.838  1.00 41.59 ? 79   LYS A CE  1 
ATOM   627  N  NZ  . LYS A 1 78  ? 18.546  -7.803  -1.743  1.00 45.09 ? 79   LYS A NZ  1 
ATOM   628  N  N   . ASN A 1 79  ? 13.524  -6.139  3.173   1.00 22.41 ? 80   ASN A N   1 
ATOM   629  C  CA  . ASN A 1 79  ? 12.771  -6.856  4.198   1.00 22.01 ? 80   ASN A CA  1 
ATOM   630  C  C   . ASN A 1 79  ? 11.606  -7.536  3.471   1.00 21.39 ? 80   ASN A C   1 
ATOM   631  O  O   . ASN A 1 79  ? 10.825  -6.880  2.786   1.00 20.79 ? 80   ASN A O   1 
ATOM   632  C  CB  . ASN A 1 79  ? 12.263  -5.867  5.250   1.00 24.96 ? 80   ASN A CB  1 
ATOM   633  C  CG  . ASN A 1 79  ? 11.678  -6.556  6.465   1.00 27.94 ? 80   ASN A CG  1 
ATOM   634  O  OD1 . ASN A 1 79  ? 11.804  -7.768  6.623   1.00 31.44 ? 80   ASN A OD1 1 
ATOM   635  N  ND2 . ASN A 1 79  ? 11.031  -5.785  7.330   1.00 29.88 ? 80   ASN A ND2 1 
ATOM   636  N  N   . MET A 1 80  ? 11.490  -8.851  3.611   1.00 19.28 ? 81   MET A N   1 
ATOM   637  C  CA  . MET A 1 80  ? 10.444  -9.583  2.903   1.00 19.77 ? 81   MET A CA  1 
ATOM   638  C  C   . MET A 1 80  ? 9.677   -10.572 3.770   1.00 20.33 ? 81   MET A C   1 
ATOM   639  O  O   . MET A 1 80  ? 9.903   -11.779 3.713   1.00 20.98 ? 81   MET A O   1 
ATOM   640  C  CB  . MET A 1 80  ? 11.065  -10.310 1.706   1.00 18.69 ? 81   MET A CB  1 
ATOM   641  C  CG  . MET A 1 80  ? 10.080  -11.071 0.847   1.00 19.30 ? 81   MET A CG  1 
ATOM   642  S  SD  . MET A 1 80  ? 8.782   -10.049 0.132   1.00 18.89 ? 81   MET A SD  1 
ATOM   643  C  CE  . MET A 1 80  ? 9.738   -8.653  -0.489  1.00 18.34 ? 81   MET A CE  1 
ATOM   644  N  N   . PRO A 1 81  ? 8.741   -10.067 4.582   1.00 19.98 ? 82   PRO A N   1 
ATOM   645  C  CA  . PRO A 1 81  ? 7.950   -10.935 5.456   1.00 19.71 ? 82   PRO A CA  1 
ATOM   646  C  C   . PRO A 1 81  ? 6.895   -11.789 4.754   1.00 19.64 ? 82   PRO A C   1 
ATOM   647  O  O   . PRO A 1 81  ? 6.395   -12.739 5.343   1.00 20.83 ? 82   PRO A O   1 
ATOM   648  C  CB  . PRO A 1 81  ? 7.318   -9.960  6.443   1.00 19.63 ? 82   PRO A CB  1 
ATOM   649  C  CG  . PRO A 1 81  ? 7.184   -8.693  5.658   1.00 18.88 ? 82   PRO A CG  1 
ATOM   650  C  CD  . PRO A 1 81  ? 8.390   -8.645  4.746   1.00 19.12 ? 82   PRO A CD  1 
ATOM   651  N  N   . PHE A 1 82  ? 6.559   -11.461 3.507   1.00 17.97 ? 83   PHE A N   1 
ATOM   652  C  CA  . PHE A 1 82  ? 5.537   -12.210 2.775   1.00 18.01 ? 83   PHE A CA  1 
ATOM   653  C  C   . PHE A 1 82  ? 5.958   -13.645 2.486   1.00 19.71 ? 83   PHE A C   1 
ATOM   654  O  O   . PHE A 1 82  ? 7.121   -13.912 2.199   1.00 19.96 ? 83   PHE A O   1 
ATOM   655  C  CB  . PHE A 1 82  ? 5.190   -11.499 1.467   1.00 15.21 ? 83   PHE A CB  1 
ATOM   656  C  CG  . PHE A 1 82  ? 4.645   -10.110 1.657   1.00 14.77 ? 83   PHE A CG  1 
ATOM   657  C  CD1 . PHE A 1 82  ? 3.281   -9.906  1.862   1.00 14.62 ? 83   PHE A CD1 1 
ATOM   658  C  CD2 . PHE A 1 82  ? 5.491   -9.003  1.623   1.00 13.40 ? 83   PHE A CD2 1 
ATOM   659  C  CE1 . PHE A 1 82  ? 2.771   -8.613  2.026   1.00 14.50 ? 83   PHE A CE1 1 
ATOM   660  C  CE2 . PHE A 1 82  ? 4.995   -7.710  1.785   1.00 12.95 ? 83   PHE A CE2 1 
ATOM   661  C  CZ  . PHE A 1 82  ? 3.631   -7.512  1.988   1.00 13.12 ? 83   PHE A CZ  1 
ATOM   662  N  N   . GLN A 1 83  ? 5.005   -14.566 2.569   1.00 22.21 ? 84   GLN A N   1 
ATOM   663  C  CA  . GLN A 1 83  ? 5.282   -15.978 2.326   1.00 24.61 ? 84   GLN A CA  1 
ATOM   664  C  C   . GLN A 1 83  ? 4.639   -16.478 1.041   1.00 24.23 ? 84   GLN A C   1 
ATOM   665  O  O   . GLN A 1 83  ? 3.471   -16.217 0.765   1.00 23.38 ? 84   GLN A O   1 
ATOM   666  C  CB  . GLN A 1 83  ? 4.794   -16.829 3.503   1.00 28.91 ? 84   GLN A CB  1 
ATOM   667  C  CG  . GLN A 1 83  ? 5.442   -16.497 4.842   1.00 35.96 ? 84   GLN A CG  1 
ATOM   668  C  CD  . GLN A 1 83  ? 6.942   -16.758 4.857   1.00 41.64 ? 84   GLN A CD  1 
ATOM   669  O  OE1 . GLN A 1 83  ? 7.391   -17.896 5.027   1.00 45.13 ? 84   GLN A OE1 1 
ATOM   670  N  NE2 . GLN A 1 83  ? 7.728   -15.695 4.678   1.00 44.57 ? 84   GLN A NE2 1 
ATOM   671  N  N   . ASP A 1 84  ? 5.418   -17.216 0.264   1.00 25.59 ? 85   ASP A N   1 
ATOM   672  C  CA  . ASP A 1 84  ? 4.963   -17.768 -1.002  1.00 26.05 ? 85   ASP A CA  1 
ATOM   673  C  C   . ASP A 1 84  ? 3.626   -18.509 -0.931  1.00 26.49 ? 85   ASP A C   1 
ATOM   674  O  O   . ASP A 1 84  ? 3.425   -19.376 -0.078  1.00 26.67 ? 85   ASP A O   1 
ATOM   675  C  CB  . ASP A 1 84  ? 6.036   -18.698 -1.547  1.00 27.06 ? 85   ASP A CB  1 
ATOM   676  C  CG  . ASP A 1 84  ? 5.966   -18.854 -3.044  1.00 28.26 ? 85   ASP A CG  1 
ATOM   677  O  OD1 . ASP A 1 84  ? 4.893   -18.591 -3.637  1.00 26.10 ? 85   ASP A OD1 1 
ATOM   678  O  OD2 . ASP A 1 84  ? 6.996   -19.250 -3.625  1.00 31.74 ? 85   ASP A OD2 1 
ATOM   679  N  N   . GLY A 1 85  ? 2.722   -18.151 -1.838  1.00 26.19 ? 86   GLY A N   1 
ATOM   680  C  CA  . GLY A 1 85  ? 1.416   -18.781 -1.903  1.00 27.46 ? 86   GLY A CA  1 
ATOM   681  C  C   . GLY A 1 85  ? 0.534   -18.622 -0.678  1.00 28.93 ? 86   GLY A C   1 
ATOM   682  O  O   . GLY A 1 85  ? -0.502  -19.280 -0.565  1.00 30.06 ? 86   GLY A O   1 
ATOM   683  N  N   . GLN A 1 86  ? 0.925   -17.735 0.230   1.00 28.66 ? 87   GLN A N   1 
ATOM   684  C  CA  . GLN A 1 86  ? 0.165   -17.511 1.456   1.00 27.59 ? 87   GLN A CA  1 
ATOM   685  C  C   . GLN A 1 86  ? -0.728  -16.279 1.407   1.00 24.95 ? 87   GLN A C   1 
ATOM   686  O  O   . GLN A 1 86  ? -0.416  -15.294 0.738   1.00 22.91 ? 87   GLN A O   1 
ATOM   687  C  CB  . GLN A 1 86  ? 1.130   -17.360 2.633   1.00 31.11 ? 87   GLN A CB  1 
ATOM   688  C  CG  . GLN A 1 86  ? 1.797   -18.640 3.045   1.00 37.55 ? 87   GLN A CG  1 
ATOM   689  C  CD  . GLN A 1 86  ? 0.788   -19.664 3.493   1.00 42.52 ? 87   GLN A CD  1 
ATOM   690  O  OE1 . GLN A 1 86  ? 0.273   -20.437 2.684   1.00 45.99 ? 87   GLN A OE1 1 
ATOM   691  N  NE2 . GLN A 1 86  ? 0.485   -19.669 4.791   1.00 45.44 ? 87   GLN A NE2 1 
ATOM   692  N  N   . GLU A 1 87  ? -1.842  -16.332 2.122   1.00 22.82 ? 88   GLU A N   1 
ATOM   693  C  CA  . GLU A 1 87  ? -2.715  -15.175 2.175   1.00 23.18 ? 88   GLU A CA  1 
ATOM   694  C  C   . GLU A 1 87  ? -1.994  -14.200 3.117   1.00 21.87 ? 88   GLU A C   1 
ATOM   695  O  O   . GLU A 1 87  ? -1.302  -14.622 4.042   1.00 21.47 ? 88   GLU A O   1 
ATOM   696  C  CB  . GLU A 1 87  ? -4.082  -15.548 2.746   1.00 25.43 ? 88   GLU A CB  1 
ATOM   697  C  CG  . GLU A 1 87  ? -4.946  -14.333 3.041   1.00 32.27 ? 88   GLU A CG  1 
ATOM   698  C  CD  . GLU A 1 87  ? -6.375  -14.686 3.401   1.00 35.51 ? 88   GLU A CD  1 
ATOM   699  O  OE1 . GLU A 1 87  ? -6.574  -15.366 4.431   1.00 37.50 ? 88   GLU A OE1 1 
ATOM   700  O  OE2 . GLU A 1 87  ? -7.293  -14.275 2.654   1.00 37.86 ? 88   GLU A OE2 1 
ATOM   701  N  N   . PHE A 1 88  ? -2.123  -12.901 2.877   1.00 19.07 ? 89   PHE A N   1 
ATOM   702  C  CA  . PHE A 1 88  ? -1.453  -11.944 3.744   1.00 18.43 ? 89   PHE A CA  1 
ATOM   703  C  C   . PHE A 1 88  ? -2.400  -10.874 4.282   1.00 18.16 ? 89   PHE A C   1 
ATOM   704  O  O   . PHE A 1 88  ? -3.425  -10.562 3.672   1.00 17.28 ? 89   PHE A O   1 
ATOM   705  C  CB  . PHE A 1 88  ? -0.283  -11.279 2.996   1.00 17.25 ? 89   PHE A CB  1 
ATOM   706  C  CG  . PHE A 1 88  ? -0.696  -10.531 1.758   1.00 17.32 ? 89   PHE A CG  1 
ATOM   707  C  CD1 . PHE A 1 88  ? -1.336  -9.295  1.854   1.00 15.86 ? 89   PHE A CD1 1 
ATOM   708  C  CD2 . PHE A 1 88  ? -0.460  -11.068 0.494   1.00 17.70 ? 89   PHE A CD2 1 
ATOM   709  C  CE1 . PHE A 1 88  ? -1.737  -8.605  0.715   1.00 15.51 ? 89   PHE A CE1 1 
ATOM   710  C  CE2 . PHE A 1 88  ? -0.859  -10.381 -0.659  1.00 17.74 ? 89   PHE A CE2 1 
ATOM   711  C  CZ  . PHE A 1 88  ? -1.501  -9.146  -0.546  1.00 16.79 ? 89   PHE A CZ  1 
ATOM   712  N  N   . GLU A 1 89  ? -2.061  -10.335 5.449   1.00 17.35 ? 90   GLU A N   1 
ATOM   713  C  CA  . GLU A 1 89  ? -2.839  -9.262  6.042   1.00 18.10 ? 90   GLU A CA  1 
ATOM   714  C  C   . GLU A 1 89  ? -1.881  -8.074  6.120   1.00 17.50 ? 90   GLU A C   1 
ATOM   715  O  O   . GLU A 1 89  ? -0.884  -8.109  6.845   1.00 17.96 ? 90   GLU A O   1 
ATOM   716  C  CB  . GLU A 1 89  ? -3.316  -9.639  7.440   1.00 21.96 ? 90   GLU A CB  1 
ATOM   717  C  CG  . GLU A 1 89  ? -3.943  -8.476  8.188   1.00 27.96 ? 90   GLU A CG  1 
ATOM   718  C  CD  . GLU A 1 89  ? -4.956  -8.933  9.213   1.00 31.99 ? 90   GLU A CD  1 
ATOM   719  O  OE1 . GLU A 1 89  ? -4.552  -9.594  10.191  1.00 36.54 ? 90   GLU A OE1 1 
ATOM   720  O  OE2 . GLU A 1 89  ? -6.156  -8.634  9.043   1.00 36.12 ? 90   GLU A OE2 1 
ATOM   721  N  N   . LEU A 1 90  ? -2.169  -7.033  5.357   1.00 15.07 ? 91   LEU A N   1 
ATOM   722  C  CA  . LEU A 1 90  ? -1.313  -5.856  5.339   1.00 15.37 ? 91   LEU A CA  1 
ATOM   723  C  C   . LEU A 1 90  ? -2.052  -4.707  6.024   1.00 15.49 ? 91   LEU A C   1 
ATOM   724  O  O   . LEU A 1 90  ? -3.195  -4.409  5.690   1.00 14.25 ? 91   LEU A O   1 
ATOM   725  C  CB  . LEU A 1 90  ? -0.971  -5.508  3.883   1.00 15.70 ? 91   LEU A CB  1 
ATOM   726  C  CG  . LEU A 1 90  ? -0.128  -4.276  3.570   1.00 17.84 ? 91   LEU A CG  1 
ATOM   727  C  CD1 . LEU A 1 90  ? 1.312   -4.540  3.957   1.00 20.94 ? 91   LEU A CD1 1 
ATOM   728  C  CD2 . LEU A 1 90  ? -0.227  -3.957  2.083   1.00 18.43 ? 91   LEU A CD2 1 
ATOM   729  N  N   . SER A 1 91  ? -1.419  -4.076  7.004   1.00 15.25 ? 92   SER A N   1 
ATOM   730  C  CA  . SER A 1 91  ? -2.066  -2.964  7.691   1.00 17.60 ? 92   SER A CA  1 
ATOM   731  C  C   . SER A 1 91  ? -1.159  -1.732  7.717   1.00 15.61 ? 92   SER A C   1 
ATOM   732  O  O   . SER A 1 91  ? 0.009   -1.812  8.097   1.00 16.51 ? 92   SER A O   1 
ATOM   733  C  CB  . SER A 1 91  ? -2.463  -3.382  9.106   1.00 19.52 ? 92   SER A CB  1 
ATOM   734  O  OG  . SER A 1 91  ? -1.699  -2.676  10.059  1.00 28.61 ? 92   SER A OG  1 
ATOM   735  N  N   . ILE A 1 92  ? -1.707  -0.599  7.294   1.00 13.60 ? 93   ILE A N   1 
ATOM   736  C  CA  . ILE A 1 92  ? -0.962  0.646   7.233   1.00 12.62 ? 93   ILE A CA  1 
ATOM   737  C  C   . ILE A 1 92  ? -1.547  1.654   8.220   1.00 14.03 ? 93   ILE A C   1 
ATOM   738  O  O   . ILE A 1 92  ? -2.687  2.092   8.066   1.00 14.72 ? 93   ILE A O   1 
ATOM   739  C  CB  . ILE A 1 92  ? -0.994  1.222   5.797   1.00 13.22 ? 93   ILE A CB  1 
ATOM   740  C  CG1 . ILE A 1 92  ? -0.410  0.194   4.825   1.00 14.44 ? 93   ILE A CG1 1 
ATOM   741  C  CG2 . ILE A 1 92  ? -0.184  2.505   5.711   1.00 12.47 ? 93   ILE A CG2 1 
ATOM   742  C  CD1 . ILE A 1 92  ? -0.939  0.311   3.425   1.00 13.59 ? 93   ILE A CD1 1 
ATOM   743  N  N   . SER A 1 93  ? -0.752  2.005   9.234   1.00 13.63 ? 94   SER A N   1 
ATOM   744  C  CA  . SER A 1 93  ? -1.149  2.946   10.280  1.00 13.27 ? 94   SER A CA  1 
ATOM   745  C  C   . SER A 1 93  ? -0.605  4.340   10.037  1.00 11.81 ? 94   SER A C   1 
ATOM   746  O  O   . SER A 1 93  ? 0.562   4.516   9.726   1.00 12.31 ? 94   SER A O   1 
ATOM   747  C  CB  . SER A 1 93  ? -0.636  2.471   11.643  1.00 16.49 ? 94   SER A CB  1 
ATOM   748  O  OG  . SER A 1 93  ? -1.539  1.558   12.242  1.00 24.90 ? 94   SER A OG  1 
ATOM   749  N  N   . VAL A 1 94  ? -1.462  5.336   10.184  1.00 12.55 ? 95   VAL A N   1 
ATOM   750  C  CA  . VAL A 1 94  ? -1.047  6.713   10.002  1.00 13.02 ? 95   VAL A CA  1 
ATOM   751  C  C   . VAL A 1 94  ? -0.628  7.260   11.365  1.00 15.89 ? 95   VAL A C   1 
ATOM   752  O  O   . VAL A 1 94  ? -1.463  7.530   12.229  1.00 15.76 ? 95   VAL A O   1 
ATOM   753  C  CB  . VAL A 1 94  ? -2.192  7.585   9.439   1.00 12.60 ? 95   VAL A CB  1 
ATOM   754  C  CG1 . VAL A 1 94  ? -1.678  8.973   9.145   1.00 13.48 ? 95   VAL A CG1 1 
ATOM   755  C  CG2 . VAL A 1 94  ? -2.749  6.971   8.177   1.00 11.90 ? 95   VAL A CG2 1 
ATOM   756  N  N   . LEU A 1 95  ? 0.680   7.390   11.560  1.00 17.19 ? 96   LEU A N   1 
ATOM   757  C  CA  . LEU A 1 95  ? 1.219   7.925   12.795  1.00 17.25 ? 96   LEU A CA  1 
ATOM   758  C  C   . LEU A 1 95  ? 1.466   9.401   12.523  1.00 17.56 ? 96   LEU A C   1 
ATOM   759  O  O   . LEU A 1 95  ? 1.425   9.843   11.377  1.00 16.33 ? 96   LEU A O   1 
ATOM   760  C  CB  . LEU A 1 95  ? 2.534   7.230   13.154  1.00 17.85 ? 96   LEU A CB  1 
ATOM   761  C  CG  . LEU A 1 95  ? 2.515   5.704   13.275  1.00 21.47 ? 96   LEU A CG  1 
ATOM   762  C  CD1 . LEU A 1 95  ? 3.782   5.233   13.982  1.00 20.46 ? 96   LEU A CD1 1 
ATOM   763  C  CD2 . LEU A 1 95  ? 1.275   5.263   14.026  1.00 22.44 ? 96   LEU A CD2 1 
ATOM   764  N  N   . PRO A 1 96  ? 1.723   10.187  13.576  1.00 18.61 ? 97   PRO A N   1 
ATOM   765  C  CA  . PRO A 1 96  ? 1.968   11.617  13.385  1.00 17.62 ? 97   PRO A CA  1 
ATOM   766  C  C   . PRO A 1 96  ? 3.127   11.917  12.461  1.00 16.02 ? 97   PRO A C   1 
ATOM   767  O  O   . PRO A 1 96  ? 3.058   12.831  11.651  1.00 17.85 ? 97   PRO A O   1 
ATOM   768  C  CB  . PRO A 1 96  ? 2.236   12.132  14.802  1.00 20.40 ? 97   PRO A CB  1 
ATOM   769  C  CG  . PRO A 1 96  ? 1.633   11.110  15.709  1.00 21.29 ? 97   PRO A CG  1 
ATOM   770  C  CD  . PRO A 1 96  ? 1.788   9.802   14.997  1.00 19.57 ? 97   PRO A CD  1 
ATOM   771  N  N   . ASP A 1 97  ? 4.188   11.132  12.579  1.00 15.24 ? 98   ASP A N   1 
ATOM   772  C  CA  . ASP A 1 97  ? 5.390   11.346  11.793  1.00 16.68 ? 98   ASP A CA  1 
ATOM   773  C  C   . ASP A 1 97  ? 5.536   10.485  10.549  1.00 15.27 ? 98   ASP A C   1 
ATOM   774  O  O   . ASP A 1 97  ? 6.323   10.808  9.662   1.00 15.89 ? 98   ASP A O   1 
ATOM   775  C  CB  . ASP A 1 97  ? 6.624   11.131  12.681  1.00 18.21 ? 98   ASP A CB  1 
ATOM   776  C  CG  . ASP A 1 97  ? 6.616   9.769   13.376  1.00 21.89 ? 98   ASP A CG  1 
ATOM   777  O  OD1 . ASP A 1 97  ? 5.531   9.313   13.807  1.00 23.84 ? 98   ASP A OD1 1 
ATOM   778  O  OD2 . ASP A 1 97  ? 7.695   9.148   13.493  1.00 24.15 ? 98   ASP A OD2 1 
ATOM   779  N  N   . LYS A 1 98  ? 4.799   9.389   10.469  1.00 14.42 ? 99   LYS A N   1 
ATOM   780  C  CA  . LYS A 1 98  ? 4.948   8.544   9.306   1.00 13.06 ? 99   LYS A CA  1 
ATOM   781  C  C   . LYS A 1 98  ? 3.916   7.442   9.237   1.00 11.99 ? 99   LYS A C   1 
ATOM   782  O  O   . LYS A 1 98  ? 3.041   7.338   10.084  1.00 11.51 ? 99   LYS A O   1 
ATOM   783  C  CB  . LYS A 1 98  ? 6.347   7.925   9.320   1.00 15.40 ? 99   LYS A CB  1 
ATOM   784  C  CG  . LYS A 1 98  ? 6.434   6.611   10.065  1.00 18.86 ? 99   LYS A CG  1 
ATOM   785  C  CD  . LYS A 1 98  ? 6.713   6.808   11.536  1.00 20.93 ? 99   LYS A CD  1 
ATOM   786  C  CE  . LYS A 1 98  ? 7.926   6.008   11.962  1.00 22.34 ? 99   LYS A CE  1 
ATOM   787  N  NZ  . LYS A 1 98  ? 8.233   6.197   13.411  1.00 23.01 ? 99   LYS A NZ  1 
ATOM   788  N  N   . TYR A 1 99  ? 4.027   6.628   8.197   1.00 11.76 ? 100  TYR A N   1 
ATOM   789  C  CA  . TYR A 1 99  ? 3.147   5.488   8.017   1.00 10.89 ? 100  TYR A CA  1 
ATOM   790  C  C   . TYR A 1 99  ? 3.933   4.305   8.557   1.00 11.22 ? 100  TYR A C   1 
ATOM   791  O  O   . TYR A 1 99  ? 5.143   4.219   8.346   1.00 12.63 ? 100  TYR A O   1 
ATOM   792  C  CB  . TYR A 1 99  ? 2.871   5.212   6.529   1.00 10.72 ? 100  TYR A CB  1 
ATOM   793  C  CG  . TYR A 1 99  ? 2.056   6.257   5.814   1.00 10.08 ? 100  TYR A CG  1 
ATOM   794  C  CD1 . TYR A 1 99  ? 0.688   6.369   6.035   1.00 10.00 ? 100  TYR A CD1 1 
ATOM   795  C  CD2 . TYR A 1 99  ? 2.654   7.138   4.912   1.00 9.63  ? 100  TYR A CD2 1 
ATOM   796  C  CE1 . TYR A 1 99  ? -0.072  7.337   5.374   1.00 11.99 ? 100  TYR A CE1 1 
ATOM   797  C  CE2 . TYR A 1 99  ? 1.908   8.110   4.247   1.00 10.94 ? 100  TYR A CE2 1 
ATOM   798  C  CZ  . TYR A 1 99  ? 0.545   8.204   4.483   1.00 11.96 ? 100  TYR A CZ  1 
ATOM   799  O  OH  . TYR A 1 99  ? -0.204  9.163   3.834   1.00 12.64 ? 100  TYR A OH  1 
ATOM   800  N  N   . GLN A 1 100 ? 3.258   3.418   9.276   1.00 10.96 ? 101  GLN A N   1 
ATOM   801  C  CA  . GLN A 1 100 ? 3.904   2.212   9.754   1.00 12.44 ? 101  GLN A CA  1 
ATOM   802  C  C   . GLN A 1 100 ? 3.163   1.065   9.078   1.00 12.67 ? 101  GLN A C   1 
ATOM   803  O  O   . GLN A 1 100 ? 1.942   0.975   9.161   1.00 12.77 ? 101  GLN A O   1 
ATOM   804  C  CB  . GLN A 1 100 ? 3.806   2.055   11.264  1.00 12.38 ? 101  GLN A CB  1 
ATOM   805  C  CG  . GLN A 1 100 ? 4.584   0.825   11.731  1.00 15.81 ? 101  GLN A CG  1 
ATOM   806  C  CD  . GLN A 1 100 ? 4.700   0.726   13.231  1.00 17.30 ? 101  GLN A CD  1 
ATOM   807  O  OE1 . GLN A 1 100 ? 3.797   1.126   13.961  1.00 18.52 ? 101  GLN A OE1 1 
ATOM   808  N  NE2 . GLN A 1 100 ? 5.814   0.187   13.699  1.00 17.03 ? 101  GLN A NE2 1 
ATOM   809  N  N   . VAL A 1 101 ? 3.913   0.202   8.405   1.00 12.70 ? 102  VAL A N   1 
ATOM   810  C  CA  . VAL A 1 101 ? 3.338   -0.924  7.693   1.00 12.92 ? 102  VAL A CA  1 
ATOM   811  C  C   . VAL A 1 101 ? 3.618   -2.259  8.368   1.00 13.99 ? 102  VAL A C   1 
ATOM   812  O  O   . VAL A 1 101 ? 4.769   -2.656  8.541   1.00 15.29 ? 102  VAL A O   1 
ATOM   813  C  CB  . VAL A 1 101 ? 3.878   -0.971  6.257   1.00 13.92 ? 102  VAL A CB  1 
ATOM   814  C  CG1 . VAL A 1 101 ? 3.156   -2.045  5.456   1.00 13.21 ? 102  VAL A CG1 1 
ATOM   815  C  CG2 . VAL A 1 101 ? 3.713   0.401   5.611   1.00 13.95 ? 102  VAL A CG2 1 
ATOM   816  N  N   . MET A 1 102 ? 2.549   -2.949  8.746   1.00 14.74 ? 103  MET A N   1 
ATOM   817  C  CA  . MET A 1 102 ? 2.664   -4.250  9.388   1.00 17.36 ? 103  MET A CA  1 
ATOM   818  C  C   . MET A 1 102 ? 2.235   -5.334  8.426   1.00 17.42 ? 103  MET A C   1 
ATOM   819  O  O   . MET A 1 102 ? 1.258   -5.178  7.696   1.00 15.18 ? 103  MET A O   1 
ATOM   820  C  CB  . MET A 1 102 ? 1.766   -4.330  10.614  1.00 19.84 ? 103  MET A CB  1 
ATOM   821  C  CG  . MET A 1 102 ? 1.748   -3.069  11.423  1.00 27.09 ? 103  MET A CG  1 
ATOM   822  S  SD  . MET A 1 102 ? 2.639   -3.329  12.923  1.00 34.06 ? 103  MET A SD  1 
ATOM   823  C  CE  . MET A 1 102 ? 1.542   -4.520  13.712  1.00 32.31 ? 103  MET A CE  1 
ATOM   824  N  N   . VAL A 1 103 ? 2.973   -6.434  8.422   1.00 17.77 ? 104  VAL A N   1 
ATOM   825  C  CA  . VAL A 1 103 ? 2.635   -7.561  7.572   1.00 17.47 ? 104  VAL A CA  1 
ATOM   826  C  C   . VAL A 1 103 ? 2.397   -8.731  8.521   1.00 17.76 ? 104  VAL A C   1 
ATOM   827  O  O   . VAL A 1 103 ? 3.303   -9.158  9.229   1.00 17.66 ? 104  VAL A O   1 
ATOM   828  C  CB  . VAL A 1 103 ? 3.773   -7.879  6.586   1.00 16.68 ? 104  VAL A CB  1 
ATOM   829  C  CG1 . VAL A 1 103 ? 3.379   -9.053  5.705   1.00 17.84 ? 104  VAL A CG1 1 
ATOM   830  C  CG2 . VAL A 1 103 ? 4.062   -6.659  5.728   1.00 13.90 ? 104  VAL A CG2 1 
ATOM   831  N  N   . ASN A 1 104 ? 1.164   -9.220  8.555   1.00 18.11 ? 105  ASN A N   1 
ATOM   832  C  CA  . ASN A 1 104 ? 0.801   -10.315 9.437   1.00 20.16 ? 105  ASN A CA  1 
ATOM   833  C  C   . ASN A 1 104 ? 1.227   -10.035 10.875  1.00 20.89 ? 105  ASN A C   1 
ATOM   834  O  O   . ASN A 1 104 ? 1.868   -10.864 11.518  1.00 21.64 ? 105  ASN A O   1 
ATOM   835  C  CB  . ASN A 1 104 ? 1.431   -11.619 8.950   1.00 21.51 ? 105  ASN A CB  1 
ATOM   836  C  CG  . ASN A 1 104 ? 1.021   -11.967 7.531   1.00 23.51 ? 105  ASN A CG  1 
ATOM   837  O  OD1 . ASN A 1 104 ? 1.829   -12.459 6.745   1.00 26.37 ? 105  ASN A OD1 1 
ATOM   838  N  ND2 . ASN A 1 104 ? -0.235  -11.709 7.195   1.00 20.58 ? 105  ASN A ND2 1 
ATOM   839  N  N   . GLY A 1 105 ? 0.877   -8.852  11.367  1.00 20.90 ? 106  GLY A N   1 
ATOM   840  C  CA  . GLY A 1 105 ? 1.192   -8.488  12.736  1.00 22.73 ? 106  GLY A CA  1 
ATOM   841  C  C   . GLY A 1 105 ? 2.593   -8.005  13.058  1.00 23.69 ? 106  GLY A C   1 
ATOM   842  O  O   . GLY A 1 105 ? 2.838   -7.572  14.176  1.00 25.55 ? 106  GLY A O   1 
ATOM   843  N  N   . GLN A 1 106 ? 3.514   -8.065  12.106  1.00 23.40 ? 107  GLN A N   1 
ATOM   844  C  CA  . GLN A 1 106 ? 4.875   -7.623  12.371  1.00 23.01 ? 107  GLN A CA  1 
ATOM   845  C  C   . GLN A 1 106 ? 5.245   -6.332  11.657  1.00 21.69 ? 107  GLN A C   1 
ATOM   846  O  O   . GLN A 1 106 ? 5.023   -6.194  10.456  1.00 21.34 ? 107  GLN A O   1 
ATOM   847  C  CB  . GLN A 1 106 ? 5.874   -8.712  11.972  1.00 25.93 ? 107  GLN A CB  1 
ATOM   848  C  CG  . GLN A 1 106 ? 7.322   -8.318  12.238  1.00 32.39 ? 107  GLN A CG  1 
ATOM   849  C  CD  . GLN A 1 106 ? 8.288   -8.819  11.179  1.00 37.23 ? 107  GLN A CD  1 
ATOM   850  O  OE1 . GLN A 1 106 ? 8.611   -10.004 11.141  1.00 40.03 ? 107  GLN A OE1 1 
ATOM   851  N  NE2 . GLN A 1 106 ? 8.762   -7.914  10.316  1.00 39.41 ? 107  GLN A NE2 1 
ATOM   852  N  N   . SER A 1 107 ? 5.819   -5.388  12.401  1.00 19.77 ? 108  SER A N   1 
ATOM   853  C  CA  . SER A 1 107 ? 6.245   -4.117  11.826  1.00 17.81 ? 108  SER A CA  1 
ATOM   854  C  C   . SER A 1 107 ? 7.342   -4.443  10.818  1.00 17.59 ? 108  SER A C   1 
ATOM   855  O  O   . SER A 1 107 ? 8.338   -5.085  11.171  1.00 16.48 ? 108  SER A O   1 
ATOM   856  C  CB  . SER A 1 107 ? 6.793   -3.203  12.923  1.00 18.03 ? 108  SER A CB  1 
ATOM   857  O  OG  . SER A 1 107 ? 7.270   -1.982  12.382  1.00 19.90 ? 108  SER A OG  1 
ATOM   858  N  N   . SER A 1 108 ? 7.171   -4.002  9.573   1.00 15.56 ? 109  SER A N   1 
ATOM   859  C  CA  . SER A 1 108 ? 8.143   -4.306  8.529   1.00 14.83 ? 109  SER A CA  1 
ATOM   860  C  C   . SER A 1 108 ? 8.674   -3.119  7.753   1.00 13.52 ? 109  SER A C   1 
ATOM   861  O  O   . SER A 1 108 ? 9.770   -3.187  7.196   1.00 13.14 ? 109  SER A O   1 
ATOM   862  C  CB  . SER A 1 108 ? 7.539   -5.305  7.542   1.00 16.31 ? 109  SER A CB  1 
ATOM   863  O  OG  . SER A 1 108 ? 6.710   -6.232  8.219   1.00 19.22 ? 109  SER A OG  1 
ATOM   864  N  N   . TYR A 1 109 ? 7.891   -2.045  7.687   1.00 12.08 ? 110  TYR A N   1 
ATOM   865  C  CA  . TYR A 1 109 ? 8.305   -0.848  6.968   1.00 13.02 ? 110  TYR A CA  1 
ATOM   866  C  C   . TYR A 1 109 ? 7.672   0.401   7.554   1.00 12.66 ? 110  TYR A C   1 
ATOM   867  O  O   . TYR A 1 109 ? 6.614   0.341   8.171   1.00 13.35 ? 110  TYR A O   1 
ATOM   868  C  CB  . TYR A 1 109 ? 7.910   -0.913  5.472   1.00 13.00 ? 110  TYR A CB  1 
ATOM   869  C  CG  . TYR A 1 109 ? 8.040   -2.269  4.790   1.00 12.71 ? 110  TYR A CG  1 
ATOM   870  C  CD1 . TYR A 1 109 ? 9.251   -2.684  4.229   1.00 11.58 ? 110  TYR A CD1 1 
ATOM   871  C  CD2 . TYR A 1 109 ? 6.961   -3.145  4.733   1.00 14.10 ? 110  TYR A CD2 1 
ATOM   872  C  CE1 . TYR A 1 109 ? 9.384   -3.947  3.632   1.00 12.75 ? 110  TYR A CE1 1 
ATOM   873  C  CE2 . TYR A 1 109 ? 7.084   -4.411  4.141   1.00 15.50 ? 110  TYR A CE2 1 
ATOM   874  C  CZ  . TYR A 1 109 ? 8.298   -4.805  3.596   1.00 14.00 ? 110  TYR A CZ  1 
ATOM   875  O  OH  . TYR A 1 109 ? 8.413   -6.060  3.040   1.00 15.56 ? 110  TYR A OH  1 
ATOM   876  N  N   . THR A 1 110 ? 8.341   1.533   7.373   1.00 13.37 ? 111  THR A N   1 
ATOM   877  C  CA  . THR A 1 110 ? 7.793   2.819   7.790   1.00 14.49 ? 111  THR A CA  1 
ATOM   878  C  C   . THR A 1 110 ? 8.212   3.791   6.691   1.00 15.09 ? 111  THR A C   1 
ATOM   879  O  O   . THR A 1 110 ? 9.171   3.539   5.957   1.00 14.19 ? 111  THR A O   1 
ATOM   880  C  CB  . THR A 1 110 ? 8.324   3.325   9.155   1.00 14.97 ? 111  THR A CB  1 
ATOM   881  O  OG1 . THR A 1 110 ? 9.745   3.450   9.100   1.00 17.63 ? 111  THR A OG1 1 
ATOM   882  C  CG2 . THR A 1 110 ? 7.911   2.381   10.288  1.00 16.25 ? 111  THR A CG2 1 
ATOM   883  N  N   . PHE A 1 111 ? 7.485   4.894   6.574   1.00 15.55 ? 112  PHE A N   1 
ATOM   884  C  CA  . PHE A 1 111 ? 7.755   5.890   5.552   1.00 13.94 ? 112  PHE A CA  1 
ATOM   885  C  C   . PHE A 1 111 ? 7.334   7.229   6.128   1.00 14.35 ? 112  PHE A C   1 
ATOM   886  O  O   . PHE A 1 111 ? 6.157   7.435   6.432   1.00 14.06 ? 112  PHE A O   1 
ATOM   887  C  CB  . PHE A 1 111 ? 6.924   5.560   4.313   1.00 13.14 ? 112  PHE A CB  1 
ATOM   888  C  CG  . PHE A 1 111 ? 7.115   6.506   3.169   1.00 13.60 ? 112  PHE A CG  1 
ATOM   889  C  CD1 . PHE A 1 111 ? 8.120   6.288   2.230   1.00 12.76 ? 112  PHE A CD1 1 
ATOM   890  C  CD2 . PHE A 1 111 ? 6.241   7.571   2.980   1.00 13.07 ? 112  PHE A CD2 1 
ATOM   891  C  CE1 . PHE A 1 111 ? 8.247   7.112   1.113   1.00 12.59 ? 112  PHE A CE1 1 
ATOM   892  C  CE2 . PHE A 1 111 ? 6.358   8.400   1.868   1.00 13.65 ? 112  PHE A CE2 1 
ATOM   893  C  CZ  . PHE A 1 111 ? 7.363   8.168   0.929   1.00 13.01 ? 112  PHE A CZ  1 
ATOM   894  N  N   . ASP A 1 112 ? 8.300   8.125   6.302   1.00 14.95 ? 113  ASP A N   1 
ATOM   895  C  CA  . ASP A 1 112 ? 8.013   9.448   6.848   1.00 15.35 ? 113  ASP A CA  1 
ATOM   896  C  C   . ASP A 1 112 ? 7.112   10.212  5.891   1.00 14.61 ? 113  ASP A C   1 
ATOM   897  O  O   . ASP A 1 112 ? 7.288   10.150  4.674   1.00 14.22 ? 113  ASP A O   1 
ATOM   898  C  CB  . ASP A 1 112 ? 9.308   10.232  7.061   1.00 17.62 ? 113  ASP A CB  1 
ATOM   899  C  CG  . ASP A 1 112 ? 10.132  9.697   8.212   1.00 20.65 ? 113  ASP A CG  1 
ATOM   900  O  OD1 . ASP A 1 112 ? 9.633   8.817   8.945   1.00 23.71 ? 113  ASP A OD1 1 
ATOM   901  O  OD2 . ASP A 1 112 ? 11.281  10.155  8.384   1.00 24.84 ? 113  ASP A OD2 1 
ATOM   902  N  N   . HIS A 1 113 ? 6.146   10.934  6.446   1.00 14.28 ? 114  HIS A N   1 
ATOM   903  C  CA  . HIS A 1 113 ? 5.215   11.707  5.638   1.00 13.66 ? 114  HIS A CA  1 
ATOM   904  C  C   . HIS A 1 113 ? 5.916   12.767  4.804   1.00 15.46 ? 114  HIS A C   1 
ATOM   905  O  O   . HIS A 1 113 ? 6.742   13.524  5.312   1.00 15.20 ? 114  HIS A O   1 
ATOM   906  C  CB  . HIS A 1 113 ? 4.192   12.395  6.533   1.00 14.48 ? 114  HIS A CB  1 
ATOM   907  C  CG  . HIS A 1 113 ? 3.258   11.451  7.219   1.00 14.04 ? 114  HIS A CG  1 
ATOM   908  N  ND1 . HIS A 1 113 ? 2.513   10.517  6.536   1.00 13.41 ? 114  HIS A ND1 1 
ATOM   909  C  CD2 . HIS A 1 113 ? 2.952   11.293  8.528   1.00 13.70 ? 114  HIS A CD2 1 
ATOM   910  C  CE1 . HIS A 1 113 ? 1.786   9.823   7.394   1.00 15.69 ? 114  HIS A CE1 1 
ATOM   911  N  NE2 . HIS A 1 113 ? 2.034   10.275  8.609   1.00 15.79 ? 114  HIS A NE2 1 
ATOM   912  N  N   . ARG A 1 114 ? 5.584   12.824  3.521   1.00 15.07 ? 115  ARG A N   1 
ATOM   913  C  CA  . ARG A 1 114 ? 6.163   13.828  2.637   1.00 16.90 ? 115  ARG A CA  1 
ATOM   914  C  C   . ARG A 1 114 ? 5.102   14.894  2.377   1.00 17.78 ? 115  ARG A C   1 
ATOM   915  O  O   . ARG A 1 114 ? 5.410   16.065  2.162   1.00 18.72 ? 115  ARG A O   1 
ATOM   916  C  CB  . ARG A 1 114 ? 6.606   13.191  1.323   1.00 14.66 ? 115  ARG A CB  1 
ATOM   917  C  CG  . ARG A 1 114 ? 7.907   12.443  1.451   1.00 14.72 ? 115  ARG A CG  1 
ATOM   918  C  CD  . ARG A 1 114 ? 8.231   11.679  0.198   1.00 15.05 ? 115  ARG A CD  1 
ATOM   919  N  NE  . ARG A 1 114 ? 9.346   10.768  0.425   1.00 15.88 ? 115  ARG A NE  1 
ATOM   920  C  CZ  . ARG A 1 114 ? 9.952   10.084  -0.536  1.00 14.42 ? 115  ARG A CZ  1 
ATOM   921  N  NH1 . ARG A 1 114 ? 9.545   10.211  -1.791  1.00 12.23 ? 115  ARG A NH1 1 
ATOM   922  N  NH2 . ARG A 1 114 ? 10.964  9.283   -0.237  1.00 15.38 ? 115  ARG A NH2 1 
ATOM   923  N  N   . ILE A 1 115 ? 3.849   14.456  2.404   1.00 17.40 ? 116  ILE A N   1 
ATOM   924  C  CA  . ILE A 1 115 ? 2.682   15.304  2.199   1.00 16.73 ? 116  ILE A CA  1 
ATOM   925  C  C   . ILE A 1 115 ? 1.736   14.927  3.338   1.00 17.41 ? 116  ILE A C   1 
ATOM   926  O  O   . ILE A 1 115 ? 1.708   13.771  3.764   1.00 17.56 ? 116  ILE A O   1 
ATOM   927  C  CB  . ILE A 1 115 ? 2.002   14.981  0.850   1.00 16.63 ? 116  ILE A CB  1 
ATOM   928  C  CG1 . ILE A 1 115 ? 2.935   15.354  -0.301  1.00 16.27 ? 116  ILE A CG1 1 
ATOM   929  C  CG2 . ILE A 1 115 ? 0.670   15.710  0.738   1.00 16.75 ? 116  ILE A CG2 1 
ATOM   930  C  CD1 . ILE A 1 115 ? 2.463   14.847  -1.649  1.00 15.98 ? 116  ILE A CD1 1 
ATOM   931  N  N   . LYS A 1 116 ? 0.970   15.883  3.847   1.00 16.64 ? 117  LYS A N   1 
ATOM   932  C  CA  . LYS A 1 116 ? 0.048   15.573  4.935   1.00 17.08 ? 117  LYS A CA  1 
ATOM   933  C  C   . LYS A 1 116 ? -0.923  14.470  4.503   1.00 14.96 ? 117  LYS A C   1 
ATOM   934  O  O   . LYS A 1 116 ? -1.428  14.482  3.380   1.00 14.54 ? 117  LYS A O   1 
ATOM   935  C  CB  . LYS A 1 116 ? -0.738  16.828  5.347   1.00 19.38 ? 117  LYS A CB  1 
ATOM   936  C  CG  . LYS A 1 116 ? -1.534  17.472  4.220   1.00 24.02 ? 117  LYS A CG  1 
ATOM   937  C  CD  . LYS A 1 116 ? -2.516  18.515  4.741   1.00 30.77 ? 117  LYS A CD  1 
ATOM   938  C  CE  . LYS A 1 116 ? -1.922  19.925  4.706   1.00 34.48 ? 117  LYS A CE  1 
ATOM   939  N  NZ  . LYS A 1 116 ? -2.969  20.993  4.804   1.00 36.81 ? 117  LYS A NZ  1 
ATOM   940  N  N   . PRO A 1 117 ? -1.194  13.499  5.392   1.00 14.65 ? 118  PRO A N   1 
ATOM   941  C  CA  . PRO A 1 117 ? -2.115  12.408  5.044   1.00 14.82 ? 118  PRO A CA  1 
ATOM   942  C  C   . PRO A 1 117 ? -3.513  12.909  4.701   1.00 15.30 ? 118  PRO A C   1 
ATOM   943  O  O   . PRO A 1 117 ? -4.282  12.222  4.027   1.00 15.06 ? 118  PRO A O   1 
ATOM   944  C  CB  . PRO A 1 117 ? -2.118  11.513  6.287   1.00 14.29 ? 118  PRO A CB  1 
ATOM   945  C  CG  . PRO A 1 117 ? -0.937  11.924  7.079   1.00 15.93 ? 118  PRO A CG  1 
ATOM   946  C  CD  . PRO A 1 117 ? -0.660  13.358  6.755   1.00 14.12 ? 118  PRO A CD  1 
ATOM   947  N  N   . GLU A 1 118 ? -3.834  14.116  5.162   1.00 15.75 ? 119  GLU A N   1 
ATOM   948  C  CA  . GLU A 1 118 ? -5.138  14.717  4.918   1.00 16.08 ? 119  GLU A CA  1 
ATOM   949  C  C   . GLU A 1 118 ? -5.344  15.049  3.445   1.00 14.39 ? 119  GLU A C   1 
ATOM   950  O  O   . GLU A 1 118 ? -6.452  15.368  3.026   1.00 16.18 ? 119  GLU A O   1 
ATOM   951  C  CB  . GLU A 1 118 ? -5.285  15.985  5.758   1.00 16.88 ? 119  GLU A CB  1 
ATOM   952  C  CG  . GLU A 1 118 ? -5.601  15.698  7.207   1.00 21.04 ? 119  GLU A CG  1 
ATOM   953  C  CD  . GLU A 1 118 ? -4.362  15.451  8.055   1.00 23.51 ? 119  GLU A CD  1 
ATOM   954  O  OE1 . GLU A 1 118 ? -3.222  15.539  7.536   1.00 21.26 ? 119  GLU A OE1 1 
ATOM   955  O  OE2 . GLU A 1 118 ? -4.537  15.168  9.262   1.00 27.37 ? 119  GLU A OE2 1 
ATOM   956  N  N   . ALA A 1 119 ? -4.271  14.984  2.665   1.00 12.62 ? 120  ALA A N   1 
ATOM   957  C  CA  . ALA A 1 119 ? -4.344  15.275  1.243   1.00 10.55 ? 120  ALA A CA  1 
ATOM   958  C  C   . ALA A 1 119 ? -4.894  14.067  0.491   1.00 11.79 ? 120  ALA A C   1 
ATOM   959  O  O   . ALA A 1 119 ? -5.354  14.189  -0.643  1.00 12.11 ? 120  ALA A O   1 
ATOM   960  C  CB  . ALA A 1 119 ? -2.971  15.627  0.726   1.00 9.46  ? 120  ALA A CB  1 
ATOM   961  N  N   . VAL A 1 120 ? -4.852  12.902  1.133   1.00 10.65 ? 121  VAL A N   1 
ATOM   962  C  CA  . VAL A 1 120 ? -5.337  11.663  0.525   1.00 11.22 ? 121  VAL A CA  1 
ATOM   963  C  C   . VAL A 1 120 ? -6.857  11.643  0.308   1.00 12.82 ? 121  VAL A C   1 
ATOM   964  O  O   . VAL A 1 120 ? -7.629  11.921  1.225   1.00 14.74 ? 121  VAL A O   1 
ATOM   965  C  CB  . VAL A 1 120 ? -4.950  10.441  1.391   1.00 11.14 ? 121  VAL A CB  1 
ATOM   966  C  CG1 . VAL A 1 120 ? -5.575  9.178   0.819   1.00 9.68  ? 121  VAL A CG1 1 
ATOM   967  C  CG2 . VAL A 1 120 ? -3.427  10.304  1.464   1.00 10.18 ? 121  VAL A CG2 1 
ATOM   968  N  N   . LYS A 1 121 ? -7.282  11.308  -0.905  1.00 11.97 ? 122  LYS A N   1 
ATOM   969  C  CA  . LYS A 1 121 ? -8.704  11.239  -1.211  1.00 12.58 ? 122  LYS A CA  1 
ATOM   970  C  C   . LYS A 1 121 ? -9.100  9.873   -1.749  1.00 12.32 ? 122  LYS A C   1 
ATOM   971  O  O   . LYS A 1 121 ? -10.277 9.527   -1.767  1.00 12.66 ? 122  LYS A O   1 
ATOM   972  C  CB  . LYS A 1 121 ? -9.079  12.295  -2.249  1.00 15.41 ? 122  LYS A CB  1 
ATOM   973  C  CG  . LYS A 1 121 ? -8.972  13.721  -1.744  1.00 19.99 ? 122  LYS A CG  1 
ATOM   974  C  CD  . LYS A 1 121 ? -9.903  14.644  -2.514  1.00 25.54 ? 122  LYS A CD  1 
ATOM   975  C  CE  . LYS A 1 121 ? -9.328  16.053  -2.640  1.00 29.46 ? 122  LYS A CE  1 
ATOM   976  N  NZ  . LYS A 1 121 ? -9.819  16.738  -3.878  1.00 34.84 ? 122  LYS A NZ  1 
ATOM   977  N  N   . MET A 1 122 ? -8.117  9.088   -2.172  1.00 12.32 ? 123  MET A N   1 
ATOM   978  C  CA  . MET A 1 122 ? -8.397  7.782   -2.751  1.00 11.60 ? 123  MET A CA  1 
ATOM   979  C  C   . MET A 1 122 ? -7.254  6.794   -2.512  1.00 9.73  ? 123  MET A C   1 
ATOM   980  O  O   . MET A 1 122 ? -6.094  7.181   -2.431  1.00 8.96  ? 123  MET A O   1 
ATOM   981  C  CB  . MET A 1 122 ? -8.639  7.967   -4.263  1.00 10.89 ? 123  MET A CB  1 
ATOM   982  C  CG  . MET A 1 122 ? -8.885  6.696   -5.065  1.00 12.67 ? 123  MET A CG  1 
ATOM   983  S  SD  . MET A 1 122 ? -7.349  5.987   -5.733  1.00 14.39 ? 123  MET A SD  1 
ATOM   984  C  CE  . MET A 1 122 ? -7.283  6.695   -7.345  1.00 9.95  ? 123  MET A CE  1 
ATOM   985  N  N   . VAL A 1 123 ? -7.600  5.519   -2.375  1.00 8.91  ? 124  VAL A N   1 
ATOM   986  C  CA  . VAL A 1 123 ? -6.600  4.473   -2.207  1.00 10.02 ? 124  VAL A CA  1 
ATOM   987  C  C   . VAL A 1 123 ? -6.833  3.462   -3.328  1.00 10.67 ? 124  VAL A C   1 
ATOM   988  O  O   . VAL A 1 123 ? -7.974  3.067   -3.587  1.00 10.33 ? 124  VAL A O   1 
ATOM   989  C  CB  . VAL A 1 123 ? -6.727  3.737   -0.845  1.00 10.84 ? 124  VAL A CB  1 
ATOM   990  C  CG1 . VAL A 1 123 ? -5.754  2.555   -0.800  1.00 10.17 ? 124  VAL A CG1 1 
ATOM   991  C  CG2 . VAL A 1 123 ? -6.421  4.697   0.303   1.00 11.87 ? 124  VAL A CG2 1 
ATOM   992  N  N   . GLN A 1 124 ? -5.768  3.071   -4.021  1.00 9.94  ? 125  GLN A N   1 
ATOM   993  C  CA  . GLN A 1 124 ? -5.896  2.078   -5.079  1.00 8.57  ? 125  GLN A CA  1 
ATOM   994  C  C   . GLN A 1 124 ? -4.978  0.902   -4.772  1.00 9.08  ? 125  GLN A C   1 
ATOM   995  O  O   . GLN A 1 124 ? -3.797  1.095   -4.471  1.00 8.53  ? 125  GLN A O   1 
ATOM   996  C  CB  . GLN A 1 124 ? -5.531  2.664   -6.442  1.00 8.30  ? 125  GLN A CB  1 
ATOM   997  C  CG  . GLN A 1 124 ? -5.705  1.635   -7.556  1.00 11.08 ? 125  GLN A CG  1 
ATOM   998  C  CD  . GLN A 1 124 ? -5.595  2.210   -8.947  1.00 11.65 ? 125  GLN A CD  1 
ATOM   999  O  OE1 . GLN A 1 124 ? -4.606  2.858   -9.291  1.00 13.84 ? 125  GLN A OE1 1 
ATOM   1000 N  NE2 . GLN A 1 124 ? -6.610  1.965   -9.767  1.00 13.27 ? 125  GLN A NE2 1 
ATOM   1001 N  N   . VAL A 1 125 ? -5.536  -0.308  -4.830  1.00 9.56  ? 126  VAL A N   1 
ATOM   1002 C  CA  . VAL A 1 125 ? -4.782  -1.539  -4.573  1.00 9.52  ? 126  VAL A CA  1 
ATOM   1003 C  C   . VAL A 1 125 ? -4.812  -2.354  -5.859  1.00 9.24  ? 126  VAL A C   1 
ATOM   1004 O  O   . VAL A 1 125 ? -5.882  -2.670  -6.374  1.00 9.68  ? 126  VAL A O   1 
ATOM   1005 C  CB  . VAL A 1 125 ? -5.420  -2.378  -3.449  1.00 9.69  ? 126  VAL A CB  1 
ATOM   1006 C  CG1 . VAL A 1 125 ? -4.526  -3.563  -3.117  1.00 9.22  ? 126  VAL A CG1 1 
ATOM   1007 C  CG2 . VAL A 1 125 ? -5.632  -1.517  -2.215  1.00 11.23 ? 126  VAL A CG2 1 
ATOM   1008 N  N   . TRP A 1 126 ? -3.642  -2.689  -6.386  1.00 9.09  ? 127  TRP A N   1 
ATOM   1009 C  CA  . TRP A 1 126 ? -3.611  -3.438  -7.626  1.00 8.70  ? 127  TRP A CA  1 
ATOM   1010 C  C   . TRP A 1 126 ? -2.376  -4.308  -7.829  1.00 9.05  ? 127  TRP A C   1 
ATOM   1011 O  O   . TRP A 1 126 ? -1.574  -4.506  -6.908  1.00 8.29  ? 127  TRP A O   1 
ATOM   1012 C  CB  . TRP A 1 126 ? -3.802  -2.479  -8.809  1.00 8.36  ? 127  TRP A CB  1 
ATOM   1013 C  CG  . TRP A 1 126 ? -2.772  -1.396  -8.930  1.00 8.91  ? 127  TRP A CG  1 
ATOM   1014 C  CD1 . TRP A 1 126 ? -2.453  -0.438  -7.998  1.00 8.65  ? 127  TRP A CD1 1 
ATOM   1015 C  CD2 . TRP A 1 126 ? -1.962  -1.125  -10.076 1.00 9.85  ? 127  TRP A CD2 1 
ATOM   1016 N  NE1 . TRP A 1 126 ? -1.497  0.414   -8.502  1.00 9.07  ? 127  TRP A NE1 1 
ATOM   1017 C  CE2 . TRP A 1 126 ? -1.177  0.017   -9.774  1.00 10.40 ? 127  TRP A CE2 1 
ATOM   1018 C  CE3 . TRP A 1 126 ? -1.823  -1.738  -11.335 1.00 9.22  ? 127  TRP A CE3 1 
ATOM   1019 C  CZ2 . TRP A 1 126 ? -0.262  0.564   -10.690 1.00 10.51 ? 127  TRP A CZ2 1 
ATOM   1020 C  CZ3 . TRP A 1 126 ? -0.914  -1.195  -12.246 1.00 9.68  ? 127  TRP A CZ3 1 
ATOM   1021 C  CH2 . TRP A 1 126 ? -0.145  -0.054  -11.915 1.00 11.86 ? 127  TRP A CH2 1 
ATOM   1022 N  N   . ARG A 1 127 ? -2.258  -4.817  -9.053  1.00 8.04  ? 128  ARG A N   1 
ATOM   1023 C  CA  . ARG A 1 127 ? -1.207  -5.722  -9.514  1.00 8.73  ? 128  ARG A CA  1 
ATOM   1024 C  C   . ARG A 1 127 ? -1.641  -7.176  -9.308  1.00 8.09  ? 128  ARG A C   1 
ATOM   1025 O  O   . ARG A 1 127 ? -2.839  -7.467  -9.251  1.00 9.81  ? 128  ARG A O   1 
ATOM   1026 C  CB  . ARG A 1 127 ? 0.156   -5.462  -8.849  1.00 10.03 ? 128  ARG A CB  1 
ATOM   1027 C  CG  . ARG A 1 127 ? 0.689   -4.042  -9.037  1.00 11.00 ? 128  ARG A CG  1 
ATOM   1028 C  CD  . ARG A 1 127 ? 1.408   -3.831  -10.341 1.00 10.69 ? 128  ARG A CD  1 
ATOM   1029 N  NE  . ARG A 1 127 ? 2.141   -2.558  -10.369 1.00 11.84 ? 128  ARG A NE  1 
ATOM   1030 C  CZ  . ARG A 1 127 ? 2.600   -1.978  -11.480 1.00 11.46 ? 128  ARG A CZ  1 
ATOM   1031 N  NH1 . ARG A 1 127 ? 2.403   -2.555  -12.656 1.00 12.32 ? 128  ARG A NH1 1 
ATOM   1032 N  NH2 . ARG A 1 127 ? 3.247   -0.815  -11.428 1.00 11.10 ? 128  ARG A NH2 1 
ATOM   1033 N  N   . ASP A 1 128 ? -0.674  -8.076  -9.158  1.00 8.22  ? 129  ASP A N   1 
ATOM   1034 C  CA  . ASP A 1 128 ? -0.941  -9.515  -9.088  1.00 7.88  ? 129  ASP A CA  1 
ATOM   1035 C  C   . ASP A 1 128 ? -1.438  -10.190 -7.824  1.00 8.13  ? 129  ASP A C   1 
ATOM   1036 O  O   . ASP A 1 128 ? -0.835  -11.155 -7.333  1.00 8.47  ? 129  ASP A O   1 
ATOM   1037 C  CB  . ASP A 1 128 ? 0.300   -10.235 -9.608  1.00 9.18  ? 129  ASP A CB  1 
ATOM   1038 C  CG  . ASP A 1 128 ? 0.926   -9.505  -10.777 1.00 8.83  ? 129  ASP A CG  1 
ATOM   1039 O  OD1 . ASP A 1 128 ? 0.263   -9.364  -11.827 1.00 10.91 ? 129  ASP A OD1 1 
ATOM   1040 O  OD2 . ASP A 1 128 ? 2.071   -9.046  -10.649 1.00 12.11 ? 129  ASP A OD2 1 
ATOM   1041 N  N   . ILE A 1 129 ? -2.573  -9.723  -7.328  1.00 8.98  ? 130  ILE A N   1 
ATOM   1042 C  CA  . ILE A 1 129 ? -3.142  -10.286 -6.118  1.00 10.18 ? 130  ILE A CA  1 
ATOM   1043 C  C   . ILE A 1 129 ? -4.652  -10.394 -6.231  1.00 10.90 ? 130  ILE A C   1 
ATOM   1044 O  O   . ILE A 1 129 ? -5.268  -9.805  -7.115  1.00 10.26 ? 130  ILE A O   1 
ATOM   1045 C  CB  . ILE A 1 129 ? -2.832  -9.390  -4.874  1.00 10.38 ? 130  ILE A CB  1 
ATOM   1046 C  CG1 . ILE A 1 129 ? -3.360  -7.978  -5.117  1.00 12.22 ? 130  ILE A CG1 1 
ATOM   1047 C  CG2 . ILE A 1 129 ? -1.334  -9.305  -4.615  1.00 10.25 ? 130  ILE A CG2 1 
ATOM   1048 C  CD1 . ILE A 1 129 ? -4.141  -7.437  -3.981  1.00 16.50 ? 130  ILE A CD1 1 
ATOM   1049 N  N   . SER A 1 130 ? -5.230  -11.184 -5.334  1.00 13.36 ? 131  SER A N   1 
ATOM   1050 C  CA  . SER A 1 130 ? -6.673  -11.320 -5.219  1.00 15.46 ? 131  SER A CA  1 
ATOM   1051 C  C   . SER A 1 130 ? -6.888  -10.601 -3.885  1.00 15.09 ? 131  SER A C   1 
ATOM   1052 O  O   . SER A 1 130 ? -6.083  -10.734 -2.959  1.00 14.93 ? 131  SER A O   1 
ATOM   1053 C  CB  . SER A 1 130 ? -7.108  -12.788 -5.126  1.00 16.84 ? 131  SER A CB  1 
ATOM   1054 O  OG  . SER A 1 130 ? -6.248  -13.530 -4.287  1.00 23.19 ? 131  SER A OG  1 
ATOM   1055 N  N   . LEU A 1 131 ? -7.955  -9.819  -3.809  1.00 15.87 ? 132  LEU A N   1 
ATOM   1056 C  CA  . LEU A 1 131 ? -8.268  -9.032  -2.620  1.00 17.06 ? 132  LEU A CA  1 
ATOM   1057 C  C   . LEU A 1 131 ? -9.490  -9.605  -1.923  1.00 17.48 ? 132  LEU A C   1 
ATOM   1058 O  O   . LEU A 1 131 ? -10.558 -9.708  -2.520  1.00 15.92 ? 132  LEU A O   1 
ATOM   1059 C  CB  . LEU A 1 131 ? -8.541  -7.590  -3.047  1.00 16.92 ? 132  LEU A CB  1 
ATOM   1060 C  CG  . LEU A 1 131 ? -8.476  -6.437  -2.055  1.00 18.36 ? 132  LEU A CG  1 
ATOM   1061 C  CD1 . LEU A 1 131 ? -7.108  -6.376  -1.396  1.00 19.59 ? 132  LEU A CD1 1 
ATOM   1062 C  CD2 . LEU A 1 131 ? -8.766  -5.149  -2.811  1.00 18.82 ? 132  LEU A CD2 1 
ATOM   1063 N  N   . THR A 1 132 ? -9.336  -9.991  -0.665  1.00 18.11 ? 133  THR A N   1 
ATOM   1064 C  CA  . THR A 1 132 ? -10.462 -10.552 0.066   1.00 20.24 ? 133  THR A CA  1 
ATOM   1065 C  C   . THR A 1 132 ? -11.084 -9.516  0.980   1.00 19.53 ? 133  THR A C   1 
ATOM   1066 O  O   . THR A 1 132 ? -12.266 -9.593  1.276   1.00 19.96 ? 133  THR A O   1 
ATOM   1067 C  CB  . THR A 1 132 ? -10.041 -11.773 0.914   1.00 22.15 ? 133  THR A CB  1 
ATOM   1068 O  OG1 . THR A 1 132 ? -9.142  -11.353 1.944   1.00 25.57 ? 133  THR A OG1 1 
ATOM   1069 C  CG2 . THR A 1 132 ? -9.340  -12.802 0.051   1.00 24.56 ? 133  THR A CG2 1 
ATOM   1070 N  N   . LYS A 1 133 ? -10.291 -8.541  1.420   1.00 18.45 ? 134  LYS A N   1 
ATOM   1071 C  CA  . LYS A 1 133 ? -10.802 -7.512  2.313   1.00 18.46 ? 134  LYS A CA  1 
ATOM   1072 C  C   . LYS A 1 133 ? -10.050 -6.195  2.234   1.00 17.19 ? 134  LYS A C   1 
ATOM   1073 O  O   . LYS A 1 133 ? -8.830  -6.166  2.062   1.00 15.06 ? 134  LYS A O   1 
ATOM   1074 C  CB  . LYS A 1 133 ? -10.773 -8.022  3.758   1.00 23.74 ? 134  LYS A CB  1 
ATOM   1075 C  CG  . LYS A 1 133 ? -11.191 -6.992  4.799   1.00 30.07 ? 134  LYS A CG  1 
ATOM   1076 C  CD  . LYS A 1 133 ? -12.101 -7.609  5.867   1.00 37.28 ? 134  LYS A CD  1 
ATOM   1077 C  CE  . LYS A 1 133 ? -12.218 -6.703  7.104   1.00 41.78 ? 134  LYS A CE  1 
ATOM   1078 N  NZ  . LYS A 1 133 ? -11.459 -7.223  8.290   1.00 45.12 ? 134  LYS A NZ  1 
ATOM   1079 N  N   . PHE A 1 134 ? -10.800 -5.104  2.350   1.00 16.16 ? 135  PHE A N   1 
ATOM   1080 C  CA  . PHE A 1 134 ? -10.237 -3.757  2.339   1.00 15.79 ? 135  PHE A CA  1 
ATOM   1081 C  C   . PHE A 1 134 ? -11.029 -2.900  3.313   1.00 16.93 ? 135  PHE A C   1 
ATOM   1082 O  O   . PHE A 1 134 ? -12.241 -2.722  3.176   1.00 14.69 ? 135  PHE A O   1 
ATOM   1083 C  CB  . PHE A 1 134 ? -10.296 -3.115  0.949   1.00 14.17 ? 135  PHE A CB  1 
ATOM   1084 C  CG  . PHE A 1 134 ? -9.707  -1.729  0.912   1.00 13.33 ? 135  PHE A CG  1 
ATOM   1085 C  CD1 . PHE A 1 134 ? -10.492 -0.619  1.191   1.00 12.56 ? 135  PHE A CD1 1 
ATOM   1086 C  CD2 . PHE A 1 134 ? -8.345  -1.543  0.664   1.00 14.69 ? 135  PHE A CD2 1 
ATOM   1087 C  CE1 . PHE A 1 134 ? -9.937  0.666   1.229   1.00 12.41 ? 135  PHE A CE1 1 
ATOM   1088 C  CE2 . PHE A 1 134 ? -7.775  -0.264  0.699   1.00 14.02 ? 135  PHE A CE2 1 
ATOM   1089 C  CZ  . PHE A 1 134 ? -8.577  0.842   0.985   1.00 12.47 ? 135  PHE A CZ  1 
ATOM   1090 N  N   . ASN A 1 135 ? -10.335 -2.350  4.297   1.00 18.79 ? 136  ASN A N   1 
ATOM   1091 C  CA  . ASN A 1 135 ? -11.009 -1.542  5.283   1.00 21.77 ? 136  ASN A CA  1 
ATOM   1092 C  C   . ASN A 1 135 ? -10.185 -0.359  5.759   1.00 21.67 ? 136  ASN A C   1 
ATOM   1093 O  O   . ASN A 1 135 ? -8.984  -0.482  6.002   1.00 20.51 ? 136  ASN A O   1 
ATOM   1094 C  CB  . ASN A 1 135 ? -11.384 -2.422  6.473   1.00 25.77 ? 136  ASN A CB  1 
ATOM   1095 C  CG  . ASN A 1 135 ? -12.161 -1.669  7.523   1.00 30.39 ? 136  ASN A CG  1 
ATOM   1096 O  OD1 . ASN A 1 135 ? -11.750 -1.601  8.680   1.00 31.77 ? 136  ASN A OD1 1 
ATOM   1097 N  ND2 . ASN A 1 135 ? -13.296 -1.088  7.123   1.00 32.05 ? 136  ASN A ND2 1 
ATOM   1098 N  N   . VAL A 1 136 ? -10.838 0.792   5.867   1.00 23.07 ? 137  VAL A N   1 
ATOM   1099 C  CA  . VAL A 1 136 ? -10.200 2.011   6.359   1.00 25.87 ? 137  VAL A CA  1 
ATOM   1100 C  C   . VAL A 1 136 ? -10.901 2.347   7.671   1.00 28.15 ? 137  VAL A C   1 
ATOM   1101 O  O   . VAL A 1 136 ? -12.124 2.459   7.716   1.00 26.96 ? 137  VAL A O   1 
ATOM   1102 C  CB  . VAL A 1 136 ? -10.373 3.196   5.380   1.00 24.49 ? 137  VAL A CB  1 
ATOM   1103 C  CG1 . VAL A 1 136 ? -9.763  4.457   5.972   1.00 23.94 ? 137  VAL A CG1 1 
ATOM   1104 C  CG2 . VAL A 1 136 ? -9.707  2.872   4.056   1.00 25.05 ? 137  VAL A CG2 1 
ATOM   1105 N  N   . SER A 1 137 ? -10.135 2.471   8.745   1.00 32.64 ? 138  SER A N   1 
ATOM   1106 C  CA  . SER A 1 137 ? -10.725 2.801   10.031  1.00 39.64 ? 138  SER A CA  1 
ATOM   1107 C  C   . SER A 1 137 ? -11.182 4.260   9.990   1.00 44.85 ? 138  SER A C   1 
ATOM   1108 O  O   . SER A 1 137 ? -10.412 5.156   9.630   1.00 45.81 ? 138  SER A O   1 
ATOM   1109 C  CB  . SER A 1 137 ? -9.707  2.601   11.152  1.00 38.15 ? 138  SER A CB  1 
ATOM   1110 O  OG  . SER A 1 137 ? -8.696  3.585   11.079  1.00 37.48 ? 138  SER A OG  1 
ATOM   1111 N  N   . TYR A 1 138 ? -12.444 4.485   10.350  1.00 50.15 ? 139  TYR A N   1 
ATOM   1112 C  CA  . TYR A 1 138 ? -13.028 5.826   10.356  1.00 54.85 ? 139  TYR A CA  1 
ATOM   1113 C  C   . TYR A 1 138 ? -13.556 6.189   11.742  1.00 58.20 ? 139  TYR A C   1 
ATOM   1114 O  O   . TYR A 1 138 ? -14.615 6.812   11.871  1.00 58.89 ? 139  TYR A O   1 
ATOM   1115 C  CB  . TYR A 1 138 ? -14.173 5.904   9.340   1.00 54.30 ? 139  TYR A CB  1 
ATOM   1116 C  CG  . TYR A 1 138 ? -13.711 6.027   7.910   1.00 54.05 ? 139  TYR A CG  1 
ATOM   1117 C  CD1 . TYR A 1 138 ? -13.084 7.188   7.462   1.00 54.48 ? 139  TYR A CD1 1 
ATOM   1118 C  CD2 . TYR A 1 138 ? -13.893 4.981   7.006   1.00 53.26 ? 139  TYR A CD2 1 
ATOM   1119 C  CE1 . TYR A 1 138 ? -12.645 7.307   6.150   1.00 54.70 ? 139  TYR A CE1 1 
ATOM   1120 C  CE2 . TYR A 1 138 ? -13.458 5.091   5.690   1.00 53.75 ? 139  TYR A CE2 1 
ATOM   1121 C  CZ  . TYR A 1 138 ? -12.835 6.256   5.270   1.00 54.02 ? 139  TYR A CZ  1 
ATOM   1122 O  OH  . TYR A 1 138 ? -12.398 6.378   3.974   1.00 54.15 ? 139  TYR A OH  1 
ATOM   1123 N  N   . LEU A 1 139 ? -12.812 5.797   12.774  1.00 61.20 ? 140  LEU A N   1 
ATOM   1124 C  CA  . LEU A 1 139 ? -13.204 6.076   14.151  1.00 64.03 ? 140  LEU A CA  1 
ATOM   1125 C  C   . LEU A 1 139 ? -12.577 7.371   14.679  1.00 65.36 ? 140  LEU A C   1 
ATOM   1126 O  O   . LEU A 1 139 ? -11.415 7.663   14.312  1.00 67.26 ? 140  LEU A O   1 
ATOM   1127 C  CB  . LEU A 1 139 ? -12.814 4.899   15.052  1.00 64.64 ? 140  LEU A CB  1 
ATOM   1128 C  CG  . LEU A 1 139 ? -13.981 4.110   15.659  1.00 65.79 ? 140  LEU A CG  1 
ATOM   1129 C  CD1 . LEU A 1 139 ? -14.338 2.930   14.759  1.00 65.70 ? 140  LEU A CD1 1 
ATOM   1130 C  CD2 . LEU A 1 139 ? -13.606 3.638   17.060  1.00 66.12 ? 140  LEU A CD2 1 
HETATM 1131 C  C1  . PMB B 2 .   ? 3.907   -23.306 -1.928  0.65 61.49 ? 929  PMB A C1  1 
HETATM 1132 C  C2  . PMB B 2 .   ? 2.974   -22.856 -2.903  0.65 60.66 ? 929  PMB A C2  1 
HETATM 1133 C  C3  . PMB B 2 .   ? 3.422   -22.238 -4.091  0.65 59.40 ? 929  PMB A C3  1 
HETATM 1134 C  C4  . PMB B 2 .   ? 4.809   -22.091 -4.269  0.65 59.91 ? 929  PMB A C4  1 
HETATM 1135 C  C5  . PMB B 2 .   ? 5.759   -22.520 -3.327  0.65 60.27 ? 929  PMB A C5  1 
HETATM 1136 C  C6  . PMB B 2 .   ? 5.296   -23.131 -2.151  0.65 61.05 ? 929  PMB A C6  1 
HETATM 1137 S  S1  . PMB B 2 .   ? 3.349   -24.101 -0.423  0.65 63.39 ? 929  PMB A S1  1 
HETATM 1138 O  O1  . PMB B 2 .   ? 4.202   -25.279 -0.254  0.65 63.03 ? 929  PMB A O1  1 
HETATM 1139 O  O2  . PMB B 2 .   ? 1.943   -24.464 -0.634  0.65 62.39 ? 929  PMB A O2  1 
HETATM 1140 O  O3  . PMB B 2 .   ? 3.532   -23.114 0.645   0.65 62.59 ? 929  PMB A O3  1 
HETATM 1141 HG HG  . PMB B 2 .   ? 5.428   -21.296 -5.833  1.00 56.94 ? 929  PMB A HG  1 
HETATM 1142 C  C1  . PMB C 2 .   ? 14.677  -5.392  -11.554 0.65 44.22 ? 957  PMB A C1  1 
HETATM 1143 C  C2  . PMB C 2 .   ? 13.807  -4.588  -10.778 0.65 43.49 ? 957  PMB A C2  1 
HETATM 1144 C  C3  . PMB C 2 .   ? 12.829  -5.177  -9.949  0.65 41.94 ? 957  PMB A C3  1 
HETATM 1145 C  C4  . PMB C 2 .   ? 12.744  -6.576  -9.916  0.65 41.62 ? 957  PMB A C4  1 
HETATM 1146 C  C5  . PMB C 2 .   ? 13.585  -7.413  -10.669 0.65 41.26 ? 957  PMB A C5  1 
HETATM 1147 C  C6  . PMB C 2 .   ? 14.558  -6.806  -11.495 0.65 43.77 ? 957  PMB A C6  1 
HETATM 1148 S  S1  . PMB C 2 .   ? 15.923  -4.632  -12.605 0.65 46.23 ? 957  PMB A S1  1 
HETATM 1149 O  O1  . PMB C 2 .   ? 17.211  -5.147  -12.135 0.65 45.96 ? 957  PMB A O1  1 
HETATM 1150 O  O2  . PMB C 2 .   ? 15.797  -3.181  -12.410 0.65 44.33 ? 957  PMB A O2  1 
HETATM 1151 O  O3  . PMB C 2 .   ? 15.615  -5.049  -13.976 0.65 44.63 ? 957  PMB A O3  1 
HETATM 1152 HG HG  . PMB C 2 .   ? 11.451  -7.357  -8.814  1.00 33.66 ? 957  PMB A HG  1 
HETATM 1153 O  O   . HOH D 3 .   ? -11.442 -3.040  -11.421 1.00 47.63 ? 2001 HOH A O   1 
HETATM 1154 O  O   . HOH D 3 .   ? -15.167 1.440   -3.748  1.00 45.96 ? 2002 HOH A O   1 
HETATM 1155 O  O   . HOH D 3 .   ? -12.679 -0.696  -6.814  1.00 31.95 ? 2003 HOH A O   1 
HETATM 1156 O  O   . HOH D 3 .   ? -14.497 4.346   -7.763  1.00 70.73 ? 2004 HOH A O   1 
HETATM 1157 O  O   . HOH D 3 .   ? -15.222 4.786   -2.889  1.00 23.65 ? 2005 HOH A O   1 
HETATM 1158 O  O   . HOH D 3 .   ? -10.688 10.031  8.982   1.00 49.37 ? 2006 HOH A O   1 
HETATM 1159 O  O   . HOH D 3 .   ? -7.140  12.027  3.847   1.00 17.88 ? 2007 HOH A O   1 
HETATM 1160 O  O   . HOH D 3 .   ? -8.816  13.758  5.913   1.00 31.95 ? 2008 HOH A O   1 
HETATM 1161 O  O   . HOH D 3 .   ? -0.634  14.760  14.590  1.00 62.45 ? 2009 HOH A O   1 
HETATM 1162 O  O   . HOH D 3 .   ? -9.689  7.375   8.353   1.00 28.10 ? 2010 HOH A O   1 
HETATM 1163 O  O   . HOH D 3 .   ? -8.400  -0.739  9.094   1.00 26.19 ? 2011 HOH A O   1 
HETATM 1164 O  O   . HOH D 3 .   ? -5.781  15.470  -9.879  1.00 52.91 ? 2012 HOH A O   1 
HETATM 1165 O  O   . HOH D 3 .   ? -4.236  -17.383 -10.175 1.00 80.60 ? 2013 HOH A O   1 
HETATM 1166 O  O   . HOH D 3 .   ? 11.164  -13.316 -6.613  1.00 43.37 ? 2014 HOH A O   1 
HETATM 1167 O  O   . HOH D 3 .   ? 13.832  14.079  -3.872  1.00 59.43 ? 2015 HOH A O   1 
HETATM 1168 O  O   . HOH D 3 .   ? 17.513  3.474   -1.215  1.00 64.20 ? 2016 HOH A O   1 
HETATM 1169 O  O   . HOH D 3 .   ? 8.476   -12.787 -13.974 1.00 15.71 ? 2017 HOH A O   1 
HETATM 1170 O  O   . HOH D 3 .   ? 14.304  -11.076 -13.195 1.00 48.82 ? 2018 HOH A O   1 
HETATM 1171 O  O   . HOH D 3 .   ? 11.194  -10.912 -13.788 1.00 36.15 ? 2019 HOH A O   1 
HETATM 1172 O  O   . HOH D 3 .   ? -3.504  16.801  -6.361  1.00 31.21 ? 2020 HOH A O   1 
HETATM 1173 O  O   . HOH D 3 .   ? -11.050 13.764  -6.678  1.00 28.08 ? 2021 HOH A O   1 
HETATM 1174 O  O   . HOH D 3 .   ? 10.974  12.030  3.632   1.00 46.25 ? 2022 HOH A O   1 
HETATM 1175 O  O   . HOH D 3 .   ? -10.951 6.504   -10.682 1.00 44.67 ? 2023 HOH A O   1 
HETATM 1176 O  O   . HOH D 3 .   ? -9.810  15.816  -10.228 1.00 45.88 ? 2024 HOH A O   1 
HETATM 1177 O  O   . HOH D 3 .   ? -0.663  14.195  -13.709 1.00 49.68 ? 2025 HOH A O   1 
HETATM 1178 O  O   . HOH D 3 .   ? 0.775   12.622  -10.576 1.00 12.07 ? 2026 HOH A O   1 
HETATM 1179 O  O   . HOH D 3 .   ? -2.793  15.459  -8.581  1.00 22.65 ? 2027 HOH A O   1 
HETATM 1180 O  O   . HOH D 3 .   ? -0.139  16.855  -10.398 1.00 59.28 ? 2028 HOH A O   1 
HETATM 1181 O  O   . HOH D 3 .   ? -0.880  17.905  -7.692  1.00 35.45 ? 2029 HOH A O   1 
HETATM 1182 O  O   . HOH D 3 .   ? 7.858   2.217   -7.964  1.00 20.49 ? 2030 HOH A O   1 
HETATM 1183 O  O   . HOH D 3 .   ? 9.043   -3.547  -6.182  1.00 22.30 ? 2031 HOH A O   1 
HETATM 1184 O  O   . HOH D 3 .   ? 14.519  -9.727  -0.289  1.00 44.39 ? 2032 HOH A O   1 
HETATM 1185 O  O   . HOH D 3 .   ? 4.980   18.555  -2.580  1.00 45.52 ? 2033 HOH A O   1 
HETATM 1186 O  O   . HOH D 3 .   ? 9.356   14.786  -1.545  1.00 30.25 ? 2034 HOH A O   1 
HETATM 1187 O  O   . HOH D 3 .   ? 7.425   18.142  -7.993  1.00 33.74 ? 2035 HOH A O   1 
HETATM 1188 O  O   . HOH D 3 .   ? 8.829   11.451  -12.744 1.00 30.17 ? 2036 HOH A O   1 
HETATM 1189 O  O   . HOH D 3 .   ? 12.025  12.578  -1.978  1.00 36.24 ? 2037 HOH A O   1 
HETATM 1190 O  O   . HOH D 3 .   ? 14.011  11.736  -0.025  1.00 73.58 ? 2038 HOH A O   1 
HETATM 1191 O  O   . HOH D 3 .   ? 9.575   4.790   -7.493  1.00 45.94 ? 2039 HOH A O   1 
HETATM 1192 O  O   . HOH D 3 .   ? 16.561  3.340   -4.506  1.00 58.06 ? 2040 HOH A O   1 
HETATM 1193 O  O   . HOH D 3 .   ? 15.257  8.125   -5.867  1.00 53.56 ? 2041 HOH A O   1 
HETATM 1194 O  O   . HOH D 3 .   ? 11.058  -9.663  8.295   1.00 62.89 ? 2042 HOH A O   1 
HETATM 1195 O  O   . HOH D 3 .   ? 13.389  -10.799 5.252   1.00 54.40 ? 2043 HOH A O   1 
HETATM 1196 O  O   . HOH D 3 .   ? 4.715   -13.353 7.601   1.00 36.78 ? 2044 HOH A O   1 
HETATM 1197 O  O   . HOH D 3 .   ? 2.534   -13.879 3.698   1.00 28.57 ? 2045 HOH A O   1 
HETATM 1198 O  O   . HOH D 3 .   ? 7.874   -18.618 1.624   1.00 69.40 ? 2046 HOH A O   1 
HETATM 1199 O  O   . HOH D 3 .   ? 2.740   -17.040 -4.140  1.00 30.13 ? 2047 HOH A O   1 
HETATM 1200 O  O   . HOH D 3 .   ? 1.782   -13.676 1.012   1.00 25.99 ? 2048 HOH A O   1 
HETATM 1201 O  O   . HOH D 3 .   ? 0.351   -0.784  10.490  1.00 57.52 ? 2049 HOH A O   1 
HETATM 1202 O  O   . HOH D 3 .   ? -1.797  -1.431  13.385  1.00 73.55 ? 2050 HOH A O   1 
HETATM 1203 O  O   . HOH D 3 .   ? 4.769   7.991   15.857  1.00 26.30 ? 2051 HOH A O   1 
HETATM 1204 O  O   . HOH D 3 .   ? 9.932   10.438  14.092  1.00 22.55 ? 2052 HOH A O   1 
HETATM 1205 O  O   . HOH D 3 .   ? -0.886  -6.710  9.847   1.00 26.42 ? 2053 HOH A O   1 
HETATM 1206 O  O   . HOH D 3 .   ? 6.590   -6.310  15.018  1.00 25.98 ? 2054 HOH A O   1 
HETATM 1207 O  O   . HOH D 3 .   ? 11.730  4.934   5.177   1.00 53.71 ? 2055 HOH A O   1 
HETATM 1208 O  O   . HOH D 3 .   ? 11.186  0.883   5.941   1.00 29.18 ? 2056 HOH A O   1 
HETATM 1209 O  O   . HOH D 3 .   ? 9.435   10.002  3.431   1.00 14.71 ? 2057 HOH A O   1 
HETATM 1210 O  O   . HOH D 3 .   ? 10.897  7.541   5.066   1.00 30.47 ? 2058 HOH A O   1 
HETATM 1211 O  O   . HOH D 3 .   ? 9.921   6.228   8.796   1.00 58.07 ? 2059 HOH A O   1 
HETATM 1212 O  O   . HOH D 3 .   ? 3.707   11.219  2.202   1.00 15.30 ? 2060 HOH A O   1 
HETATM 1213 O  O   . HOH D 3 .   ? 6.992   17.085  0.216   1.00 59.81 ? 2061 HOH A O   1 
HETATM 1214 O  O   . HOH D 3 .   ? 13.041  9.566   1.873   1.00 54.14 ? 2062 HOH A O   1 
HETATM 1215 O  O   . HOH D 3 .   ? 1.598   11.140  3.984   1.00 15.38 ? 2063 HOH A O   1 
HETATM 1216 O  O   . HOH D 3 .   ? 1.684   18.768  3.047   1.00 24.62 ? 2064 HOH A O   1 
HETATM 1217 O  O   . HOH D 3 .   ? -6.011  16.308  -1.967  1.00 28.85 ? 2065 HOH A O   1 
HETATM 1218 O  O   . HOH D 3 .   ? -10.125 13.126  2.500   1.00 58.44 ? 2066 HOH A O   1 
HETATM 1219 O  O   . HOH D 3 .   ? -12.632 11.215  -1.974  1.00 26.66 ? 2067 HOH A O   1 
HETATM 1220 O  O   . HOH D 3 .   ? -2.389  4.000   -8.488  1.00 12.28 ? 2068 HOH A O   1 
HETATM 1221 O  O   . HOH D 3 .   ? -4.745  -7.289  -11.328 1.00 41.83 ? 2069 HOH A O   1 
HETATM 1222 O  O   . HOH D 3 .   ? -1.645  -11.129 -13.100 1.00 12.28 ? 2070 HOH A O   1 
HETATM 1223 O  O   . HOH D 3 .   ? -2.003  -7.740  -12.435 0.50 2.14  ? 2071 HOH A O   1 
HETATM 1224 O  O   . HOH D 3 .   ? 1.980   -6.445  -12.370 0.50 2.16  ? 2072 HOH A O   1 
HETATM 1225 O  O   . HOH D 3 .   ? -7.806  -10.340 -9.454  1.00 55.71 ? 2073 HOH A O   1 
HETATM 1226 O  O   . HOH D 3 .   ? -7.765  -14.596 -1.895  1.00 68.02 ? 2074 HOH A O   1 
HETATM 1227 O  O   . HOH D 3 .   ? -9.763  -10.172 -5.965  1.00 20.60 ? 2075 HOH A O   1 
HETATM 1228 O  O   . HOH D 3 .   ? -14.724 -8.552  2.194   1.00 48.42 ? 2076 HOH A O   1 
HETATM 1229 O  O   . HOH D 3 .   ? -14.176 -3.172  5.464   1.00 35.93 ? 2077 HOH A O   1 
HETATM 1230 O  O   . HOH D 3 .   ? -13.441 0.811   4.449   1.00 28.68 ? 2078 HOH A O   1 
HETATM 1231 O  O   . HOH D 3 .   ? -12.761 4.430   2.491   1.00 26.28 ? 2079 HOH A O   1 
HETATM 1232 O  O   . HOH D 3 .   ? -10.055 4.636   13.783  1.00 44.96 ? 2080 HOH A O   1 
# 
